data_1WZW
# 
_entry.id   1WZW 
# 
_audit_conform.dict_name       mmcif_pdbx.dic 
_audit_conform.dict_version    5.388 
_audit_conform.dict_location   http://mmcif.pdb.org/dictionaries/ascii/mmcif_pdbx.dic 
# 
loop_
_database_2.database_id 
_database_2.database_code 
_database_2.pdbx_database_accession 
_database_2.pdbx_DOI 
PDB   1WZW         pdb_00001wzw 10.2210/pdb1wzw/pdb 
RCSB  RCSB024203   ?            ?                   
WWPDB D_1000024203 ?            ?                   
# 
loop_
_pdbx_audit_revision_history.ordinal 
_pdbx_audit_revision_history.data_content_type 
_pdbx_audit_revision_history.major_revision 
_pdbx_audit_revision_history.minor_revision 
_pdbx_audit_revision_history.revision_date 
1 'Structure model' 1 0 2005-03-22 
2 'Structure model' 1 1 2008-04-30 
3 'Structure model' 1 2 2011-07-13 
4 'Structure model' 1 3 2024-03-13 
# 
_pdbx_audit_revision_details.ordinal             1 
_pdbx_audit_revision_details.revision_ordinal    1 
_pdbx_audit_revision_details.data_content_type   'Structure model' 
_pdbx_audit_revision_details.provider            repository 
_pdbx_audit_revision_details.type                'Initial release' 
_pdbx_audit_revision_details.description         ? 
_pdbx_audit_revision_details.details             ? 
# 
loop_
_pdbx_audit_revision_group.ordinal 
_pdbx_audit_revision_group.revision_ordinal 
_pdbx_audit_revision_group.data_content_type 
_pdbx_audit_revision_group.group 
1 2 'Structure model' 'Version format compliance' 
2 3 'Structure model' 'Version format compliance' 
3 4 'Structure model' 'Data collection'           
4 4 'Structure model' 'Database references'       
# 
loop_
_pdbx_audit_revision_category.ordinal 
_pdbx_audit_revision_category.revision_ordinal 
_pdbx_audit_revision_category.data_content_type 
_pdbx_audit_revision_category.category 
1 4 'Structure model' chem_comp_atom     
2 4 'Structure model' chem_comp_bond     
3 4 'Structure model' database_2         
4 4 'Structure model' struct_ref_seq_dif 
# 
loop_
_pdbx_audit_revision_item.ordinal 
_pdbx_audit_revision_item.revision_ordinal 
_pdbx_audit_revision_item.data_content_type 
_pdbx_audit_revision_item.item 
1 4 'Structure model' '_database_2.pdbx_DOI'                
2 4 'Structure model' '_database_2.pdbx_database_accession' 
3 4 'Structure model' '_struct_ref_seq_dif.details'         
# 
_pdbx_database_status.status_code                     REL 
_pdbx_database_status.entry_id                        1WZW 
_pdbx_database_status.recvd_initial_deposition_date   2005-03-10 
_pdbx_database_status.deposit_site                    PDBJ 
_pdbx_database_status.process_site                    PDBJ 
_pdbx_database_status.status_code_sf                  REL 
_pdbx_database_status.status_code_mr                  ? 
_pdbx_database_status.SG_entry                        ? 
_pdbx_database_status.pdb_format_compatible           Y 
_pdbx_database_status.status_code_cs                  ? 
_pdbx_database_status.status_code_nmr_data            ? 
_pdbx_database_status.methods_development_category    ? 
# 
_pdbx_database_related.db_name        PDB 
_pdbx_database_related.db_id          1WZV 
_pdbx_database_related.details        'the same protein in a different space group' 
_pdbx_database_related.content_type   unspecified 
# 
loop_
_audit_author.name 
_audit_author.pdbx_ordinal 
'Mizushima, T.' 1 
'Suzuki, M.'    2 
'Teshima, N.'   3 
'Yamane, T.'    4 
'Murata, S.'    5 
'Tanaka, K.'    6 
# 
_citation.id                        primary 
_citation.title                     'Crystal Structure of UbcH8' 
_citation.journal_abbrev            'To be Published' 
_citation.journal_volume            ? 
_citation.page_first                ? 
_citation.page_last                 ? 
_citation.year                      ? 
_citation.journal_id_ASTM           ? 
_citation.country                   ? 
_citation.journal_id_ISSN           ? 
_citation.journal_id_CSD            0353 
_citation.book_publisher            ? 
_citation.pdbx_database_id_PubMed   ? 
_citation.pdbx_database_id_DOI      ? 
# 
loop_
_citation_author.citation_id 
_citation_author.name 
_citation_author.ordinal 
_citation_author.identifier_ORCID 
primary 'Mizushima, T.' 1 ? 
primary 'Suzuki, M.'    2 ? 
primary 'Teshima, N.'   3 ? 
primary 'Yamane, T.'    4 ? 
primary 'Murata, S.'    5 ? 
primary 'Tanaka, K.'    6 ? 
# 
loop_
_entity.id 
_entity.type 
_entity.src_method 
_entity.pdbx_description 
_entity.formula_weight 
_entity.pdbx_number_of_molecules 
_entity.pdbx_ec 
_entity.pdbx_mutation 
_entity.pdbx_fragment 
_entity.details 
1 polymer man 'Ubiquitin-conjugating enzyme E2 L6' 17941.764 1  6.3.2.19 ? ? ? 
2 water   nat water                                18.015    32 ?        ? ? ? 
# 
_entity_name_com.entity_id   1 
_entity_name_com.name        
;Ubiquitin-Conjugating Enzyme UbcH8, Ubiquitin-protein ligase L6, Ubiquitin carrier protein L6, UbcH8, Retinoic acid induced gene B protein, RIG-B
;
# 
_entity_poly.entity_id                      1 
_entity_poly.type                           'polypeptide(L)' 
_entity_poly.nstd_linkage                   no 
_entity_poly.nstd_monomer                   no 
_entity_poly.pdbx_seq_one_letter_code       
;GSHMASMRVVKELEDLQKKPPPYLRNLSSDDANVLVWHALLLPDQPPYHLKAFNLRISFPPEYPFKPPMIKFTTKIYHPN
VDENGQICLPIISSENWKPCTKTCQVLEALNVLVNRPNIREPLRMDLADLLTQNPELFRKNAEEFTLRFGVDRPS
;
_entity_poly.pdbx_seq_one_letter_code_can   
;GSHMASMRVVKELEDLQKKPPPYLRNLSSDDANVLVWHALLLPDQPPYHLKAFNLRISFPPEYPFKPPMIKFTTKIYHPN
VDENGQICLPIISSENWKPCTKTCQVLEALNVLVNRPNIREPLRMDLADLLTQNPELFRKNAEEFTLRFGVDRPS
;
_entity_poly.pdbx_strand_id                 A 
_entity_poly.pdbx_target_identifier         ? 
# 
_pdbx_entity_nonpoly.entity_id   2 
_pdbx_entity_nonpoly.name        water 
_pdbx_entity_nonpoly.comp_id     HOH 
# 
loop_
_entity_poly_seq.entity_id 
_entity_poly_seq.num 
_entity_poly_seq.mon_id 
_entity_poly_seq.hetero 
1 1   GLY n 
1 2   SER n 
1 3   HIS n 
1 4   MET n 
1 5   ALA n 
1 6   SER n 
1 7   MET n 
1 8   ARG n 
1 9   VAL n 
1 10  VAL n 
1 11  LYS n 
1 12  GLU n 
1 13  LEU n 
1 14  GLU n 
1 15  ASP n 
1 16  LEU n 
1 17  GLN n 
1 18  LYS n 
1 19  LYS n 
1 20  PRO n 
1 21  PRO n 
1 22  PRO n 
1 23  TYR n 
1 24  LEU n 
1 25  ARG n 
1 26  ASN n 
1 27  LEU n 
1 28  SER n 
1 29  SER n 
1 30  ASP n 
1 31  ASP n 
1 32  ALA n 
1 33  ASN n 
1 34  VAL n 
1 35  LEU n 
1 36  VAL n 
1 37  TRP n 
1 38  HIS n 
1 39  ALA n 
1 40  LEU n 
1 41  LEU n 
1 42  LEU n 
1 43  PRO n 
1 44  ASP n 
1 45  GLN n 
1 46  PRO n 
1 47  PRO n 
1 48  TYR n 
1 49  HIS n 
1 50  LEU n 
1 51  LYS n 
1 52  ALA n 
1 53  PHE n 
1 54  ASN n 
1 55  LEU n 
1 56  ARG n 
1 57  ILE n 
1 58  SER n 
1 59  PHE n 
1 60  PRO n 
1 61  PRO n 
1 62  GLU n 
1 63  TYR n 
1 64  PRO n 
1 65  PHE n 
1 66  LYS n 
1 67  PRO n 
1 68  PRO n 
1 69  MET n 
1 70  ILE n 
1 71  LYS n 
1 72  PHE n 
1 73  THR n 
1 74  THR n 
1 75  LYS n 
1 76  ILE n 
1 77  TYR n 
1 78  HIS n 
1 79  PRO n 
1 80  ASN n 
1 81  VAL n 
1 82  ASP n 
1 83  GLU n 
1 84  ASN n 
1 85  GLY n 
1 86  GLN n 
1 87  ILE n 
1 88  CYS n 
1 89  LEU n 
1 90  PRO n 
1 91  ILE n 
1 92  ILE n 
1 93  SER n 
1 94  SER n 
1 95  GLU n 
1 96  ASN n 
1 97  TRP n 
1 98  LYS n 
1 99  PRO n 
1 100 CYS n 
1 101 THR n 
1 102 LYS n 
1 103 THR n 
1 104 CYS n 
1 105 GLN n 
1 106 VAL n 
1 107 LEU n 
1 108 GLU n 
1 109 ALA n 
1 110 LEU n 
1 111 ASN n 
1 112 VAL n 
1 113 LEU n 
1 114 VAL n 
1 115 ASN n 
1 116 ARG n 
1 117 PRO n 
1 118 ASN n 
1 119 ILE n 
1 120 ARG n 
1 121 GLU n 
1 122 PRO n 
1 123 LEU n 
1 124 ARG n 
1 125 MET n 
1 126 ASP n 
1 127 LEU n 
1 128 ALA n 
1 129 ASP n 
1 130 LEU n 
1 131 LEU n 
1 132 THR n 
1 133 GLN n 
1 134 ASN n 
1 135 PRO n 
1 136 GLU n 
1 137 LEU n 
1 138 PHE n 
1 139 ARG n 
1 140 LYS n 
1 141 ASN n 
1 142 ALA n 
1 143 GLU n 
1 144 GLU n 
1 145 PHE n 
1 146 THR n 
1 147 LEU n 
1 148 ARG n 
1 149 PHE n 
1 150 GLY n 
1 151 VAL n 
1 152 ASP n 
1 153 ARG n 
1 154 PRO n 
1 155 SER n 
# 
_entity_src_gen.entity_id                          1 
_entity_src_gen.pdbx_src_id                        1 
_entity_src_gen.pdbx_alt_source_flag               sample 
_entity_src_gen.pdbx_seq_type                      ? 
_entity_src_gen.pdbx_beg_seq_num                   ? 
_entity_src_gen.pdbx_end_seq_num                   ? 
_entity_src_gen.gene_src_common_name               human 
_entity_src_gen.gene_src_genus                     Homo 
_entity_src_gen.pdbx_gene_src_gene                 ? 
_entity_src_gen.gene_src_species                   ? 
_entity_src_gen.gene_src_strain                    ? 
_entity_src_gen.gene_src_tissue                    ? 
_entity_src_gen.gene_src_tissue_fraction           ? 
_entity_src_gen.gene_src_details                   ? 
_entity_src_gen.pdbx_gene_src_fragment             ? 
_entity_src_gen.pdbx_gene_src_scientific_name      'Homo sapiens' 
_entity_src_gen.pdbx_gene_src_ncbi_taxonomy_id     9606 
_entity_src_gen.pdbx_gene_src_variant              ? 
_entity_src_gen.pdbx_gene_src_cell_line            ? 
_entity_src_gen.pdbx_gene_src_atcc                 ? 
_entity_src_gen.pdbx_gene_src_organ                ? 
_entity_src_gen.pdbx_gene_src_organelle            ? 
_entity_src_gen.pdbx_gene_src_cell                 ? 
_entity_src_gen.pdbx_gene_src_cellular_location    ? 
_entity_src_gen.host_org_common_name               ? 
_entity_src_gen.pdbx_host_org_scientific_name      'Escherichia coli' 
_entity_src_gen.pdbx_host_org_ncbi_taxonomy_id     562 
_entity_src_gen.host_org_genus                     Escherichia 
_entity_src_gen.pdbx_host_org_gene                 ? 
_entity_src_gen.pdbx_host_org_organ                ? 
_entity_src_gen.host_org_species                   ? 
_entity_src_gen.pdbx_host_org_tissue               ? 
_entity_src_gen.pdbx_host_org_tissue_fraction      ? 
_entity_src_gen.pdbx_host_org_strain               'BL21(RIPL)' 
_entity_src_gen.pdbx_host_org_variant              ? 
_entity_src_gen.pdbx_host_org_cell_line            ? 
_entity_src_gen.pdbx_host_org_atcc                 ? 
_entity_src_gen.pdbx_host_org_culture_collection   ? 
_entity_src_gen.pdbx_host_org_cell                 ? 
_entity_src_gen.pdbx_host_org_organelle            ? 
_entity_src_gen.pdbx_host_org_cellular_location    ? 
_entity_src_gen.pdbx_host_org_vector_type          PLASMID 
_entity_src_gen.pdbx_host_org_vector               ? 
_entity_src_gen.host_org_details                   ? 
_entity_src_gen.expression_system_id               ? 
_entity_src_gen.plasmid_name                       pET28 
_entity_src_gen.plasmid_details                    ? 
_entity_src_gen.pdbx_description                   ? 
# 
loop_
_chem_comp.id 
_chem_comp.type 
_chem_comp.mon_nstd_flag 
_chem_comp.name 
_chem_comp.pdbx_synonyms 
_chem_comp.formula 
_chem_comp.formula_weight 
ALA 'L-peptide linking' y ALANINE         ? 'C3 H7 N O2'     89.093  
ARG 'L-peptide linking' y ARGININE        ? 'C6 H15 N4 O2 1' 175.209 
ASN 'L-peptide linking' y ASPARAGINE      ? 'C4 H8 N2 O3'    132.118 
ASP 'L-peptide linking' y 'ASPARTIC ACID' ? 'C4 H7 N O4'     133.103 
CYS 'L-peptide linking' y CYSTEINE        ? 'C3 H7 N O2 S'   121.158 
GLN 'L-peptide linking' y GLUTAMINE       ? 'C5 H10 N2 O3'   146.144 
GLU 'L-peptide linking' y 'GLUTAMIC ACID' ? 'C5 H9 N O4'     147.129 
GLY 'peptide linking'   y GLYCINE         ? 'C2 H5 N O2'     75.067  
HIS 'L-peptide linking' y HISTIDINE       ? 'C6 H10 N3 O2 1' 156.162 
HOH non-polymer         . WATER           ? 'H2 O'           18.015  
ILE 'L-peptide linking' y ISOLEUCINE      ? 'C6 H13 N O2'    131.173 
LEU 'L-peptide linking' y LEUCINE         ? 'C6 H13 N O2'    131.173 
LYS 'L-peptide linking' y LYSINE          ? 'C6 H15 N2 O2 1' 147.195 
MET 'L-peptide linking' y METHIONINE      ? 'C5 H11 N O2 S'  149.211 
PHE 'L-peptide linking' y PHENYLALANINE   ? 'C9 H11 N O2'    165.189 
PRO 'L-peptide linking' y PROLINE         ? 'C5 H9 N O2'     115.130 
SER 'L-peptide linking' y SERINE          ? 'C3 H7 N O3'     105.093 
THR 'L-peptide linking' y THREONINE       ? 'C4 H9 N O3'     119.119 
TRP 'L-peptide linking' y TRYPTOPHAN      ? 'C11 H12 N2 O2'  204.225 
TYR 'L-peptide linking' y TYROSINE        ? 'C9 H11 N O3'    181.189 
VAL 'L-peptide linking' y VALINE          ? 'C5 H11 N O2'    117.146 
# 
loop_
_pdbx_poly_seq_scheme.asym_id 
_pdbx_poly_seq_scheme.entity_id 
_pdbx_poly_seq_scheme.seq_id 
_pdbx_poly_seq_scheme.mon_id 
_pdbx_poly_seq_scheme.ndb_seq_num 
_pdbx_poly_seq_scheme.pdb_seq_num 
_pdbx_poly_seq_scheme.auth_seq_num 
_pdbx_poly_seq_scheme.pdb_mon_id 
_pdbx_poly_seq_scheme.auth_mon_id 
_pdbx_poly_seq_scheme.pdb_strand_id 
_pdbx_poly_seq_scheme.pdb_ins_code 
_pdbx_poly_seq_scheme.hetero 
A 1 1   GLY 1   -2  ?   ?   ?   A . n 
A 1 2   SER 2   -1  ?   ?   ?   A . n 
A 1 3   HIS 3   0   ?   ?   ?   A . n 
A 1 4   MET 4   1   ?   ?   ?   A . n 
A 1 5   ALA 5   2   2   ALA ALA A . n 
A 1 6   SER 6   3   3   SER SER A . n 
A 1 7   MET 7   4   4   MET MET A . n 
A 1 8   ARG 8   5   5   ARG ARG A . n 
A 1 9   VAL 9   6   6   VAL VAL A . n 
A 1 10  VAL 10  7   7   VAL VAL A . n 
A 1 11  LYS 11  8   8   LYS LYS A . n 
A 1 12  GLU 12  9   9   GLU GLU A . n 
A 1 13  LEU 13  10  10  LEU LEU A . n 
A 1 14  GLU 14  11  11  GLU GLU A . n 
A 1 15  ASP 15  12  12  ASP ASP A . n 
A 1 16  LEU 16  13  13  LEU LEU A . n 
A 1 17  GLN 17  14  14  GLN GLN A . n 
A 1 18  LYS 18  15  15  LYS LYS A . n 
A 1 19  LYS 19  16  16  LYS LYS A . n 
A 1 20  PRO 20  17  17  PRO PRO A . n 
A 1 21  PRO 21  18  18  PRO PRO A . n 
A 1 22  PRO 22  19  19  PRO PRO A . n 
A 1 23  TYR 23  20  20  TYR TYR A . n 
A 1 24  LEU 24  21  21  LEU LEU A . n 
A 1 25  ARG 25  22  22  ARG ARG A . n 
A 1 26  ASN 26  23  23  ASN ASN A . n 
A 1 27  LEU 27  24  24  LEU LEU A . n 
A 1 28  SER 28  25  25  SER SER A . n 
A 1 29  SER 29  26  26  SER SER A . n 
A 1 30  ASP 30  27  27  ASP ASP A . n 
A 1 31  ASP 31  28  28  ASP ASP A . n 
A 1 32  ALA 32  29  29  ALA ALA A . n 
A 1 33  ASN 33  30  30  ASN ASN A . n 
A 1 34  VAL 34  31  31  VAL VAL A . n 
A 1 35  LEU 35  32  32  LEU LEU A . n 
A 1 36  VAL 36  33  33  VAL VAL A . n 
A 1 37  TRP 37  34  34  TRP TRP A . n 
A 1 38  HIS 38  35  35  HIS HIS A . n 
A 1 39  ALA 39  36  36  ALA ALA A . n 
A 1 40  LEU 40  37  37  LEU LEU A . n 
A 1 41  LEU 41  38  38  LEU LEU A . n 
A 1 42  LEU 42  39  39  LEU LEU A . n 
A 1 43  PRO 43  40  40  PRO PRO A . n 
A 1 44  ASP 44  41  41  ASP ASP A . n 
A 1 45  GLN 45  42  42  GLN GLN A . n 
A 1 46  PRO 46  43  43  PRO PRO A . n 
A 1 47  PRO 47  44  44  PRO PRO A . n 
A 1 48  TYR 48  45  45  TYR TYR A . n 
A 1 49  HIS 49  46  46  HIS HIS A . n 
A 1 50  LEU 50  47  47  LEU LEU A . n 
A 1 51  LYS 51  48  48  LYS LYS A . n 
A 1 52  ALA 52  49  49  ALA ALA A . n 
A 1 53  PHE 53  50  50  PHE PHE A . n 
A 1 54  ASN 54  51  51  ASN ASN A . n 
A 1 55  LEU 55  52  52  LEU LEU A . n 
A 1 56  ARG 56  53  53  ARG ARG A . n 
A 1 57  ILE 57  54  54  ILE ILE A . n 
A 1 58  SER 58  55  55  SER SER A . n 
A 1 59  PHE 59  56  56  PHE PHE A . n 
A 1 60  PRO 60  57  57  PRO PRO A . n 
A 1 61  PRO 61  58  58  PRO PRO A . n 
A 1 62  GLU 62  59  59  GLU GLU A . n 
A 1 63  TYR 63  60  60  TYR TYR A . n 
A 1 64  PRO 64  61  61  PRO PRO A . n 
A 1 65  PHE 65  62  62  PHE PHE A . n 
A 1 66  LYS 66  63  63  LYS LYS A . n 
A 1 67  PRO 67  64  64  PRO PRO A . n 
A 1 68  PRO 68  65  65  PRO PRO A . n 
A 1 69  MET 69  66  66  MET MET A . n 
A 1 70  ILE 70  67  67  ILE ILE A . n 
A 1 71  LYS 71  68  68  LYS LYS A . n 
A 1 72  PHE 72  69  69  PHE PHE A . n 
A 1 73  THR 73  70  70  THR THR A . n 
A 1 74  THR 74  71  71  THR THR A . n 
A 1 75  LYS 75  72  72  LYS LYS A . n 
A 1 76  ILE 76  73  73  ILE ILE A . n 
A 1 77  TYR 77  74  74  TYR TYR A . n 
A 1 78  HIS 78  75  75  HIS HIS A . n 
A 1 79  PRO 79  76  76  PRO PRO A . n 
A 1 80  ASN 80  77  77  ASN ASN A . n 
A 1 81  VAL 81  78  78  VAL VAL A . n 
A 1 82  ASP 82  79  79  ASP ASP A . n 
A 1 83  GLU 83  80  80  GLU GLU A . n 
A 1 84  ASN 84  81  81  ASN ASN A . n 
A 1 85  GLY 85  82  82  GLY GLY A . n 
A 1 86  GLN 86  83  83  GLN GLN A . n 
A 1 87  ILE 87  84  84  ILE ILE A . n 
A 1 88  CYS 88  85  85  CYS CYS A . n 
A 1 89  LEU 89  86  86  LEU LEU A . n 
A 1 90  PRO 90  87  87  PRO PRO A . n 
A 1 91  ILE 91  88  88  ILE ILE A . n 
A 1 92  ILE 92  89  89  ILE ILE A . n 
A 1 93  SER 93  90  90  SER SER A . n 
A 1 94  SER 94  91  91  SER SER A . n 
A 1 95  GLU 95  92  92  GLU GLU A . n 
A 1 96  ASN 96  93  93  ASN ASN A . n 
A 1 97  TRP 97  94  94  TRP TRP A . n 
A 1 98  LYS 98  95  95  LYS LYS A . n 
A 1 99  PRO 99  96  96  PRO PRO A . n 
A 1 100 CYS 100 97  97  CYS CYS A . n 
A 1 101 THR 101 98  98  THR THR A . n 
A 1 102 LYS 102 99  99  LYS LYS A . n 
A 1 103 THR 103 100 100 THR THR A . n 
A 1 104 CYS 104 101 101 CYS CYS A . n 
A 1 105 GLN 105 102 102 GLN GLN A . n 
A 1 106 VAL 106 103 103 VAL VAL A . n 
A 1 107 LEU 107 104 104 LEU LEU A . n 
A 1 108 GLU 108 105 105 GLU GLU A . n 
A 1 109 ALA 109 106 106 ALA ALA A . n 
A 1 110 LEU 110 107 107 LEU LEU A . n 
A 1 111 ASN 111 108 108 ASN ASN A . n 
A 1 112 VAL 112 109 109 VAL VAL A . n 
A 1 113 LEU 113 110 110 LEU LEU A . n 
A 1 114 VAL 114 111 111 VAL VAL A . n 
A 1 115 ASN 115 112 112 ASN ASN A . n 
A 1 116 ARG 116 113 113 ARG ARG A . n 
A 1 117 PRO 117 114 114 PRO PRO A . n 
A 1 118 ASN 118 115 115 ASN ASN A . n 
A 1 119 ILE 119 116 116 ILE ILE A . n 
A 1 120 ARG 120 117 117 ARG ARG A . n 
A 1 121 GLU 121 118 118 GLU GLU A . n 
A 1 122 PRO 122 119 119 PRO PRO A . n 
A 1 123 LEU 123 120 120 LEU LEU A . n 
A 1 124 ARG 124 121 121 ARG ARG A . n 
A 1 125 MET 125 122 122 MET MET A . n 
A 1 126 ASP 126 123 123 ASP ASP A . n 
A 1 127 LEU 127 124 124 LEU LEU A . n 
A 1 128 ALA 128 125 125 ALA ALA A . n 
A 1 129 ASP 129 126 126 ASP ASP A . n 
A 1 130 LEU 130 127 127 LEU LEU A . n 
A 1 131 LEU 131 128 128 LEU LEU A . n 
A 1 132 THR 132 129 129 THR THR A . n 
A 1 133 GLN 133 130 130 GLN GLN A . n 
A 1 134 ASN 134 131 131 ASN ASN A . n 
A 1 135 PRO 135 132 132 PRO PRO A . n 
A 1 136 GLU 136 133 133 GLU GLU A . n 
A 1 137 LEU 137 134 134 LEU LEU A . n 
A 1 138 PHE 138 135 135 PHE PHE A . n 
A 1 139 ARG 139 136 136 ARG ARG A . n 
A 1 140 LYS 140 137 137 LYS LYS A . n 
A 1 141 ASN 141 138 138 ASN ASN A . n 
A 1 142 ALA 142 139 139 ALA ALA A . n 
A 1 143 GLU 143 140 140 GLU GLU A . n 
A 1 144 GLU 144 141 141 GLU GLU A . n 
A 1 145 PHE 145 142 142 PHE PHE A . n 
A 1 146 THR 146 143 143 THR THR A . n 
A 1 147 LEU 147 144 144 LEU LEU A . n 
A 1 148 ARG 148 145 145 ARG ARG A . n 
A 1 149 PHE 149 146 146 PHE PHE A . n 
A 1 150 GLY 150 147 147 GLY GLY A . n 
A 1 151 VAL 151 148 148 VAL VAL A . n 
A 1 152 ASP 152 149 149 ASP ASP A . n 
A 1 153 ARG 153 150 150 ARG ARG A . n 
A 1 154 PRO 154 151 151 PRO PRO A . n 
A 1 155 SER 155 152 ?   ?   ?   A . n 
# 
loop_
_pdbx_nonpoly_scheme.asym_id 
_pdbx_nonpoly_scheme.entity_id 
_pdbx_nonpoly_scheme.mon_id 
_pdbx_nonpoly_scheme.ndb_seq_num 
_pdbx_nonpoly_scheme.pdb_seq_num 
_pdbx_nonpoly_scheme.auth_seq_num 
_pdbx_nonpoly_scheme.pdb_mon_id 
_pdbx_nonpoly_scheme.auth_mon_id 
_pdbx_nonpoly_scheme.pdb_strand_id 
_pdbx_nonpoly_scheme.pdb_ins_code 
B 2 HOH 1  153 1  HOH HOH A . 
B 2 HOH 2  154 2  HOH HOH A . 
B 2 HOH 3  155 3  HOH HOH A . 
B 2 HOH 4  156 4  HOH HOH A . 
B 2 HOH 5  157 5  HOH HOH A . 
B 2 HOH 6  158 6  HOH HOH A . 
B 2 HOH 7  159 7  HOH HOH A . 
B 2 HOH 8  160 8  HOH HOH A . 
B 2 HOH 9  161 9  HOH HOH A . 
B 2 HOH 10 162 10 HOH HOH A . 
B 2 HOH 11 163 11 HOH HOH A . 
B 2 HOH 12 164 12 HOH HOH A . 
B 2 HOH 13 165 13 HOH HOH A . 
B 2 HOH 14 166 14 HOH HOH A . 
B 2 HOH 15 167 15 HOH HOH A . 
B 2 HOH 16 168 16 HOH HOH A . 
B 2 HOH 17 169 17 HOH HOH A . 
B 2 HOH 18 170 18 HOH HOH A . 
B 2 HOH 19 171 19 HOH HOH A . 
B 2 HOH 20 172 20 HOH HOH A . 
B 2 HOH 21 173 21 HOH HOH A . 
B 2 HOH 22 174 22 HOH HOH A . 
B 2 HOH 23 175 23 HOH HOH A . 
B 2 HOH 24 176 24 HOH HOH A . 
B 2 HOH 25 177 25 HOH HOH A . 
B 2 HOH 26 178 26 HOH HOH A . 
B 2 HOH 27 179 27 HOH HOH A . 
B 2 HOH 28 180 28 HOH HOH A . 
B 2 HOH 29 181 29 HOH HOH A . 
B 2 HOH 30 182 30 HOH HOH A . 
B 2 HOH 31 183 31 HOH HOH A . 
B 2 HOH 32 184 32 HOH HOH A . 
# 
loop_
_software.name 
_software.classification 
_software.version 
_software.citation_id 
_software.pdbx_ordinal 
REFMAC    refinement       5.2.0005 ? 1 
DENZO     'data reduction' .        ? 2 
SCALEPACK 'data scaling'   .        ? 3 
MOLREP    phasing          .        ? 4 
# 
_cell.entry_id           1WZW 
_cell.length_a           96.932 
_cell.length_b           33.424 
_cell.length_c           50.432 
_cell.angle_alpha        90.00 
_cell.angle_beta         108.94 
_cell.angle_gamma        90.00 
_cell.Z_PDB              4 
_cell.pdbx_unique_axis   ? 
# 
_symmetry.entry_id                         1WZW 
_symmetry.space_group_name_H-M             'C 1 2 1' 
_symmetry.pdbx_full_space_group_name_H-M   ? 
_symmetry.cell_setting                     ? 
_symmetry.Int_Tables_number                5 
_symmetry.space_group_name_Hall            ? 
# 
_exptl.entry_id          1WZW 
_exptl.method            'X-RAY DIFFRACTION' 
_exptl.crystals_number   1 
# 
_exptl_crystal.id                    1 
_exptl_crystal.density_meas          ? 
_exptl_crystal.density_Matthews      2.2 
_exptl_crystal.density_percent_sol   43.4 
_exptl_crystal.description           ? 
_exptl_crystal.F_000                 ? 
_exptl_crystal.preparation           ? 
# 
_exptl_crystal_grow.crystal_id      1 
_exptl_crystal_grow.method          'VAPOR DIFFUSION, HANGING DROP' 
_exptl_crystal_grow.temp            298.0 
_exptl_crystal_grow.temp_details    ? 
_exptl_crystal_grow.pH              7.3 
_exptl_crystal_grow.pdbx_details    'PEG 3350, calcium acetate, pH 7.3, VAPOR DIFFUSION, HANGING DROP, temperature 298.0K' 
_exptl_crystal_grow.pdbx_pH_range   . 
# 
_diffrn.id                     1 
_diffrn.ambient_temp           100 
_diffrn.ambient_temp_details   ? 
_diffrn.crystal_id             1 
# 
_diffrn_detector.diffrn_id              1 
_diffrn_detector.detector               CCD 
_diffrn_detector.type                   'Bruker DIP-6040' 
_diffrn_detector.pdbx_collection_date   2004-10-24 
_diffrn_detector.details                ? 
# 
_diffrn_radiation.diffrn_id                        1 
_diffrn_radiation.wavelength_id                    1 
_diffrn_radiation.pdbx_monochromatic_or_laue_m_l   M 
_diffrn_radiation.monochromator                    ? 
_diffrn_radiation.pdbx_diffrn_protocol             'SINGLE WAVELENGTH' 
_diffrn_radiation.pdbx_scattering_type             x-ray 
# 
_diffrn_radiation_wavelength.id           1 
_diffrn_radiation_wavelength.wavelength   0.900 
_diffrn_radiation_wavelength.wt           1.0 
# 
_diffrn_source.diffrn_id                   1 
_diffrn_source.source                      SYNCHROTRON 
_diffrn_source.type                        'SPRING-8 BEAMLINE BL44XU' 
_diffrn_source.pdbx_synchrotron_site       SPring-8 
_diffrn_source.pdbx_synchrotron_beamline   BL44XU 
_diffrn_source.pdbx_wavelength             ? 
_diffrn_source.pdbx_wavelength_list        0.900 
# 
_reflns.entry_id                     1WZW 
_reflns.observed_criterion_sigma_F   ? 
_reflns.observed_criterion_sigma_I   0 
_reflns.d_resolution_high            2.4 
_reflns.d_resolution_low             50 
_reflns.number_all                   ? 
_reflns.number_obs                   6025 
_reflns.percent_possible_obs         97.9 
_reflns.pdbx_Rmerge_I_obs            0.049 
_reflns.pdbx_Rsym_value              ? 
_reflns.pdbx_netI_over_sigmaI        18.6 
_reflns.B_iso_Wilson_estimate        39.1 
_reflns.pdbx_redundancy              3.32 
_reflns.R_free_details               ? 
_reflns.limit_h_max                  ? 
_reflns.limit_h_min                  ? 
_reflns.limit_k_max                  ? 
_reflns.limit_k_min                  ? 
_reflns.limit_l_max                  ? 
_reflns.limit_l_min                  ? 
_reflns.observed_criterion_F_max     ? 
_reflns.observed_criterion_F_min     ? 
_reflns.pdbx_chi_squared             ? 
_reflns.pdbx_scaling_rejects         ? 
_reflns.pdbx_diffrn_id               1 
_reflns.pdbx_ordinal                 1 
# 
_reflns_shell.d_res_high             2.4 
_reflns_shell.d_res_low              2.49 
_reflns_shell.percent_possible_all   93.9 
_reflns_shell.Rmerge_I_obs           0.123 
_reflns_shell.pdbx_Rsym_value        ? 
_reflns_shell.meanI_over_sigI_obs    ? 
_reflns_shell.pdbx_redundancy        ? 
_reflns_shell.percent_possible_obs   ? 
_reflns_shell.number_unique_all      ? 
_reflns_shell.number_measured_all    ? 
_reflns_shell.number_measured_obs    ? 
_reflns_shell.number_unique_obs      ? 
_reflns_shell.pdbx_chi_squared       ? 
_reflns_shell.pdbx_diffrn_id         ? 
_reflns_shell.pdbx_ordinal           1 
# 
_refine.entry_id                                 1WZW 
_refine.ls_number_reflns_obs                     5577 
_refine.ls_number_reflns_all                     ? 
_refine.pdbx_ls_sigma_I                          ? 
_refine.pdbx_ls_sigma_F                          ? 
_refine.pdbx_data_cutoff_high_absF               ? 
_refine.pdbx_data_cutoff_low_absF                ? 
_refine.pdbx_data_cutoff_high_rms_absF           ? 
_refine.ls_d_res_low                             20.00 
_refine.ls_d_res_high                            2.40 
_refine.ls_percent_reflns_obs                    95.21 
_refine.ls_R_factor_obs                          0.20324 
_refine.ls_R_factor_all                          0.20324 
_refine.ls_R_factor_R_work                       0.19998 
_refine.ls_R_factor_R_free                       0.27362 
_refine.ls_R_factor_R_free_error                 ? 
_refine.ls_R_factor_R_free_error_details         ? 
_refine.ls_percent_reflns_R_free                 4.6 
_refine.ls_number_reflns_R_free                  268 
_refine.ls_number_parameters                     ? 
_refine.ls_number_restraints                     ? 
_refine.occupancy_min                            ? 
_refine.occupancy_max                            ? 
_refine.correlation_coeff_Fo_to_Fc               0.938 
_refine.correlation_coeff_Fo_to_Fc_free          0.895 
_refine.B_iso_mean                               34.499 
_refine.aniso_B[1][1]                            -1.77 
_refine.aniso_B[2][2]                            2.96 
_refine.aniso_B[3][3]                            -1.42 
_refine.aniso_B[1][2]                            0.00 
_refine.aniso_B[1][3]                            -0.35 
_refine.aniso_B[2][3]                            0.00 
_refine.solvent_model_details                    MASK 
_refine.solvent_model_param_ksol                 ? 
_refine.solvent_model_param_bsol                 ? 
_refine.pdbx_solvent_vdw_probe_radii             1.20 
_refine.pdbx_solvent_ion_probe_radii             0.80 
_refine.pdbx_solvent_shrinkage_radii             0.80 
_refine.pdbx_ls_cross_valid_method               THROUGHOUT 
_refine.details                                  'HYDROGENS HAVE BEEN ADDED IN THE RIDING POSITIONS' 
_refine.pdbx_starting_model                      ? 
_refine.pdbx_method_to_determine_struct          'MOLECULAR REPLACEMENT' 
_refine.pdbx_isotropic_thermal_model             ? 
_refine.pdbx_stereochemistry_target_values       'MAXIMUM LIKELIHOOD' 
_refine.pdbx_stereochem_target_val_spec_case     ? 
_refine.pdbx_R_Free_selection_details            RANDOM 
_refine.pdbx_overall_ESU_R                       0.756 
_refine.pdbx_overall_ESU_R_Free                  0.322 
_refine.overall_SU_ML                            0.220 
_refine.overall_SU_B                             9.446 
_refine.ls_redundancy_reflns_obs                 ? 
_refine.B_iso_min                                ? 
_refine.B_iso_max                                ? 
_refine.overall_SU_R_Cruickshank_DPI             ? 
_refine.overall_SU_R_free                        ? 
_refine.ls_wR_factor_R_free                      ? 
_refine.ls_wR_factor_R_work                      ? 
_refine.overall_FOM_free_R_set                   ? 
_refine.overall_FOM_work_R_set                   ? 
_refine.pdbx_refine_id                           'X-RAY DIFFRACTION' 
_refine.pdbx_diffrn_id                           1 
_refine.pdbx_TLS_residual_ADP_flag               ? 
_refine.pdbx_overall_phase_error                 ? 
_refine.pdbx_overall_SU_R_free_Cruickshank_DPI   ? 
_refine.pdbx_overall_SU_R_Blow_DPI               ? 
_refine.pdbx_overall_SU_R_free_Blow_DPI          ? 
# 
_refine_hist.pdbx_refine_id                   'X-RAY DIFFRACTION' 
_refine_hist.cycle_id                         LAST 
_refine_hist.pdbx_number_atoms_protein        1227 
_refine_hist.pdbx_number_atoms_nucleic_acid   0 
_refine_hist.pdbx_number_atoms_ligand         0 
_refine_hist.number_atoms_solvent             32 
_refine_hist.number_atoms_total               1259 
_refine_hist.d_res_high                       2.40 
_refine_hist.d_res_low                        20.00 
# 
loop_
_refine_ls_restr.type 
_refine_ls_restr.dev_ideal 
_refine_ls_restr.dev_ideal_target 
_refine_ls_restr.weight 
_refine_ls_restr.number 
_refine_ls_restr.pdbx_refine_id 
_refine_ls_restr.pdbx_restraint_function 
r_bond_refined_d         0.015  0.022  ? 1262 'X-RAY DIFFRACTION' ? 
r_angle_refined_deg      1.591  1.994  ? 1721 'X-RAY DIFFRACTION' ? 
r_dihedral_angle_1_deg   6.561  5.000  ? 149  'X-RAY DIFFRACTION' ? 
r_dihedral_angle_2_deg   38.807 24.237 ? 59   'X-RAY DIFFRACTION' ? 
r_dihedral_angle_3_deg   17.648 15.000 ? 219  'X-RAY DIFFRACTION' ? 
r_dihedral_angle_4_deg   21.386 15.000 ? 9    'X-RAY DIFFRACTION' ? 
r_chiral_restr           0.092  0.200  ? 190  'X-RAY DIFFRACTION' ? 
r_gen_planes_refined     0.006  0.020  ? 968  'X-RAY DIFFRACTION' ? 
r_nbd_refined            0.213  0.200  ? 613  'X-RAY DIFFRACTION' ? 
r_nbtor_refined          0.318  0.200  ? 850  'X-RAY DIFFRACTION' ? 
r_xyhbond_nbd_refined    0.124  0.200  ? 65   'X-RAY DIFFRACTION' ? 
r_symmetry_vdw_refined   0.379  0.200  ? 33   'X-RAY DIFFRACTION' ? 
r_symmetry_hbond_refined 0.176  0.200  ? 3    'X-RAY DIFFRACTION' ? 
r_mcbond_it              0.869  1.500  ? 784  'X-RAY DIFFRACTION' ? 
r_mcangle_it             1.522  2.000  ? 1260 'X-RAY DIFFRACTION' ? 
r_scbond_it              2.363  3.000  ? 533  'X-RAY DIFFRACTION' ? 
r_scangle_it             4.066  4.500  ? 461  'X-RAY DIFFRACTION' ? 
# 
_refine_ls_shell.pdbx_total_number_of_bins_used   20 
_refine_ls_shell.d_res_high                       2.400 
_refine_ls_shell.d_res_low                        2.462 
_refine_ls_shell.number_reflns_R_work             336 
_refine_ls_shell.R_factor_R_work                  0.259 
_refine_ls_shell.percent_reflns_obs               84.83 
_refine_ls_shell.R_factor_R_free                  0.349 
_refine_ls_shell.R_factor_R_free_error            ? 
_refine_ls_shell.percent_reflns_R_free            ? 
_refine_ls_shell.number_reflns_R_free             22 
_refine_ls_shell.number_reflns_obs                ? 
_refine_ls_shell.redundancy_reflns_obs            ? 
_refine_ls_shell.number_reflns_all                ? 
_refine_ls_shell.pdbx_refine_id                   'X-RAY DIFFRACTION' 
_refine_ls_shell.R_factor_all                     ? 
# 
_struct.entry_id                  1WZW 
_struct.title                     'Crystal Structure of UbcH8' 
_struct.pdbx_model_details        ? 
_struct.pdbx_CASP_flag            ? 
_struct.pdbx_model_type_details   ? 
# 
_struct_keywords.entry_id        1WZW 
_struct_keywords.pdbx_keywords   LIGASE 
_struct_keywords.text            'UBIQUITIN, UBIQUITIN CONJUGATING ENZYME, E2, LIGASE' 
# 
loop_
_struct_asym.id 
_struct_asym.pdbx_blank_PDB_chainid_flag 
_struct_asym.pdbx_modified 
_struct_asym.entity_id 
_struct_asym.details 
A N N 1 ? 
B N N 2 ? 
# 
_struct_ref.id                         1 
_struct_ref.db_name                    UNP 
_struct_ref.db_code                    UBC8_HUMAN 
_struct_ref.pdbx_db_accession          O14933 
_struct_ref.entity_id                  1 
_struct_ref.pdbx_seq_one_letter_code   
;MASMRVVKELEDLQKKPPPYLRNLSSDDANVLVWHALLLPDQPPYHLKAFNLRISFPPEYPFKPPMIKFTTKIYHPNVDE
NGQICLPIISSENWKPCTKTCQVLEALNVLVNRPNIREPLRMDLADLLTQNPELFRKNAEEFTLRFGVDRPS
;
_struct_ref.pdbx_align_begin           1 
_struct_ref.pdbx_db_isoform            ? 
# 
_struct_ref_seq.align_id                      1 
_struct_ref_seq.ref_id                        1 
_struct_ref_seq.pdbx_PDB_id_code              1WZW 
_struct_ref_seq.pdbx_strand_id                A 
_struct_ref_seq.seq_align_beg                 4 
_struct_ref_seq.pdbx_seq_align_beg_ins_code   ? 
_struct_ref_seq.seq_align_end                 155 
_struct_ref_seq.pdbx_seq_align_end_ins_code   ? 
_struct_ref_seq.pdbx_db_accession             O14933 
_struct_ref_seq.db_align_beg                  1 
_struct_ref_seq.pdbx_db_align_beg_ins_code    ? 
_struct_ref_seq.db_align_end                  152 
_struct_ref_seq.pdbx_db_align_end_ins_code    ? 
_struct_ref_seq.pdbx_auth_seq_align_beg       1 
_struct_ref_seq.pdbx_auth_seq_align_end       152 
# 
loop_
_struct_ref_seq_dif.align_id 
_struct_ref_seq_dif.pdbx_pdb_id_code 
_struct_ref_seq_dif.mon_id 
_struct_ref_seq_dif.pdbx_pdb_strand_id 
_struct_ref_seq_dif.seq_num 
_struct_ref_seq_dif.pdbx_pdb_ins_code 
_struct_ref_seq_dif.pdbx_seq_db_name 
_struct_ref_seq_dif.pdbx_seq_db_accession_code 
_struct_ref_seq_dif.db_mon_id 
_struct_ref_seq_dif.pdbx_seq_db_seq_num 
_struct_ref_seq_dif.details 
_struct_ref_seq_dif.pdbx_auth_seq_num 
_struct_ref_seq_dif.pdbx_ordinal 
1 1WZW GLY A 1 ? UNP O14933 ? ? 'cloning artifact' -2 1 
1 1WZW SER A 2 ? UNP O14933 ? ? 'cloning artifact' -1 2 
1 1WZW HIS A 3 ? UNP O14933 ? ? 'cloning artifact' 0  3 
# 
_pdbx_struct_assembly.id                   1 
_pdbx_struct_assembly.details              author_defined_assembly 
_pdbx_struct_assembly.method_details       ? 
_pdbx_struct_assembly.oligomeric_details   monomeric 
_pdbx_struct_assembly.oligomeric_count     1 
# 
_pdbx_struct_assembly_gen.assembly_id       1 
_pdbx_struct_assembly_gen.oper_expression   1 
_pdbx_struct_assembly_gen.asym_id_list      A,B 
# 
_pdbx_struct_oper_list.id                   1 
_pdbx_struct_oper_list.type                 'identity operation' 
_pdbx_struct_oper_list.name                 1_555 
_pdbx_struct_oper_list.symmetry_operation   x,y,z 
_pdbx_struct_oper_list.matrix[1][1]         1.0000000000 
_pdbx_struct_oper_list.matrix[1][2]         0.0000000000 
_pdbx_struct_oper_list.matrix[1][3]         0.0000000000 
_pdbx_struct_oper_list.vector[1]            0.0000000000 
_pdbx_struct_oper_list.matrix[2][1]         0.0000000000 
_pdbx_struct_oper_list.matrix[2][2]         1.0000000000 
_pdbx_struct_oper_list.matrix[2][3]         0.0000000000 
_pdbx_struct_oper_list.vector[2]            0.0000000000 
_pdbx_struct_oper_list.matrix[3][1]         0.0000000000 
_pdbx_struct_oper_list.matrix[3][2]         0.0000000000 
_pdbx_struct_oper_list.matrix[3][3]         1.0000000000 
_pdbx_struct_oper_list.vector[3]            0.0000000000 
# 
loop_
_struct_conf.conf_type_id 
_struct_conf.id 
_struct_conf.pdbx_PDB_helix_id 
_struct_conf.beg_label_comp_id 
_struct_conf.beg_label_asym_id 
_struct_conf.beg_label_seq_id 
_struct_conf.pdbx_beg_PDB_ins_code 
_struct_conf.end_label_comp_id 
_struct_conf.end_label_asym_id 
_struct_conf.end_label_seq_id 
_struct_conf.pdbx_end_PDB_ins_code 
_struct_conf.beg_auth_comp_id 
_struct_conf.beg_auth_asym_id 
_struct_conf.beg_auth_seq_id 
_struct_conf.end_auth_comp_id 
_struct_conf.end_auth_asym_id 
_struct_conf.end_auth_seq_id 
_struct_conf.pdbx_PDB_helix_class 
_struct_conf.details 
_struct_conf.pdbx_PDB_helix_length 
HELX_P HELX_P1 1 ALA A 5   ? LYS A 19  ? ALA A 2   LYS A 16  1 ? 15 
HELX_P HELX_P2 2 PRO A 47  ? HIS A 49  ? PRO A 44  HIS A 46  5 ? 3  
HELX_P HELX_P3 3 LEU A 89  ? SER A 93  ? LEU A 86  SER A 90  5 ? 5  
HELX_P HELX_P4 4 LYS A 102 ? ARG A 116 ? LYS A 99  ARG A 113 1 ? 15 
HELX_P HELX_P5 5 ARG A 124 ? ASN A 134 ? ARG A 121 ASN A 131 1 ? 11 
HELX_P HELX_P6 6 ASN A 134 ? GLY A 150 ? ASN A 131 GLY A 147 1 ? 17 
# 
_struct_conf_type.id          HELX_P 
_struct_conf_type.criteria    ? 
_struct_conf_type.reference   ? 
# 
loop_
_struct_mon_prot_cis.pdbx_id 
_struct_mon_prot_cis.label_comp_id 
_struct_mon_prot_cis.label_seq_id 
_struct_mon_prot_cis.label_asym_id 
_struct_mon_prot_cis.label_alt_id 
_struct_mon_prot_cis.pdbx_PDB_ins_code 
_struct_mon_prot_cis.auth_comp_id 
_struct_mon_prot_cis.auth_seq_id 
_struct_mon_prot_cis.auth_asym_id 
_struct_mon_prot_cis.pdbx_label_comp_id_2 
_struct_mon_prot_cis.pdbx_label_seq_id_2 
_struct_mon_prot_cis.pdbx_label_asym_id_2 
_struct_mon_prot_cis.pdbx_PDB_ins_code_2 
_struct_mon_prot_cis.pdbx_auth_comp_id_2 
_struct_mon_prot_cis.pdbx_auth_seq_id_2 
_struct_mon_prot_cis.pdbx_auth_asym_id_2 
_struct_mon_prot_cis.pdbx_PDB_model_num 
_struct_mon_prot_cis.pdbx_omega_angle 
1 PRO 46 A . ? PRO 43 A PRO 47 A ? PRO 44 A 1 -4.60 
2 TYR 63 A . ? TYR 60 A PRO 64 A ? PRO 61 A 1 15.36 
# 
loop_
_struct_sheet.id 
_struct_sheet.type 
_struct_sheet.number_strands 
_struct_sheet.details 
A ? 4 ? 
B ? 4 ? 
# 
loop_
_struct_sheet_order.sheet_id 
_struct_sheet_order.range_id_1 
_struct_sheet_order.range_id_2 
_struct_sheet_order.offset 
_struct_sheet_order.sense 
A 1 2 ? anti-parallel 
A 2 3 ? anti-parallel 
A 3 4 ? anti-parallel 
B 1 2 ? anti-parallel 
B 2 3 ? anti-parallel 
B 3 4 ? anti-parallel 
# 
loop_
_struct_sheet_range.sheet_id 
_struct_sheet_range.id 
_struct_sheet_range.beg_label_comp_id 
_struct_sheet_range.beg_label_asym_id 
_struct_sheet_range.beg_label_seq_id 
_struct_sheet_range.pdbx_beg_PDB_ins_code 
_struct_sheet_range.end_label_comp_id 
_struct_sheet_range.end_label_asym_id 
_struct_sheet_range.end_label_seq_id 
_struct_sheet_range.pdbx_end_PDB_ins_code 
_struct_sheet_range.beg_auth_comp_id 
_struct_sheet_range.beg_auth_asym_id 
_struct_sheet_range.beg_auth_seq_id 
_struct_sheet_range.end_auth_comp_id 
_struct_sheet_range.end_auth_asym_id 
_struct_sheet_range.end_auth_seq_id 
A 1 LEU A 24  ? SER A 29  ? LEU A 21  SER A 26  
A 2 VAL A 36  ? LEU A 41  ? VAL A 33  LEU A 38  
A 3 LYS A 51  ? SER A 58  ? LYS A 48  SER A 55  
A 4 MET A 69  ? PHE A 72  ? MET A 66  PHE A 69  
B 1 LEU A 24  ? SER A 29  ? LEU A 21  SER A 26  
B 2 VAL A 36  ? LEU A 41  ? VAL A 33  LEU A 38  
B 3 LYS A 51  ? SER A 58  ? LYS A 48  SER A 55  
B 4 VAL A 151 ? ASP A 152 ? VAL A 148 ASP A 149 
# 
loop_
_pdbx_struct_sheet_hbond.sheet_id 
_pdbx_struct_sheet_hbond.range_id_1 
_pdbx_struct_sheet_hbond.range_id_2 
_pdbx_struct_sheet_hbond.range_1_label_atom_id 
_pdbx_struct_sheet_hbond.range_1_label_comp_id 
_pdbx_struct_sheet_hbond.range_1_label_asym_id 
_pdbx_struct_sheet_hbond.range_1_label_seq_id 
_pdbx_struct_sheet_hbond.range_1_PDB_ins_code 
_pdbx_struct_sheet_hbond.range_1_auth_atom_id 
_pdbx_struct_sheet_hbond.range_1_auth_comp_id 
_pdbx_struct_sheet_hbond.range_1_auth_asym_id 
_pdbx_struct_sheet_hbond.range_1_auth_seq_id 
_pdbx_struct_sheet_hbond.range_2_label_atom_id 
_pdbx_struct_sheet_hbond.range_2_label_comp_id 
_pdbx_struct_sheet_hbond.range_2_label_asym_id 
_pdbx_struct_sheet_hbond.range_2_label_seq_id 
_pdbx_struct_sheet_hbond.range_2_PDB_ins_code 
_pdbx_struct_sheet_hbond.range_2_auth_atom_id 
_pdbx_struct_sheet_hbond.range_2_auth_comp_id 
_pdbx_struct_sheet_hbond.range_2_auth_asym_id 
_pdbx_struct_sheet_hbond.range_2_auth_seq_id 
A 1 2 N ARG A 25 ? N ARG A 22 O LEU A 40  ? O LEU A 37  
A 2 3 N LEU A 41 ? N LEU A 38 O PHE A 53  ? O PHE A 50  
A 3 4 N SER A 58 ? N SER A 55 O MET A 69  ? O MET A 66  
B 1 2 N ARG A 25 ? N ARG A 22 O LEU A 40  ? O LEU A 37  
B 2 3 N LEU A 41 ? N LEU A 38 O PHE A 53  ? O PHE A 50  
B 3 4 N ALA A 52 ? N ALA A 49 O VAL A 151 ? O VAL A 148 
# 
_pdbx_validate_torsion.id              1 
_pdbx_validate_torsion.PDB_model_num   1 
_pdbx_validate_torsion.auth_comp_id    ALA 
_pdbx_validate_torsion.auth_asym_id    A 
_pdbx_validate_torsion.auth_seq_id     29 
_pdbx_validate_torsion.PDB_ins_code    ? 
_pdbx_validate_torsion.label_alt_id    ? 
_pdbx_validate_torsion.phi             -81.26 
_pdbx_validate_torsion.psi             -71.16 
# 
_pdbx_struct_special_symmetry.id              1 
_pdbx_struct_special_symmetry.PDB_model_num   1 
_pdbx_struct_special_symmetry.auth_asym_id    A 
_pdbx_struct_special_symmetry.auth_comp_id    HOH 
_pdbx_struct_special_symmetry.auth_seq_id     165 
_pdbx_struct_special_symmetry.PDB_ins_code    ? 
_pdbx_struct_special_symmetry.label_asym_id   B 
_pdbx_struct_special_symmetry.label_comp_id   HOH 
_pdbx_struct_special_symmetry.label_seq_id    . 
# 
loop_
_pdbx_unobs_or_zero_occ_residues.id 
_pdbx_unobs_or_zero_occ_residues.PDB_model_num 
_pdbx_unobs_or_zero_occ_residues.polymer_flag 
_pdbx_unobs_or_zero_occ_residues.occupancy_flag 
_pdbx_unobs_or_zero_occ_residues.auth_asym_id 
_pdbx_unobs_or_zero_occ_residues.auth_comp_id 
_pdbx_unobs_or_zero_occ_residues.auth_seq_id 
_pdbx_unobs_or_zero_occ_residues.PDB_ins_code 
_pdbx_unobs_or_zero_occ_residues.label_asym_id 
_pdbx_unobs_or_zero_occ_residues.label_comp_id 
_pdbx_unobs_or_zero_occ_residues.label_seq_id 
1 1 Y 1 A GLY -2  ? A GLY 1   
2 1 Y 1 A SER -1  ? A SER 2   
3 1 Y 1 A HIS 0   ? A HIS 3   
4 1 Y 1 A MET 1   ? A MET 4   
5 1 Y 1 A SER 152 ? A SER 155 
# 
loop_
_chem_comp_atom.comp_id 
_chem_comp_atom.atom_id 
_chem_comp_atom.type_symbol 
_chem_comp_atom.pdbx_aromatic_flag 
_chem_comp_atom.pdbx_stereo_config 
_chem_comp_atom.pdbx_ordinal 
ALA N    N N N 1   
ALA CA   C N S 2   
ALA C    C N N 3   
ALA O    O N N 4   
ALA CB   C N N 5   
ALA OXT  O N N 6   
ALA H    H N N 7   
ALA H2   H N N 8   
ALA HA   H N N 9   
ALA HB1  H N N 10  
ALA HB2  H N N 11  
ALA HB3  H N N 12  
ALA HXT  H N N 13  
ARG N    N N N 14  
ARG CA   C N S 15  
ARG C    C N N 16  
ARG O    O N N 17  
ARG CB   C N N 18  
ARG CG   C N N 19  
ARG CD   C N N 20  
ARG NE   N N N 21  
ARG CZ   C N N 22  
ARG NH1  N N N 23  
ARG NH2  N N N 24  
ARG OXT  O N N 25  
ARG H    H N N 26  
ARG H2   H N N 27  
ARG HA   H N N 28  
ARG HB2  H N N 29  
ARG HB3  H N N 30  
ARG HG2  H N N 31  
ARG HG3  H N N 32  
ARG HD2  H N N 33  
ARG HD3  H N N 34  
ARG HE   H N N 35  
ARG HH11 H N N 36  
ARG HH12 H N N 37  
ARG HH21 H N N 38  
ARG HH22 H N N 39  
ARG HXT  H N N 40  
ASN N    N N N 41  
ASN CA   C N S 42  
ASN C    C N N 43  
ASN O    O N N 44  
ASN CB   C N N 45  
ASN CG   C N N 46  
ASN OD1  O N N 47  
ASN ND2  N N N 48  
ASN OXT  O N N 49  
ASN H    H N N 50  
ASN H2   H N N 51  
ASN HA   H N N 52  
ASN HB2  H N N 53  
ASN HB3  H N N 54  
ASN HD21 H N N 55  
ASN HD22 H N N 56  
ASN HXT  H N N 57  
ASP N    N N N 58  
ASP CA   C N S 59  
ASP C    C N N 60  
ASP O    O N N 61  
ASP CB   C N N 62  
ASP CG   C N N 63  
ASP OD1  O N N 64  
ASP OD2  O N N 65  
ASP OXT  O N N 66  
ASP H    H N N 67  
ASP H2   H N N 68  
ASP HA   H N N 69  
ASP HB2  H N N 70  
ASP HB3  H N N 71  
ASP HD2  H N N 72  
ASP HXT  H N N 73  
CYS N    N N N 74  
CYS CA   C N R 75  
CYS C    C N N 76  
CYS O    O N N 77  
CYS CB   C N N 78  
CYS SG   S N N 79  
CYS OXT  O N N 80  
CYS H    H N N 81  
CYS H2   H N N 82  
CYS HA   H N N 83  
CYS HB2  H N N 84  
CYS HB3  H N N 85  
CYS HG   H N N 86  
CYS HXT  H N N 87  
GLN N    N N N 88  
GLN CA   C N S 89  
GLN C    C N N 90  
GLN O    O N N 91  
GLN CB   C N N 92  
GLN CG   C N N 93  
GLN CD   C N N 94  
GLN OE1  O N N 95  
GLN NE2  N N N 96  
GLN OXT  O N N 97  
GLN H    H N N 98  
GLN H2   H N N 99  
GLN HA   H N N 100 
GLN HB2  H N N 101 
GLN HB3  H N N 102 
GLN HG2  H N N 103 
GLN HG3  H N N 104 
GLN HE21 H N N 105 
GLN HE22 H N N 106 
GLN HXT  H N N 107 
GLU N    N N N 108 
GLU CA   C N S 109 
GLU C    C N N 110 
GLU O    O N N 111 
GLU CB   C N N 112 
GLU CG   C N N 113 
GLU CD   C N N 114 
GLU OE1  O N N 115 
GLU OE2  O N N 116 
GLU OXT  O N N 117 
GLU H    H N N 118 
GLU H2   H N N 119 
GLU HA   H N N 120 
GLU HB2  H N N 121 
GLU HB3  H N N 122 
GLU HG2  H N N 123 
GLU HG3  H N N 124 
GLU HE2  H N N 125 
GLU HXT  H N N 126 
GLY N    N N N 127 
GLY CA   C N N 128 
GLY C    C N N 129 
GLY O    O N N 130 
GLY OXT  O N N 131 
GLY H    H N N 132 
GLY H2   H N N 133 
GLY HA2  H N N 134 
GLY HA3  H N N 135 
GLY HXT  H N N 136 
HIS N    N N N 137 
HIS CA   C N S 138 
HIS C    C N N 139 
HIS O    O N N 140 
HIS CB   C N N 141 
HIS CG   C Y N 142 
HIS ND1  N Y N 143 
HIS CD2  C Y N 144 
HIS CE1  C Y N 145 
HIS NE2  N Y N 146 
HIS OXT  O N N 147 
HIS H    H N N 148 
HIS H2   H N N 149 
HIS HA   H N N 150 
HIS HB2  H N N 151 
HIS HB3  H N N 152 
HIS HD1  H N N 153 
HIS HD2  H N N 154 
HIS HE1  H N N 155 
HIS HE2  H N N 156 
HIS HXT  H N N 157 
HOH O    O N N 158 
HOH H1   H N N 159 
HOH H2   H N N 160 
ILE N    N N N 161 
ILE CA   C N S 162 
ILE C    C N N 163 
ILE O    O N N 164 
ILE CB   C N S 165 
ILE CG1  C N N 166 
ILE CG2  C N N 167 
ILE CD1  C N N 168 
ILE OXT  O N N 169 
ILE H    H N N 170 
ILE H2   H N N 171 
ILE HA   H N N 172 
ILE HB   H N N 173 
ILE HG12 H N N 174 
ILE HG13 H N N 175 
ILE HG21 H N N 176 
ILE HG22 H N N 177 
ILE HG23 H N N 178 
ILE HD11 H N N 179 
ILE HD12 H N N 180 
ILE HD13 H N N 181 
ILE HXT  H N N 182 
LEU N    N N N 183 
LEU CA   C N S 184 
LEU C    C N N 185 
LEU O    O N N 186 
LEU CB   C N N 187 
LEU CG   C N N 188 
LEU CD1  C N N 189 
LEU CD2  C N N 190 
LEU OXT  O N N 191 
LEU H    H N N 192 
LEU H2   H N N 193 
LEU HA   H N N 194 
LEU HB2  H N N 195 
LEU HB3  H N N 196 
LEU HG   H N N 197 
LEU HD11 H N N 198 
LEU HD12 H N N 199 
LEU HD13 H N N 200 
LEU HD21 H N N 201 
LEU HD22 H N N 202 
LEU HD23 H N N 203 
LEU HXT  H N N 204 
LYS N    N N N 205 
LYS CA   C N S 206 
LYS C    C N N 207 
LYS O    O N N 208 
LYS CB   C N N 209 
LYS CG   C N N 210 
LYS CD   C N N 211 
LYS CE   C N N 212 
LYS NZ   N N N 213 
LYS OXT  O N N 214 
LYS H    H N N 215 
LYS H2   H N N 216 
LYS HA   H N N 217 
LYS HB2  H N N 218 
LYS HB3  H N N 219 
LYS HG2  H N N 220 
LYS HG3  H N N 221 
LYS HD2  H N N 222 
LYS HD3  H N N 223 
LYS HE2  H N N 224 
LYS HE3  H N N 225 
LYS HZ1  H N N 226 
LYS HZ2  H N N 227 
LYS HZ3  H N N 228 
LYS HXT  H N N 229 
MET N    N N N 230 
MET CA   C N S 231 
MET C    C N N 232 
MET O    O N N 233 
MET CB   C N N 234 
MET CG   C N N 235 
MET SD   S N N 236 
MET CE   C N N 237 
MET OXT  O N N 238 
MET H    H N N 239 
MET H2   H N N 240 
MET HA   H N N 241 
MET HB2  H N N 242 
MET HB3  H N N 243 
MET HG2  H N N 244 
MET HG3  H N N 245 
MET HE1  H N N 246 
MET HE2  H N N 247 
MET HE3  H N N 248 
MET HXT  H N N 249 
PHE N    N N N 250 
PHE CA   C N S 251 
PHE C    C N N 252 
PHE O    O N N 253 
PHE CB   C N N 254 
PHE CG   C Y N 255 
PHE CD1  C Y N 256 
PHE CD2  C Y N 257 
PHE CE1  C Y N 258 
PHE CE2  C Y N 259 
PHE CZ   C Y N 260 
PHE OXT  O N N 261 
PHE H    H N N 262 
PHE H2   H N N 263 
PHE HA   H N N 264 
PHE HB2  H N N 265 
PHE HB3  H N N 266 
PHE HD1  H N N 267 
PHE HD2  H N N 268 
PHE HE1  H N N 269 
PHE HE2  H N N 270 
PHE HZ   H N N 271 
PHE HXT  H N N 272 
PRO N    N N N 273 
PRO CA   C N S 274 
PRO C    C N N 275 
PRO O    O N N 276 
PRO CB   C N N 277 
PRO CG   C N N 278 
PRO CD   C N N 279 
PRO OXT  O N N 280 
PRO H    H N N 281 
PRO HA   H N N 282 
PRO HB2  H N N 283 
PRO HB3  H N N 284 
PRO HG2  H N N 285 
PRO HG3  H N N 286 
PRO HD2  H N N 287 
PRO HD3  H N N 288 
PRO HXT  H N N 289 
SER N    N N N 290 
SER CA   C N S 291 
SER C    C N N 292 
SER O    O N N 293 
SER CB   C N N 294 
SER OG   O N N 295 
SER OXT  O N N 296 
SER H    H N N 297 
SER H2   H N N 298 
SER HA   H N N 299 
SER HB2  H N N 300 
SER HB3  H N N 301 
SER HG   H N N 302 
SER HXT  H N N 303 
THR N    N N N 304 
THR CA   C N S 305 
THR C    C N N 306 
THR O    O N N 307 
THR CB   C N R 308 
THR OG1  O N N 309 
THR CG2  C N N 310 
THR OXT  O N N 311 
THR H    H N N 312 
THR H2   H N N 313 
THR HA   H N N 314 
THR HB   H N N 315 
THR HG1  H N N 316 
THR HG21 H N N 317 
THR HG22 H N N 318 
THR HG23 H N N 319 
THR HXT  H N N 320 
TRP N    N N N 321 
TRP CA   C N S 322 
TRP C    C N N 323 
TRP O    O N N 324 
TRP CB   C N N 325 
TRP CG   C Y N 326 
TRP CD1  C Y N 327 
TRP CD2  C Y N 328 
TRP NE1  N Y N 329 
TRP CE2  C Y N 330 
TRP CE3  C Y N 331 
TRP CZ2  C Y N 332 
TRP CZ3  C Y N 333 
TRP CH2  C Y N 334 
TRP OXT  O N N 335 
TRP H    H N N 336 
TRP H2   H N N 337 
TRP HA   H N N 338 
TRP HB2  H N N 339 
TRP HB3  H N N 340 
TRP HD1  H N N 341 
TRP HE1  H N N 342 
TRP HE3  H N N 343 
TRP HZ2  H N N 344 
TRP HZ3  H N N 345 
TRP HH2  H N N 346 
TRP HXT  H N N 347 
TYR N    N N N 348 
TYR CA   C N S 349 
TYR C    C N N 350 
TYR O    O N N 351 
TYR CB   C N N 352 
TYR CG   C Y N 353 
TYR CD1  C Y N 354 
TYR CD2  C Y N 355 
TYR CE1  C Y N 356 
TYR CE2  C Y N 357 
TYR CZ   C Y N 358 
TYR OH   O N N 359 
TYR OXT  O N N 360 
TYR H    H N N 361 
TYR H2   H N N 362 
TYR HA   H N N 363 
TYR HB2  H N N 364 
TYR HB3  H N N 365 
TYR HD1  H N N 366 
TYR HD2  H N N 367 
TYR HE1  H N N 368 
TYR HE2  H N N 369 
TYR HH   H N N 370 
TYR HXT  H N N 371 
VAL N    N N N 372 
VAL CA   C N S 373 
VAL C    C N N 374 
VAL O    O N N 375 
VAL CB   C N N 376 
VAL CG1  C N N 377 
VAL CG2  C N N 378 
VAL OXT  O N N 379 
VAL H    H N N 380 
VAL H2   H N N 381 
VAL HA   H N N 382 
VAL HB   H N N 383 
VAL HG11 H N N 384 
VAL HG12 H N N 385 
VAL HG13 H N N 386 
VAL HG21 H N N 387 
VAL HG22 H N N 388 
VAL HG23 H N N 389 
VAL HXT  H N N 390 
# 
loop_
_chem_comp_bond.comp_id 
_chem_comp_bond.atom_id_1 
_chem_comp_bond.atom_id_2 
_chem_comp_bond.value_order 
_chem_comp_bond.pdbx_aromatic_flag 
_chem_comp_bond.pdbx_stereo_config 
_chem_comp_bond.pdbx_ordinal 
ALA N   CA   sing N N 1   
ALA N   H    sing N N 2   
ALA N   H2   sing N N 3   
ALA CA  C    sing N N 4   
ALA CA  CB   sing N N 5   
ALA CA  HA   sing N N 6   
ALA C   O    doub N N 7   
ALA C   OXT  sing N N 8   
ALA CB  HB1  sing N N 9   
ALA CB  HB2  sing N N 10  
ALA CB  HB3  sing N N 11  
ALA OXT HXT  sing N N 12  
ARG N   CA   sing N N 13  
ARG N   H    sing N N 14  
ARG N   H2   sing N N 15  
ARG CA  C    sing N N 16  
ARG CA  CB   sing N N 17  
ARG CA  HA   sing N N 18  
ARG C   O    doub N N 19  
ARG C   OXT  sing N N 20  
ARG CB  CG   sing N N 21  
ARG CB  HB2  sing N N 22  
ARG CB  HB3  sing N N 23  
ARG CG  CD   sing N N 24  
ARG CG  HG2  sing N N 25  
ARG CG  HG3  sing N N 26  
ARG CD  NE   sing N N 27  
ARG CD  HD2  sing N N 28  
ARG CD  HD3  sing N N 29  
ARG NE  CZ   sing N N 30  
ARG NE  HE   sing N N 31  
ARG CZ  NH1  sing N N 32  
ARG CZ  NH2  doub N N 33  
ARG NH1 HH11 sing N N 34  
ARG NH1 HH12 sing N N 35  
ARG NH2 HH21 sing N N 36  
ARG NH2 HH22 sing N N 37  
ARG OXT HXT  sing N N 38  
ASN N   CA   sing N N 39  
ASN N   H    sing N N 40  
ASN N   H2   sing N N 41  
ASN CA  C    sing N N 42  
ASN CA  CB   sing N N 43  
ASN CA  HA   sing N N 44  
ASN C   O    doub N N 45  
ASN C   OXT  sing N N 46  
ASN CB  CG   sing N N 47  
ASN CB  HB2  sing N N 48  
ASN CB  HB3  sing N N 49  
ASN CG  OD1  doub N N 50  
ASN CG  ND2  sing N N 51  
ASN ND2 HD21 sing N N 52  
ASN ND2 HD22 sing N N 53  
ASN OXT HXT  sing N N 54  
ASP N   CA   sing N N 55  
ASP N   H    sing N N 56  
ASP N   H2   sing N N 57  
ASP CA  C    sing N N 58  
ASP CA  CB   sing N N 59  
ASP CA  HA   sing N N 60  
ASP C   O    doub N N 61  
ASP C   OXT  sing N N 62  
ASP CB  CG   sing N N 63  
ASP CB  HB2  sing N N 64  
ASP CB  HB3  sing N N 65  
ASP CG  OD1  doub N N 66  
ASP CG  OD2  sing N N 67  
ASP OD2 HD2  sing N N 68  
ASP OXT HXT  sing N N 69  
CYS N   CA   sing N N 70  
CYS N   H    sing N N 71  
CYS N   H2   sing N N 72  
CYS CA  C    sing N N 73  
CYS CA  CB   sing N N 74  
CYS CA  HA   sing N N 75  
CYS C   O    doub N N 76  
CYS C   OXT  sing N N 77  
CYS CB  SG   sing N N 78  
CYS CB  HB2  sing N N 79  
CYS CB  HB3  sing N N 80  
CYS SG  HG   sing N N 81  
CYS OXT HXT  sing N N 82  
GLN N   CA   sing N N 83  
GLN N   H    sing N N 84  
GLN N   H2   sing N N 85  
GLN CA  C    sing N N 86  
GLN CA  CB   sing N N 87  
GLN CA  HA   sing N N 88  
GLN C   O    doub N N 89  
GLN C   OXT  sing N N 90  
GLN CB  CG   sing N N 91  
GLN CB  HB2  sing N N 92  
GLN CB  HB3  sing N N 93  
GLN CG  CD   sing N N 94  
GLN CG  HG2  sing N N 95  
GLN CG  HG3  sing N N 96  
GLN CD  OE1  doub N N 97  
GLN CD  NE2  sing N N 98  
GLN NE2 HE21 sing N N 99  
GLN NE2 HE22 sing N N 100 
GLN OXT HXT  sing N N 101 
GLU N   CA   sing N N 102 
GLU N   H    sing N N 103 
GLU N   H2   sing N N 104 
GLU CA  C    sing N N 105 
GLU CA  CB   sing N N 106 
GLU CA  HA   sing N N 107 
GLU C   O    doub N N 108 
GLU C   OXT  sing N N 109 
GLU CB  CG   sing N N 110 
GLU CB  HB2  sing N N 111 
GLU CB  HB3  sing N N 112 
GLU CG  CD   sing N N 113 
GLU CG  HG2  sing N N 114 
GLU CG  HG3  sing N N 115 
GLU CD  OE1  doub N N 116 
GLU CD  OE2  sing N N 117 
GLU OE2 HE2  sing N N 118 
GLU OXT HXT  sing N N 119 
GLY N   CA   sing N N 120 
GLY N   H    sing N N 121 
GLY N   H2   sing N N 122 
GLY CA  C    sing N N 123 
GLY CA  HA2  sing N N 124 
GLY CA  HA3  sing N N 125 
GLY C   O    doub N N 126 
GLY C   OXT  sing N N 127 
GLY OXT HXT  sing N N 128 
HIS N   CA   sing N N 129 
HIS N   H    sing N N 130 
HIS N   H2   sing N N 131 
HIS CA  C    sing N N 132 
HIS CA  CB   sing N N 133 
HIS CA  HA   sing N N 134 
HIS C   O    doub N N 135 
HIS C   OXT  sing N N 136 
HIS CB  CG   sing N N 137 
HIS CB  HB2  sing N N 138 
HIS CB  HB3  sing N N 139 
HIS CG  ND1  sing Y N 140 
HIS CG  CD2  doub Y N 141 
HIS ND1 CE1  doub Y N 142 
HIS ND1 HD1  sing N N 143 
HIS CD2 NE2  sing Y N 144 
HIS CD2 HD2  sing N N 145 
HIS CE1 NE2  sing Y N 146 
HIS CE1 HE1  sing N N 147 
HIS NE2 HE2  sing N N 148 
HIS OXT HXT  sing N N 149 
HOH O   H1   sing N N 150 
HOH O   H2   sing N N 151 
ILE N   CA   sing N N 152 
ILE N   H    sing N N 153 
ILE N   H2   sing N N 154 
ILE CA  C    sing N N 155 
ILE CA  CB   sing N N 156 
ILE CA  HA   sing N N 157 
ILE C   O    doub N N 158 
ILE C   OXT  sing N N 159 
ILE CB  CG1  sing N N 160 
ILE CB  CG2  sing N N 161 
ILE CB  HB   sing N N 162 
ILE CG1 CD1  sing N N 163 
ILE CG1 HG12 sing N N 164 
ILE CG1 HG13 sing N N 165 
ILE CG2 HG21 sing N N 166 
ILE CG2 HG22 sing N N 167 
ILE CG2 HG23 sing N N 168 
ILE CD1 HD11 sing N N 169 
ILE CD1 HD12 sing N N 170 
ILE CD1 HD13 sing N N 171 
ILE OXT HXT  sing N N 172 
LEU N   CA   sing N N 173 
LEU N   H    sing N N 174 
LEU N   H2   sing N N 175 
LEU CA  C    sing N N 176 
LEU CA  CB   sing N N 177 
LEU CA  HA   sing N N 178 
LEU C   O    doub N N 179 
LEU C   OXT  sing N N 180 
LEU CB  CG   sing N N 181 
LEU CB  HB2  sing N N 182 
LEU CB  HB3  sing N N 183 
LEU CG  CD1  sing N N 184 
LEU CG  CD2  sing N N 185 
LEU CG  HG   sing N N 186 
LEU CD1 HD11 sing N N 187 
LEU CD1 HD12 sing N N 188 
LEU CD1 HD13 sing N N 189 
LEU CD2 HD21 sing N N 190 
LEU CD2 HD22 sing N N 191 
LEU CD2 HD23 sing N N 192 
LEU OXT HXT  sing N N 193 
LYS N   CA   sing N N 194 
LYS N   H    sing N N 195 
LYS N   H2   sing N N 196 
LYS CA  C    sing N N 197 
LYS CA  CB   sing N N 198 
LYS CA  HA   sing N N 199 
LYS C   O    doub N N 200 
LYS C   OXT  sing N N 201 
LYS CB  CG   sing N N 202 
LYS CB  HB2  sing N N 203 
LYS CB  HB3  sing N N 204 
LYS CG  CD   sing N N 205 
LYS CG  HG2  sing N N 206 
LYS CG  HG3  sing N N 207 
LYS CD  CE   sing N N 208 
LYS CD  HD2  sing N N 209 
LYS CD  HD3  sing N N 210 
LYS CE  NZ   sing N N 211 
LYS CE  HE2  sing N N 212 
LYS CE  HE3  sing N N 213 
LYS NZ  HZ1  sing N N 214 
LYS NZ  HZ2  sing N N 215 
LYS NZ  HZ3  sing N N 216 
LYS OXT HXT  sing N N 217 
MET N   CA   sing N N 218 
MET N   H    sing N N 219 
MET N   H2   sing N N 220 
MET CA  C    sing N N 221 
MET CA  CB   sing N N 222 
MET CA  HA   sing N N 223 
MET C   O    doub N N 224 
MET C   OXT  sing N N 225 
MET CB  CG   sing N N 226 
MET CB  HB2  sing N N 227 
MET CB  HB3  sing N N 228 
MET CG  SD   sing N N 229 
MET CG  HG2  sing N N 230 
MET CG  HG3  sing N N 231 
MET SD  CE   sing N N 232 
MET CE  HE1  sing N N 233 
MET CE  HE2  sing N N 234 
MET CE  HE3  sing N N 235 
MET OXT HXT  sing N N 236 
PHE N   CA   sing N N 237 
PHE N   H    sing N N 238 
PHE N   H2   sing N N 239 
PHE CA  C    sing N N 240 
PHE CA  CB   sing N N 241 
PHE CA  HA   sing N N 242 
PHE C   O    doub N N 243 
PHE C   OXT  sing N N 244 
PHE CB  CG   sing N N 245 
PHE CB  HB2  sing N N 246 
PHE CB  HB3  sing N N 247 
PHE CG  CD1  doub Y N 248 
PHE CG  CD2  sing Y N 249 
PHE CD1 CE1  sing Y N 250 
PHE CD1 HD1  sing N N 251 
PHE CD2 CE2  doub Y N 252 
PHE CD2 HD2  sing N N 253 
PHE CE1 CZ   doub Y N 254 
PHE CE1 HE1  sing N N 255 
PHE CE2 CZ   sing Y N 256 
PHE CE2 HE2  sing N N 257 
PHE CZ  HZ   sing N N 258 
PHE OXT HXT  sing N N 259 
PRO N   CA   sing N N 260 
PRO N   CD   sing N N 261 
PRO N   H    sing N N 262 
PRO CA  C    sing N N 263 
PRO CA  CB   sing N N 264 
PRO CA  HA   sing N N 265 
PRO C   O    doub N N 266 
PRO C   OXT  sing N N 267 
PRO CB  CG   sing N N 268 
PRO CB  HB2  sing N N 269 
PRO CB  HB3  sing N N 270 
PRO CG  CD   sing N N 271 
PRO CG  HG2  sing N N 272 
PRO CG  HG3  sing N N 273 
PRO CD  HD2  sing N N 274 
PRO CD  HD3  sing N N 275 
PRO OXT HXT  sing N N 276 
SER N   CA   sing N N 277 
SER N   H    sing N N 278 
SER N   H2   sing N N 279 
SER CA  C    sing N N 280 
SER CA  CB   sing N N 281 
SER CA  HA   sing N N 282 
SER C   O    doub N N 283 
SER C   OXT  sing N N 284 
SER CB  OG   sing N N 285 
SER CB  HB2  sing N N 286 
SER CB  HB3  sing N N 287 
SER OG  HG   sing N N 288 
SER OXT HXT  sing N N 289 
THR N   CA   sing N N 290 
THR N   H    sing N N 291 
THR N   H2   sing N N 292 
THR CA  C    sing N N 293 
THR CA  CB   sing N N 294 
THR CA  HA   sing N N 295 
THR C   O    doub N N 296 
THR C   OXT  sing N N 297 
THR CB  OG1  sing N N 298 
THR CB  CG2  sing N N 299 
THR CB  HB   sing N N 300 
THR OG1 HG1  sing N N 301 
THR CG2 HG21 sing N N 302 
THR CG2 HG22 sing N N 303 
THR CG2 HG23 sing N N 304 
THR OXT HXT  sing N N 305 
TRP N   CA   sing N N 306 
TRP N   H    sing N N 307 
TRP N   H2   sing N N 308 
TRP CA  C    sing N N 309 
TRP CA  CB   sing N N 310 
TRP CA  HA   sing N N 311 
TRP C   O    doub N N 312 
TRP C   OXT  sing N N 313 
TRP CB  CG   sing N N 314 
TRP CB  HB2  sing N N 315 
TRP CB  HB3  sing N N 316 
TRP CG  CD1  doub Y N 317 
TRP CG  CD2  sing Y N 318 
TRP CD1 NE1  sing Y N 319 
TRP CD1 HD1  sing N N 320 
TRP CD2 CE2  doub Y N 321 
TRP CD2 CE3  sing Y N 322 
TRP NE1 CE2  sing Y N 323 
TRP NE1 HE1  sing N N 324 
TRP CE2 CZ2  sing Y N 325 
TRP CE3 CZ3  doub Y N 326 
TRP CE3 HE3  sing N N 327 
TRP CZ2 CH2  doub Y N 328 
TRP CZ2 HZ2  sing N N 329 
TRP CZ3 CH2  sing Y N 330 
TRP CZ3 HZ3  sing N N 331 
TRP CH2 HH2  sing N N 332 
TRP OXT HXT  sing N N 333 
TYR N   CA   sing N N 334 
TYR N   H    sing N N 335 
TYR N   H2   sing N N 336 
TYR CA  C    sing N N 337 
TYR CA  CB   sing N N 338 
TYR CA  HA   sing N N 339 
TYR C   O    doub N N 340 
TYR C   OXT  sing N N 341 
TYR CB  CG   sing N N 342 
TYR CB  HB2  sing N N 343 
TYR CB  HB3  sing N N 344 
TYR CG  CD1  doub Y N 345 
TYR CG  CD2  sing Y N 346 
TYR CD1 CE1  sing Y N 347 
TYR CD1 HD1  sing N N 348 
TYR CD2 CE2  doub Y N 349 
TYR CD2 HD2  sing N N 350 
TYR CE1 CZ   doub Y N 351 
TYR CE1 HE1  sing N N 352 
TYR CE2 CZ   sing Y N 353 
TYR CE2 HE2  sing N N 354 
TYR CZ  OH   sing N N 355 
TYR OH  HH   sing N N 356 
TYR OXT HXT  sing N N 357 
VAL N   CA   sing N N 358 
VAL N   H    sing N N 359 
VAL N   H2   sing N N 360 
VAL CA  C    sing N N 361 
VAL CA  CB   sing N N 362 
VAL CA  HA   sing N N 363 
VAL C   O    doub N N 364 
VAL C   OXT  sing N N 365 
VAL CB  CG1  sing N N 366 
VAL CB  CG2  sing N N 367 
VAL CB  HB   sing N N 368 
VAL CG1 HG11 sing N N 369 
VAL CG1 HG12 sing N N 370 
VAL CG1 HG13 sing N N 371 
VAL CG2 HG21 sing N N 372 
VAL CG2 HG22 sing N N 373 
VAL CG2 HG23 sing N N 374 
VAL OXT HXT  sing N N 375 
# 
_atom_sites.entry_id                    1WZW 
_atom_sites.fract_transf_matrix[1][1]   -0.00557476 
_atom_sites.fract_transf_matrix[1][2]   0.00169697 
_atom_sites.fract_transf_matrix[1][3]   -0.00921994 
_atom_sites.fract_transf_matrix[2][1]   0.02484131 
_atom_sites.fract_transf_matrix[2][2]   -0.00493421 
_atom_sites.fract_transf_matrix[2][3]   -0.01592825 
_atom_sites.fract_transf_matrix[3][1]   -0.00788321 
_atom_sites.fract_transf_matrix[3][2]   -0.01825422 
_atom_sites.fract_transf_matrix[3][3]   -0.00663972 
_atom_sites.fract_transf_vector[1]      -0.158036 
_atom_sites.fract_transf_vector[2]      -0.499775 
_atom_sites.fract_transf_vector[3]      0.249938 
# 
loop_
_atom_type.symbol 
C 
N 
O 
S 
# 
loop_
_atom_site.group_PDB 
_atom_site.id 
_atom_site.type_symbol 
_atom_site.label_atom_id 
_atom_site.label_alt_id 
_atom_site.label_comp_id 
_atom_site.label_asym_id 
_atom_site.label_entity_id 
_atom_site.label_seq_id 
_atom_site.pdbx_PDB_ins_code 
_atom_site.Cartn_x 
_atom_site.Cartn_y 
_atom_site.Cartn_z 
_atom_site.occupancy 
_atom_site.B_iso_or_equiv 
_atom_site.pdbx_formal_charge 
_atom_site.auth_seq_id 
_atom_site.auth_comp_id 
_atom_site.auth_asym_id 
_atom_site.auth_atom_id 
_atom_site.pdbx_PDB_model_num 
ATOM   1    N N   . ALA A 1 5   ? 2.747   21.817  -6.665  1.00 46.58 ? 2   ALA A N   1 
ATOM   2    C CA  . ALA A 1 5   ? 2.183   20.656  -5.907  1.00 47.41 ? 2   ALA A CA  1 
ATOM   3    C C   . ALA A 1 5   ? 1.507   19.665  -6.868  1.00 47.58 ? 2   ALA A C   1 
ATOM   4    O O   . ALA A 1 5   ? 2.050   18.573  -7.107  1.00 47.57 ? 2   ALA A O   1 
ATOM   5    C CB  . ALA A 1 5   ? 1.220   21.123  -4.805  1.00 47.55 ? 2   ALA A CB  1 
ATOM   6    N N   . SER A 1 6   ? 0.359   20.059  -7.437  1.00 47.18 ? 3   SER A N   1 
ATOM   7    C CA  . SER A 1 6   ? -0.187  19.399  -8.630  1.00 47.07 ? 3   SER A CA  1 
ATOM   8    C C   . SER A 1 6   ? 0.848   19.291  -9.761  1.00 47.72 ? 3   SER A C   1 
ATOM   9    O O   . SER A 1 6   ? 0.885   18.273  -10.472 1.00 47.80 ? 3   SER A O   1 
ATOM   10   C CB  . SER A 1 6   ? -1.432  20.114  -9.127  1.00 46.78 ? 3   SER A CB  1 
ATOM   11   O OG  . SER A 1 6   ? -2.462  20.079  -8.144  1.00 46.69 ? 3   SER A OG  1 
ATOM   12   N N   . MET A 1 7   ? 1.700   20.316  -9.899  1.00 47.72 ? 4   MET A N   1 
ATOM   13   C CA  . MET A 1 7   ? 2.802   20.313  -10.873 1.00 48.67 ? 4   MET A CA  1 
ATOM   14   C C   . MET A 1 7   ? 3.826   19.199  -10.611 1.00 47.38 ? 4   MET A C   1 
ATOM   15   O O   . MET A 1 7   ? 4.241   18.488  -11.537 1.00 46.72 ? 4   MET A O   1 
ATOM   16   C CB  . MET A 1 7   ? 3.536   21.653  -10.874 1.00 48.10 ? 4   MET A CB  1 
ATOM   17   C CG  . MET A 1 7   ? 2.660   22.911  -10.842 1.00 50.41 ? 4   MET A CG  1 
ATOM   18   S SD  . MET A 1 7   ? 3.315   24.232  -11.941 1.00 53.48 ? 4   MET A SD  1 
ATOM   19   C CE  . MET A 1 7   ? 5.082   23.805  -12.066 1.00 49.54 ? 4   MET A CE  1 
ATOM   20   N N   . ARG A 1 8   ? 4.255   19.079  -9.353  1.00 46.92 ? 5   ARG A N   1 
ATOM   21   C CA  . ARG A 1 8   ? 5.152   17.995  -8.958  1.00 46.57 ? 5   ARG A CA  1 
ATOM   22   C C   . ARG A 1 8   ? 4.451   16.621  -9.104  1.00 45.64 ? 5   ARG A C   1 
ATOM   23   O O   . ARG A 1 8   ? 5.008   15.698  -9.721  1.00 45.59 ? 5   ARG A O   1 
ATOM   24   C CB  . ARG A 1 8   ? 5.713   18.225  -7.543  1.00 47.14 ? 5   ARG A CB  1 
ATOM   25   C CG  . ARG A 1 8   ? 6.273   16.969  -6.866  1.00 48.98 ? 5   ARG A CG  1 
ATOM   26   C CD  . ARG A 1 8   ? 7.419   17.231  -5.890  1.00 50.79 ? 5   ARG A CD  1 
ATOM   27   N NE  . ARG A 1 8   ? 7.597   16.048  -5.039  1.00 55.56 ? 5   ARG A NE  1 
ATOM   28   C CZ  . ARG A 1 8   ? 8.761   15.526  -4.627  1.00 55.69 ? 5   ARG A CZ  1 
ATOM   29   N NH1 . ARG A 1 8   ? 9.919   16.060  -4.985  1.00 55.80 ? 5   ARG A NH1 1 
ATOM   30   N NH2 . ARG A 1 8   ? 8.760   14.447  -3.852  1.00 54.97 ? 5   ARG A NH2 1 
ATOM   31   N N   . VAL A 1 9   ? 3.221   16.525  -8.601  1.00 44.27 ? 6   VAL A N   1 
ATOM   32   C CA  . VAL A 1 9   ? 2.473   15.271  -8.611  1.00 43.75 ? 6   VAL A CA  1 
ATOM   33   C C   . VAL A 1 9   ? 2.254   14.728  -10.027 1.00 44.31 ? 6   VAL A C   1 
ATOM   34   O O   . VAL A 1 9   ? 2.512   13.548  -10.269 1.00 44.44 ? 6   VAL A O   1 
ATOM   35   C CB  . VAL A 1 9   ? 1.142   15.383  -7.820  1.00 43.65 ? 6   VAL A CB  1 
ATOM   36   C CG1 . VAL A 1 9   ? 0.232   14.197  -8.075  1.00 43.20 ? 6   VAL A CG1 1 
ATOM   37   C CG2 . VAL A 1 9   ? 1.407   15.498  -6.320  1.00 42.06 ? 6   VAL A CG2 1 
ATOM   38   N N   . VAL A 1 10  ? 1.818   15.577  -10.961 1.00 44.46 ? 7   VAL A N   1 
ATOM   39   C CA  . VAL A 1 10  ? 1.587   15.153  -12.348 1.00 44.69 ? 7   VAL A CA  1 
ATOM   40   C C   . VAL A 1 10  ? 2.819   14.528  -12.989 1.00 45.28 ? 7   VAL A C   1 
ATOM   41   O O   . VAL A 1 10  ? 2.727   13.493  -13.652 1.00 45.72 ? 7   VAL A O   1 
ATOM   42   C CB  . VAL A 1 10  ? 1.060   16.314  -13.247 1.00 44.83 ? 7   VAL A CB  1 
ATOM   43   C CG1 . VAL A 1 10  ? 1.179   15.975  -14.745 1.00 44.84 ? 7   VAL A CG1 1 
ATOM   44   C CG2 . VAL A 1 10  ? -0.367  16.624  -12.906 1.00 44.29 ? 7   VAL A CG2 1 
ATOM   45   N N   . LYS A 1 11  ? 3.976   15.145  -12.810 1.00 45.79 ? 8   LYS A N   1 
ATOM   46   C CA  . LYS A 1 11  ? 5.164   14.611  -13.442 1.00 46.58 ? 8   LYS A CA  1 
ATOM   47   C C   . LYS A 1 11  ? 5.574   13.291  -12.783 1.00 46.82 ? 8   LYS A C   1 
ATOM   48   O O   . LYS A 1 11  ? 6.096   12.397  -13.469 1.00 47.33 ? 8   LYS A O   1 
ATOM   49   C CB  . LYS A 1 11  ? 6.307   15.644  -13.458 1.00 47.25 ? 8   LYS A CB  1 
ATOM   50   C CG  . LYS A 1 11  ? 7.718   15.045  -13.537 1.00 47.65 ? 8   LYS A CG  1 
ATOM   51   C CD  . LYS A 1 11  ? 8.294   14.817  -12.119 1.00 49.28 ? 8   LYS A CD  1 
ATOM   52   C CE  . LYS A 1 11  ? 9.614   14.022  -12.132 1.00 49.70 ? 8   LYS A CE  1 
ATOM   53   N NZ  . LYS A 1 11  ? 10.707  14.567  -13.029 1.00 49.59 ? 8   LYS A NZ  1 
ATOM   54   N N   . GLU A 1 12  ? 5.354   13.170  -11.467 1.00 46.59 ? 9   GLU A N   1 
ATOM   55   C CA  . GLU A 1 12  ? 5.618   11.907  -10.765 1.00 46.35 ? 9   GLU A CA  1 
ATOM   56   C C   . GLU A 1 12  ? 4.687   10.827  -11.326 1.00 46.29 ? 9   GLU A C   1 
ATOM   57   O O   . GLU A 1 12  ? 5.115   9.705   -11.616 1.00 45.96 ? 9   GLU A O   1 
ATOM   58   C CB  . GLU A 1 12  ? 5.397   12.039  -9.253  1.00 46.38 ? 9   GLU A CB  1 
ATOM   59   C CG  . GLU A 1 12  ? 6.309   12.996  -8.499  1.00 45.65 ? 9   GLU A CG  1 
ATOM   60   C CD  . GLU A 1 12  ? 6.278   12.733  -6.999  1.00 46.55 ? 9   GLU A CD  1 
ATOM   61   O OE1 . GLU A 1 12  ? 6.676   11.622  -6.587  1.00 47.71 ? 9   GLU A OE1 1 
ATOM   62   O OE2 . GLU A 1 12  ? 5.849   13.619  -6.228  1.00 47.50 ? 9   GLU A OE2 1 
ATOM   63   N N   . LEU A 1 13  ? 3.417   11.198  -11.483 1.00 46.43 ? 10  LEU A N   1 
ATOM   64   C CA  . LEU A 1 13  ? 2.380   10.336  -12.034 1.00 47.03 ? 10  LEU A CA  1 
ATOM   65   C C   . LEU A 1 13  ? 2.755   9.823   -13.423 1.00 47.58 ? 10  LEU A C   1 
ATOM   66   O O   . LEU A 1 13  ? 2.760   8.612   -13.651 1.00 47.58 ? 10  LEU A O   1 
ATOM   67   C CB  . LEU A 1 13  ? 1.041   11.082  -12.028 1.00 46.78 ? 10  LEU A CB  1 
ATOM   68   C CG  . LEU A 1 13  ? -0.227  10.525  -12.685 1.00 47.30 ? 10  LEU A CG  1 
ATOM   69   C CD1 . LEU A 1 13  ? -0.495  9.077   -12.290 1.00 49.23 ? 10  LEU A CD1 1 
ATOM   70   C CD2 . LEU A 1 13  ? -1.421  11.408  -12.328 1.00 46.99 ? 10  LEU A CD2 1 
ATOM   71   N N   . GLU A 1 14  ? 3.110   10.744  -14.324 1.00 48.33 ? 11  GLU A N   1 
ATOM   72   C CA  . GLU A 1 14  ? 3.490   10.414  -15.692 1.00 48.93 ? 11  GLU A CA  1 
ATOM   73   C C   . GLU A 1 14  ? 4.660   9.482   -15.740 1.00 48.97 ? 11  GLU A C   1 
ATOM   74   O O   . GLU A 1 14  ? 4.671   8.542   -16.525 1.00 49.71 ? 11  GLU A O   1 
ATOM   75   C CB  . GLU A 1 14  ? 3.843   11.664  -16.488 1.00 49.04 ? 11  GLU A CB  1 
ATOM   76   C CG  . GLU A 1 14  ? 2.675   12.253  -17.230 1.00 51.37 ? 11  GLU A CG  1 
ATOM   77   C CD  . GLU A 1 14  ? 3.079   12.907  -18.541 1.00 55.13 ? 11  GLU A CD  1 
ATOM   78   O OE1 . GLU A 1 14  ? 4.272   13.263  -18.694 1.00 56.44 ? 11  GLU A OE1 1 
ATOM   79   O OE2 . GLU A 1 14  ? 2.203   13.060  -19.431 1.00 56.18 ? 11  GLU A OE2 1 
ATOM   80   N N   . ASP A 1 15  ? 5.656   9.743   -14.909 1.00 49.26 ? 12  ASP A N   1 
ATOM   81   C CA  . ASP A 1 15  ? 6.863   8.927   -14.906 1.00 49.71 ? 12  ASP A CA  1 
ATOM   82   C C   . ASP A 1 15  ? 6.598   7.487   -14.444 1.00 49.10 ? 12  ASP A C   1 
ATOM   83   O O   . ASP A 1 15  ? 7.230   6.554   -14.934 1.00 48.89 ? 12  ASP A O   1 
ATOM   84   C CB  . ASP A 1 15  ? 7.973   9.602   -14.090 1.00 50.23 ? 12  ASP A CB  1 
ATOM   85   C CG  . ASP A 1 15  ? 8.569   10.848  -14.806 1.00 53.21 ? 12  ASP A CG  1 
ATOM   86   O OD1 . ASP A 1 15  ? 8.147   11.174  -15.953 1.00 54.76 ? 12  ASP A OD1 1 
ATOM   87   O OD2 . ASP A 1 15  ? 9.466   11.505  -14.212 1.00 55.52 ? 12  ASP A OD2 1 
ATOM   88   N N   . LEU A 1 16  ? 5.643   7.314   -13.536 1.00 48.21 ? 13  LEU A N   1 
ATOM   89   C CA  . LEU A 1 16  ? 5.333   5.998   -13.004 1.00 48.09 ? 13  LEU A CA  1 
ATOM   90   C C   . LEU A 1 16  ? 4.446   5.182   -13.925 1.00 47.79 ? 13  LEU A C   1 
ATOM   91   O O   . LEU A 1 16  ? 4.623   3.969   -14.032 1.00 48.31 ? 13  LEU A O   1 
ATOM   92   C CB  . LEU A 1 16  ? 4.663   6.106   -11.633 1.00 48.16 ? 13  LEU A CB  1 
ATOM   93   C CG  . LEU A 1 16  ? 5.515   6.072   -10.379 1.00 47.81 ? 13  LEU A CG  1 
ATOM   94   C CD1 . LEU A 1 16  ? 4.774   6.822   -9.332  1.00 48.59 ? 13  LEU A CD1 1 
ATOM   95   C CD2 . LEU A 1 16  ? 5.793   4.658   -9.925  1.00 47.64 ? 13  LEU A CD2 1 
ATOM   96   N N   . GLN A 1 17  ? 3.469   5.838   -14.551 1.00 47.40 ? 14  GLN A N   1 
ATOM   97   C CA  . GLN A 1 17  ? 2.569   5.192   -15.524 1.00 46.44 ? 14  GLN A CA  1 
ATOM   98   C C   . GLN A 1 17  ? 3.369   4.648   -16.723 1.00 46.56 ? 14  GLN A C   1 
ATOM   99   O O   . GLN A 1 17  ? 3.138   3.503   -17.178 1.00 47.06 ? 14  GLN A O   1 
ATOM   100  C CB  . GLN A 1 17  ? 1.509   6.181   -16.004 1.00 46.24 ? 14  GLN A CB  1 
ATOM   101  C CG  . GLN A 1 17  ? 0.463   6.526   -14.983 1.00 44.99 ? 14  GLN A CG  1 
ATOM   102  C CD  . GLN A 1 17  ? -0.547  7.552   -15.486 1.00 45.97 ? 14  GLN A CD  1 
ATOM   103  O OE1 . GLN A 1 17  ? -0.186  8.525   -16.146 1.00 48.29 ? 14  GLN A OE1 1 
ATOM   104  N NE2 . GLN A 1 17  ? -1.819  7.351   -15.155 1.00 46.07 ? 14  GLN A NE2 1 
ATOM   105  N N   . LYS A 1 18  ? 4.312   5.467   -17.201 1.00 45.76 ? 15  LYS A N   1 
ATOM   106  C CA  . LYS A 1 18  ? 5.241   5.101   -18.273 1.00 45.38 ? 15  LYS A CA  1 
ATOM   107  C C   . LYS A 1 18  ? 6.102   3.921   -17.913 1.00 44.02 ? 15  LYS A C   1 
ATOM   108  O O   . LYS A 1 18  ? 6.218   2.981   -18.695 1.00 44.34 ? 15  LYS A O   1 
ATOM   109  C CB  . LYS A 1 18  ? 6.154   6.283   -18.632 1.00 45.85 ? 15  LYS A CB  1 
ATOM   110  C CG  . LYS A 1 18  ? 5.695   7.027   -19.877 1.00 48.80 ? 15  LYS A CG  1 
ATOM   111  C CD  . LYS A 1 18  ? 5.947   8.531   -19.769 1.00 52.32 ? 15  LYS A CD  1 
ATOM   112  C CE  . LYS A 1 18  ? 5.155   9.310   -20.836 1.00 54.26 ? 15  LYS A CE  1 
ATOM   113  N NZ  . LYS A 1 18  ? 5.402   10.799  -20.759 1.00 54.54 ? 15  LYS A NZ  1 
ATOM   114  N N   . LYS A 1 19  ? 6.724   3.987   -16.740 1.00 42.72 ? 16  LYS A N   1 
ATOM   115  C CA  . LYS A 1 19  ? 7.676   2.959   -16.285 1.00 41.51 ? 16  LYS A CA  1 
ATOM   116  C C   . LYS A 1 19  ? 7.242   2.340   -14.947 1.00 39.25 ? 16  LYS A C   1 
ATOM   117  O O   . LYS A 1 19  ? 7.843   2.615   -13.900 1.00 39.30 ? 16  LYS A O   1 
ATOM   118  C CB  . LYS A 1 19  ? 9.091   3.546   -16.192 1.00 42.21 ? 16  LYS A CB  1 
ATOM   119  C CG  . LYS A 1 19  ? 9.786   3.650   -17.540 1.00 45.17 ? 16  LYS A CG  1 
ATOM   120  C CD  . LYS A 1 19  ? 10.185  2.258   -18.099 1.00 48.45 ? 16  LYS A CD  1 
ATOM   121  C CE  . LYS A 1 19  ? 10.687  2.373   -19.571 1.00 48.59 ? 16  LYS A CE  1 
ATOM   122  N NZ  . LYS A 1 19  ? 11.629  1.265   -19.987 1.00 48.76 ? 16  LYS A NZ  1 
ATOM   123  N N   . PRO A 1 20  ? 6.169   1.528   -14.964 1.00 36.83 ? 17  PRO A N   1 
ATOM   124  C CA  . PRO A 1 20  ? 5.681   1.133   -13.643 1.00 34.49 ? 17  PRO A CA  1 
ATOM   125  C C   . PRO A 1 20  ? 6.512   0.016   -13.052 1.00 32.27 ? 17  PRO A C   1 
ATOM   126  O O   . PRO A 1 20  ? 7.110   -0.750  -13.782 1.00 31.24 ? 17  PRO A O   1 
ATOM   127  C CB  . PRO A 1 20  ? 4.226   0.682   -13.906 1.00 34.05 ? 17  PRO A CB  1 
ATOM   128  C CG  . PRO A 1 20  ? 4.003   0.742   -15.399 1.00 34.97 ? 17  PRO A CG  1 
ATOM   129  C CD  . PRO A 1 20  ? 5.349   0.960   -16.055 1.00 36.97 ? 17  PRO A CD  1 
ATOM   130  N N   . PRO A 1 21  ? 6.565   -0.077  -11.721 1.00 31.23 ? 18  PRO A N   1 
ATOM   131  C CA  . PRO A 1 21  ? 7.100   -1.320  -11.153 1.00 30.22 ? 18  PRO A CA  1 
ATOM   132  C C   . PRO A 1 21  ? 6.079   -2.448  -11.333 1.00 28.97 ? 18  PRO A C   1 
ATOM   133  O O   . PRO A 1 21  ? 4.891   -2.169  -11.351 1.00 27.80 ? 18  PRO A O   1 
ATOM   134  C CB  . PRO A 1 21  ? 7.311   -0.975  -9.673  1.00 29.98 ? 18  PRO A CB  1 
ATOM   135  C CG  . PRO A 1 21  ? 6.302   0.110   -9.387  1.00 30.61 ? 18  PRO A CG  1 
ATOM   136  C CD  . PRO A 1 21  ? 6.162   0.891   -10.686 1.00 31.42 ? 18  PRO A CD  1 
ATOM   137  N N   . PRO A 1 22  ? 6.548   -3.700  -11.472 1.00 28.60 ? 19  PRO A N   1 
ATOM   138  C CA  . PRO A 1 22  ? 5.763   -4.881  -11.821 1.00 28.73 ? 19  PRO A CA  1 
ATOM   139  C C   . PRO A 1 22  ? 4.602   -5.139  -10.864 1.00 29.30 ? 19  PRO A C   1 
ATOM   140  O O   . PRO A 1 22  ? 3.617   -5.797  -11.259 1.00 29.32 ? 19  PRO A O   1 
ATOM   141  C CB  . PRO A 1 22  ? 6.752   -6.042  -11.679 1.00 28.63 ? 19  PRO A CB  1 
ATOM   142  C CG  . PRO A 1 22  ? 8.097   -5.451  -11.734 1.00 29.75 ? 19  PRO A CG  1 
ATOM   143  C CD  . PRO A 1 22  ? 7.968   -4.021  -11.247 1.00 28.90 ? 19  PRO A CD  1 
ATOM   144  N N   . TYR A 1 23  ? 4.720   -4.607  -9.644  1.00 28.76 ? 20  TYR A N   1 
ATOM   145  C CA  . TYR A 1 23  ? 3.776   -4.878  -8.556  1.00 28.99 ? 20  TYR A CA  1 
ATOM   146  C C   . TYR A 1 23  ? 2.736   -3.773  -8.423  1.00 28.96 ? 20  TYR A C   1 
ATOM   147  O O   . TYR A 1 23  ? 1.940   -3.747  -7.455  1.00 27.96 ? 20  TYR A O   1 
ATOM   148  C CB  . TYR A 1 23  ? 4.528   -5.022  -7.230  1.00 28.64 ? 20  TYR A CB  1 
ATOM   149  C CG  . TYR A 1 23  ? 5.475   -3.874  -6.952  1.00 28.62 ? 20  TYR A CG  1 
ATOM   150  C CD1 . TYR A 1 23  ? 4.986   -2.663  -6.437  1.00 28.44 ? 20  TYR A CD1 1 
ATOM   151  C CD2 . TYR A 1 23  ? 6.846   -3.998  -7.184  1.00 27.84 ? 20  TYR A CD2 1 
ATOM   152  C CE1 . TYR A 1 23  ? 5.810   -1.593  -6.185  1.00 26.80 ? 20  TYR A CE1 1 
ATOM   153  C CE2 . TYR A 1 23  ? 7.710   -2.924  -6.918  1.00 28.60 ? 20  TYR A CE2 1 
ATOM   154  C CZ  . TYR A 1 23  ? 7.165   -1.725  -6.413  1.00 28.61 ? 20  TYR A CZ  1 
ATOM   155  O OH  . TYR A 1 23  ? 7.957   -0.643  -6.119  1.00 30.31 ? 20  TYR A OH  1 
ATOM   156  N N   . LEU A 1 24  ? 2.756   -2.862  -9.395  1.00 29.00 ? 21  LEU A N   1 
ATOM   157  C CA  . LEU A 1 24  ? 1.862   -1.722  -9.380  1.00 29.33 ? 21  LEU A CA  1 
ATOM   158  C C   . LEU A 1 24  ? 1.165   -1.586  -10.715 1.00 29.39 ? 21  LEU A C   1 
ATOM   159  O O   . LEU A 1 24  ? 1.843   -1.356  -11.745 1.00 30.84 ? 21  LEU A O   1 
ATOM   160  C CB  . LEU A 1 24  ? 2.641   -0.455  -9.070  1.00 29.54 ? 21  LEU A CB  1 
ATOM   161  C CG  . LEU A 1 24  ? 1.822   0.696   -8.502  1.00 30.60 ? 21  LEU A CG  1 
ATOM   162  C CD1 . LEU A 1 24  ? 1.657   0.611   -6.970  1.00 32.48 ? 21  LEU A CD1 1 
ATOM   163  C CD2 . LEU A 1 24  ? 2.479   1.999   -8.916  1.00 32.49 ? 21  LEU A CD2 1 
ATOM   164  N N   . ARG A 1 25  ? -0.172  -1.703  -10.683 1.00 28.45 ? 22  ARG A N   1 
ATOM   165  C CA  . ARG A 1 25  ? -1.047  -1.663  -11.868 1.00 28.06 ? 22  ARG A CA  1 
ATOM   166  C C   . ARG A 1 25  ? -2.147  -0.614  -11.761 1.00 28.26 ? 22  ARG A C   1 
ATOM   167  O O   . ARG A 1 25  ? -2.511  -0.163  -10.654 1.00 27.95 ? 22  ARG A O   1 
ATOM   168  C CB  . ARG A 1 25  ? -1.736  -3.010  -12.105 1.00 27.22 ? 22  ARG A CB  1 
ATOM   169  C CG  . ARG A 1 25  ? -0.830  -4.175  -12.309 1.00 27.77 ? 22  ARG A CG  1 
ATOM   170  C CD  . ARG A 1 25  ? 0.010   -4.146  -13.592 1.00 30.26 ? 22  ARG A CD  1 
ATOM   171  N NE  . ARG A 1 25  ? 1.119   -5.110  -13.488 1.00 31.62 ? 22  ARG A NE  1 
ATOM   172  C CZ  . ARG A 1 25  ? 0.986   -6.433  -13.651 1.00 34.64 ? 22  ARG A CZ  1 
ATOM   173  N NH1 . ARG A 1 25  ? -0.208  -6.969  -13.983 1.00 32.11 ? 22  ARG A NH1 1 
ATOM   174  N NH2 . ARG A 1 25  ? 2.050   -7.229  -13.479 1.00 35.06 ? 22  ARG A NH2 1 
ATOM   175  N N   . ASN A 1 26  ? -2.711  -0.275  -12.922 1.00 28.36 ? 23  ASN A N   1 
ATOM   176  C CA  . ASN A 1 26  ? -3.886  0.611   -13.023 1.00 28.56 ? 23  ASN A CA  1 
ATOM   177  C C   . ASN A 1 26  ? -3.654  1.931   -12.327 1.00 29.34 ? 23  ASN A C   1 
ATOM   178  O O   . ASN A 1 26  ? -4.576  2.546   -11.768 1.00 29.56 ? 23  ASN A O   1 
ATOM   179  C CB  . ASN A 1 26  ? -5.162  -0.115  -12.548 1.00 27.50 ? 23  ASN A CB  1 
ATOM   180  C CG  . ASN A 1 26  ? -5.512  -1.297  -13.456 1.00 26.61 ? 23  ASN A CG  1 
ATOM   181  O OD1 . ASN A 1 26  ? -4.746  -1.642  -14.374 1.00 26.25 ? 23  ASN A OD1 1 
ATOM   182  N ND2 . ASN A 1 26  ? -6.645  -1.913  -13.215 1.00 21.83 ? 23  ASN A ND2 1 
ATOM   183  N N   . LEU A 1 27  ? -2.392  2.340   -12.344 1.00 30.09 ? 24  LEU A N   1 
ATOM   184  C CA  . LEU A 1 27  ? -2.005  3.618   -11.780 1.00 31.98 ? 24  LEU A CA  1 
ATOM   185  C C   . LEU A 1 27  ? -2.611  4.763   -12.590 1.00 33.54 ? 24  LEU A C   1 
ATOM   186  O O   . LEU A 1 27  ? -2.312  4.952   -13.771 1.00 32.81 ? 24  LEU A O   1 
ATOM   187  C CB  . LEU A 1 27  ? -0.462  3.772   -11.724 1.00 31.47 ? 24  LEU A CB  1 
ATOM   188  C CG  . LEU A 1 27  ? 0.019   5.099   -11.126 1.00 29.74 ? 24  LEU A CG  1 
ATOM   189  C CD1 . LEU A 1 27  ? -0.653  5.426   -9.791  1.00 23.87 ? 24  LEU A CD1 1 
ATOM   190  C CD2 . LEU A 1 27  ? 1.513   5.130   -11.011 1.00 31.06 ? 24  LEU A CD2 1 
ATOM   191  N N   . SER A 1 28  ? -3.466  5.524   -11.934 1.00 36.11 ? 25  SER A N   1 
ATOM   192  C CA  . SER A 1 28  ? -4.119  6.643   -12.584 1.00 39.11 ? 25  SER A CA  1 
ATOM   193  C C   . SER A 1 28  ? -4.624  7.547   -11.493 1.00 40.68 ? 25  SER A C   1 
ATOM   194  O O   . SER A 1 28  ? -4.808  7.130   -10.360 1.00 40.36 ? 25  SER A O   1 
ATOM   195  C CB  . SER A 1 28  ? -5.310  6.161   -13.424 1.00 39.14 ? 25  SER A CB  1 
ATOM   196  O OG  . SER A 1 28  ? -6.432  6.018   -12.571 1.00 40.78 ? 25  SER A OG  1 
ATOM   197  N N   . SER A 1 29  ? -4.843  8.799   -11.838 1.00 43.61 ? 26  SER A N   1 
ATOM   198  C CA  . SER A 1 29  ? -5.335  9.743   -10.874 1.00 46.43 ? 26  SER A CA  1 
ATOM   199  C C   . SER A 1 29  ? -6.830  9.712   -11.005 1.00 48.10 ? 26  SER A C   1 
ATOM   200  O O   . SER A 1 29  ? -7.354  9.410   -12.071 1.00 48.39 ? 26  SER A O   1 
ATOM   201  C CB  . SER A 1 29  ? -4.832  11.134  -11.192 1.00 46.36 ? 26  SER A CB  1 
ATOM   202  O OG  . SER A 1 29  ? -5.192  11.467  -12.519 1.00 47.60 ? 26  SER A OG  1 
ATOM   203  N N   . ASP A 1 30  ? -7.498  10.017  -9.900  1.00 50.35 ? 27  ASP A N   1 
ATOM   204  C CA  . ASP A 1 30  ? -8.936  10.128  -9.847  1.00 52.50 ? 27  ASP A CA  1 
ATOM   205  C C   . ASP A 1 30  ? -9.484  10.914  -11.045 1.00 53.59 ? 27  ASP A C   1 
ATOM   206  O O   . ASP A 1 30  ? -8.892  11.912  -11.506 1.00 53.75 ? 27  ASP A O   1 
ATOM   207  C CB  . ASP A 1 30  ? -9.345  10.786  -8.526  1.00 52.86 ? 27  ASP A CB  1 
ATOM   208  C CG  . ASP A 1 30  ? -10.865 10.847  -8.327  1.00 54.47 ? 27  ASP A CG  1 
ATOM   209  O OD1 . ASP A 1 30  ? -11.353 10.119  -7.429  1.00 56.19 ? 27  ASP A OD1 1 
ATOM   210  O OD2 . ASP A 1 30  ? -11.558 11.621  -9.042  1.00 54.11 ? 27  ASP A OD2 1 
ATOM   211  N N   . ASP A 1 31  ? -10.611 10.427  -11.550 1.00 54.67 ? 28  ASP A N   1 
ATOM   212  C CA  . ASP A 1 31  ? -11.380 11.110  -12.584 1.00 56.12 ? 28  ASP A CA  1 
ATOM   213  C C   . ASP A 1 31  ? -11.348 12.647  -12.383 1.00 55.70 ? 28  ASP A C   1 
ATOM   214  O O   . ASP A 1 31  ? -10.909 13.378  -13.275 1.00 56.09 ? 28  ASP A O   1 
ATOM   215  C CB  . ASP A 1 31  ? -12.817 10.540  -12.616 1.00 57.00 ? 28  ASP A CB  1 
ATOM   216  C CG  . ASP A 1 31  ? -12.849 8.974   -12.685 1.00 59.84 ? 28  ASP A CG  1 
ATOM   217  O OD1 . ASP A 1 31  ? -12.176 8.293   -11.846 1.00 62.61 ? 28  ASP A OD1 1 
ATOM   218  O OD2 . ASP A 1 31  ? -13.554 8.429   -13.576 1.00 61.02 ? 28  ASP A OD2 1 
ATOM   219  N N   . ALA A 1 32  ? -11.760 13.114  -11.201 1.00 55.11 ? 29  ALA A N   1 
ATOM   220  C CA  . ALA A 1 32  ? -11.703 14.550  -10.831 1.00 54.39 ? 29  ALA A CA  1 
ATOM   221  C C   . ALA A 1 32  ? -10.315 15.069  -10.334 1.00 53.56 ? 29  ALA A C   1 
ATOM   222  O O   . ALA A 1 32  ? -9.622  15.836  -11.025 1.00 53.58 ? 29  ALA A O   1 
ATOM   223  C CB  . ALA A 1 32  ? -12.798 14.865  -9.787  1.00 54.27 ? 29  ALA A CB  1 
ATOM   224  N N   . ASN A 1 33  ? -9.940  14.638  -9.128  1.00 52.02 ? 30  ASN A N   1 
ATOM   225  C CA  . ASN A 1 33  ? -8.768  15.123  -8.399  1.00 50.13 ? 30  ASN A CA  1 
ATOM   226  C C   . ASN A 1 33  ? -7.414  14.611  -8.882  1.00 48.49 ? 30  ASN A C   1 
ATOM   227  O O   . ASN A 1 33  ? -7.175  13.400  -8.849  1.00 48.29 ? 30  ASN A O   1 
ATOM   228  C CB  . ASN A 1 33  ? -8.923  14.737  -6.929  1.00 50.11 ? 30  ASN A CB  1 
ATOM   229  C CG  . ASN A 1 33  ? -8.118  15.621  -6.018  1.00 51.17 ? 30  ASN A CG  1 
ATOM   230  O OD1 . ASN A 1 33  ? -7.144  16.261  -6.444  1.00 52.10 ? 30  ASN A OD1 1 
ATOM   231  N ND2 . ASN A 1 33  ? -8.524  15.684  -4.753  1.00 51.19 ? 30  ASN A ND2 1 
ATOM   232  N N   . VAL A 1 34  ? -6.512  15.521  -9.267  1.00 46.49 ? 31  VAL A N   1 
ATOM   233  C CA  . VAL A 1 34  ? -5.144  15.124  -9.684  1.00 44.84 ? 31  VAL A CA  1 
ATOM   234  C C   . VAL A 1 34  ? -4.187  14.793  -8.504  1.00 43.55 ? 31  VAL A C   1 
ATOM   235  O O   . VAL A 1 34  ? -3.113  14.213  -8.701  1.00 43.10 ? 31  VAL A O   1 
ATOM   236  C CB  . VAL A 1 34  ? -4.508  16.137  -10.668 1.00 44.93 ? 31  VAL A CB  1 
ATOM   237  C CG1 . VAL A 1 34  ? -3.621  17.147  -9.932  1.00 46.14 ? 31  VAL A CG1 1 
ATOM   238  C CG2 . VAL A 1 34  ? -3.694  15.427  -11.717 1.00 43.57 ? 31  VAL A CG2 1 
ATOM   239  N N   . LEU A 1 35  ? -4.608  15.158  -7.291  1.00 41.93 ? 32  LEU A N   1 
ATOM   240  C CA  . LEU A 1 35  ? -3.860  14.926  -6.055  1.00 40.17 ? 32  LEU A CA  1 
ATOM   241  C C   . LEU A 1 35  ? -4.340  13.677  -5.304  1.00 38.89 ? 32  LEU A C   1 
ATOM   242  O O   . LEU A 1 35  ? -3.985  13.473  -4.151  1.00 38.27 ? 32  LEU A O   1 
ATOM   243  C CB  . LEU A 1 35  ? -4.011  16.125  -5.118  1.00 40.07 ? 32  LEU A CB  1 
ATOM   244  C CG  . LEU A 1 35  ? -3.496  17.528  -5.450  1.00 40.49 ? 32  LEU A CG  1 
ATOM   245  C CD1 . LEU A 1 35  ? -3.913  18.451  -4.306  1.00 39.77 ? 32  LEU A CD1 1 
ATOM   246  C CD2 . LEU A 1 35  ? -1.977  17.581  -5.671  1.00 38.09 ? 32  LEU A CD2 1 
ATOM   247  N N   . VAL A 1 36  ? -5.187  12.875  -5.940  1.00 37.51 ? 33  VAL A N   1 
ATOM   248  C CA  . VAL A 1 36  ? -5.553  11.559  -5.424  1.00 35.72 ? 33  VAL A CA  1 
ATOM   249  C C   . VAL A 1 36  ? -5.159  10.594  -6.521  1.00 33.87 ? 33  VAL A C   1 
ATOM   250  O O   . VAL A 1 36  ? -5.477  10.832  -7.662  1.00 34.18 ? 33  VAL A O   1 
ATOM   251  C CB  . VAL A 1 36  ? -7.065  11.456  -5.099  1.00 35.67 ? 33  VAL A CB  1 
ATOM   252  C CG1 . VAL A 1 36  ? -7.417  10.075  -4.599  1.00 37.29 ? 33  VAL A CG1 1 
ATOM   253  C CG2 . VAL A 1 36  ? -7.444  12.431  -4.031  1.00 35.70 ? 33  VAL A CG2 1 
ATOM   254  N N   . TRP A 1 37  ? -4.415  9.545   -6.201  1.00 32.39 ? 34  TRP A N   1 
ATOM   255  C CA  . TRP A 1 37  ? -4.166  8.475   -7.174  1.00 31.09 ? 34  TRP A CA  1 
ATOM   256  C C   . TRP A 1 37  ? -4.864  7.190   -6.764  1.00 30.30 ? 34  TRP A C   1 
ATOM   257  O O   . TRP A 1 37  ? -5.193  7.004   -5.598  1.00 30.71 ? 34  TRP A O   1 
ATOM   258  C CB  . TRP A 1 37  ? -2.679  8.176   -7.341  1.00 31.41 ? 34  TRP A CB  1 
ATOM   259  C CG  . TRP A 1 37  ? -1.873  9.286   -7.826  1.00 31.60 ? 34  TRP A CG  1 
ATOM   260  C CD1 . TRP A 1 37  ? -2.318  10.498  -8.256  1.00 32.44 ? 34  TRP A CD1 1 
ATOM   261  C CD2 . TRP A 1 37  ? -0.451  9.308   -7.956  1.00 34.06 ? 34  TRP A CD2 1 
ATOM   262  N NE1 . TRP A 1 37  ? -1.267  11.281  -8.629  1.00 33.75 ? 34  TRP A NE1 1 
ATOM   263  C CE2 . TRP A 1 37  ? -0.102  10.575  -8.469  1.00 34.99 ? 34  TRP A CE2 1 
ATOM   264  C CE3 . TRP A 1 37  ? 0.579   8.371   -7.691  1.00 35.18 ? 34  TRP A CE3 1 
ATOM   265  C CZ2 . TRP A 1 37  ? 1.240   10.945  -8.728  1.00 33.72 ? 34  TRP A CZ2 1 
ATOM   266  C CZ3 . TRP A 1 37  ? 1.925   8.739   -7.958  1.00 32.66 ? 34  TRP A CZ3 1 
ATOM   267  C CH2 . TRP A 1 37  ? 2.231   10.015  -8.468  1.00 33.08 ? 34  TRP A CH2 1 
ATOM   268  N N   . HIS A 1 38  ? -5.060  6.288   -7.708  1.00 29.21 ? 35  HIS A N   1 
ATOM   269  C CA  . HIS A 1 38  ? -5.514  4.947   -7.370  1.00 29.25 ? 35  HIS A CA  1 
ATOM   270  C C   . HIS A 1 38  ? -4.627  3.998   -8.143  1.00 28.26 ? 35  HIS A C   1 
ATOM   271  O O   . HIS A 1 38  ? -4.160  4.337   -9.226  1.00 27.99 ? 35  HIS A O   1 
ATOM   272  C CB  . HIS A 1 38  ? -6.999  4.752   -7.711  1.00 29.71 ? 35  HIS A CB  1 
ATOM   273  C CG  . HIS A 1 38  ? -7.932  5.639   -6.920  1.00 32.66 ? 35  HIS A CG  1 
ATOM   274  N ND1 . HIS A 1 38  ? -8.448  5.280   -5.688  1.00 37.15 ? 35  HIS A ND1 1 
ATOM   275  C CD2 . HIS A 1 38  ? -8.462  6.856   -7.202  1.00 35.10 ? 35  HIS A CD2 1 
ATOM   276  C CE1 . HIS A 1 38  ? -9.243  6.241   -5.241  1.00 37.06 ? 35  HIS A CE1 1 
ATOM   277  N NE2 . HIS A 1 38  ? -9.267  7.212   -6.139  1.00 35.64 ? 35  HIS A NE2 1 
ATOM   278  N N   . ALA A 1 39  ? -4.350  2.839   -7.553  1.00 27.64 ? 36  ALA A N   1 
ATOM   279  C CA  . ALA A 1 39  ? -3.523  1.825   -8.164  1.00 27.06 ? 36  ALA A CA  1 
ATOM   280  C C   . ALA A 1 39  ? -3.868  0.470   -7.586  1.00 27.01 ? 36  ALA A C   1 
ATOM   281  O O   . ALA A 1 39  ? -4.314  0.387   -6.433  1.00 27.81 ? 36  ALA A O   1 
ATOM   282  C CB  . ALA A 1 39  ? -2.045  2.128   -7.918  1.00 26.79 ? 36  ALA A CB  1 
ATOM   283  N N   . LEU A 1 40  ? -3.667  -0.597  -8.369  1.00 25.92 ? 37  LEU A N   1 
ATOM   284  C CA  . LEU A 1 40  ? -3.653  -1.949  -7.793  1.00 24.77 ? 37  LEU A CA  1 
ATOM   285  C C   . LEU A 1 40  ? -2.237  -2.334  -7.324  1.00 24.29 ? 37  LEU A C   1 
ATOM   286  O O   . LEU A 1 40  ? -1.257  -2.216  -8.088  1.00 24.37 ? 37  LEU A O   1 
ATOM   287  C CB  . LEU A 1 40  ? -4.139  -2.994  -8.796  1.00 24.48 ? 37  LEU A CB  1 
ATOM   288  C CG  . LEU A 1 40  ? -5.549  -2.934  -9.373  1.00 25.52 ? 37  LEU A CG  1 
ATOM   289  C CD1 . LEU A 1 40  ? -5.845  -4.191  -10.178 1.00 22.91 ? 37  LEU A CD1 1 
ATOM   290  C CD2 . LEU A 1 40  ? -6.579  -2.742  -8.272  1.00 29.15 ? 37  LEU A CD2 1 
ATOM   291  N N   . LEU A 1 41  ? -2.130  -2.789  -6.080  1.00 22.85 ? 38  LEU A N   1 
ATOM   292  C CA  . LEU A 1 41  ? -0.906  -3.431  -5.616  1.00 21.93 ? 38  LEU A CA  1 
ATOM   293  C C   . LEU A 1 41  ? -1.044  -4.947  -5.805  1.00 21.43 ? 38  LEU A C   1 
ATOM   294  O O   . LEU A 1 41  ? -2.085  -5.532  -5.535  1.00 20.04 ? 38  LEU A O   1 
ATOM   295  C CB  . LEU A 1 41  ? -0.639  -3.125  -4.139  1.00 22.46 ? 38  LEU A CB  1 
ATOM   296  C CG  . LEU A 1 41  ? 0.672   -3.610  -3.469  1.00 22.41 ? 38  LEU A CG  1 
ATOM   297  C CD1 . LEU A 1 41  ? 1.943   -3.034  -4.128  1.00 18.80 ? 38  LEU A CD1 1 
ATOM   298  C CD2 . LEU A 1 41  ? 0.647   -3.311  -1.943  1.00 21.33 ? 38  LEU A CD2 1 
ATOM   299  N N   . LEU A 1 42  ? 0.038   -5.557  -6.260  1.00 20.89 ? 39  LEU A N   1 
ATOM   300  C CA  . LEU A 1 42  ? 0.077   -6.959  -6.532  1.00 20.98 ? 39  LEU A CA  1 
ATOM   301  C C   . LEU A 1 42  ? 1.077   -7.622  -5.611  1.00 21.55 ? 39  LEU A C   1 
ATOM   302  O O   . LEU A 1 42  ? 2.272   -7.735  -5.964  1.00 22.36 ? 39  LEU A O   1 
ATOM   303  C CB  . LEU A 1 42  ? 0.534   -7.152  -7.966  1.00 20.56 ? 39  LEU A CB  1 
ATOM   304  C CG  . LEU A 1 42  ? -0.590  -7.301  -8.982  1.00 20.26 ? 39  LEU A CG  1 
ATOM   305  C CD1 . LEU A 1 42  ? -1.478  -6.078  -8.996  1.00 17.17 ? 39  LEU A CD1 1 
ATOM   306  C CD2 . LEU A 1 42  ? 0.056   -7.573  -10.359 1.00 21.72 ? 39  LEU A CD2 1 
ATOM   307  N N   . PRO A 1 43  ? 0.633   -8.060  -4.419  1.00 21.56 ? 40  PRO A N   1 
ATOM   308  C CA  . PRO A 1 43  ? 1.682   -8.656  -3.567  1.00 21.95 ? 40  PRO A CA  1 
ATOM   309  C C   . PRO A 1 43  ? 2.147   -10.020 -4.090  1.00 21.92 ? 40  PRO A C   1 
ATOM   310  O O   . PRO A 1 43  ? 1.404   -10.682 -4.814  1.00 21.69 ? 40  PRO A O   1 
ATOM   311  C CB  . PRO A 1 43  ? 1.022   -8.744  -2.185  1.00 21.98 ? 40  PRO A CB  1 
ATOM   312  C CG  . PRO A 1 43  ? -0.299  -7.867  -2.300  1.00 21.99 ? 40  PRO A CG  1 
ATOM   313  C CD  . PRO A 1 43  ? -0.677  -8.033  -3.754  1.00 21.80 ? 40  PRO A CD  1 
ATOM   314  N N   . ASP A 1 44  ? 3.392   -10.388 -3.787  1.00 22.55 ? 41  ASP A N   1 
ATOM   315  C CA  . ASP A 1 44  ? 3.926   -11.704 -4.142  1.00 22.74 ? 41  ASP A CA  1 
ATOM   316  C C   . ASP A 1 44  ? 3.806   -12.684 -2.980  1.00 22.50 ? 41  ASP A C   1 
ATOM   317  O O   . ASP A 1 44  ? 3.930   -13.894 -3.165  1.00 22.75 ? 41  ASP A O   1 
ATOM   318  C CB  . ASP A 1 44  ? 5.395   -11.615 -4.569  1.00 23.38 ? 41  ASP A CB  1 
ATOM   319  C CG  . ASP A 1 44  ? 5.569   -11.049 -5.974  1.00 26.18 ? 41  ASP A CG  1 
ATOM   320  O OD1 . ASP A 1 44  ? 4.535   -10.803 -6.651  1.00 29.03 ? 41  ASP A OD1 1 
ATOM   321  O OD2 . ASP A 1 44  ? 6.743   -10.859 -6.399  1.00 27.64 ? 41  ASP A OD2 1 
ATOM   322  N N   . GLN A 1 45  ? 3.566   -12.174 -1.784  1.00 21.59 ? 42  GLN A N   1 
ATOM   323  C CA  . GLN A 1 45  ? 3.647   -13.012 -0.619  1.00 21.74 ? 42  GLN A CA  1 
ATOM   324  C C   . GLN A 1 45  ? 2.368   -13.827 -0.403  1.00 21.78 ? 42  GLN A C   1 
ATOM   325  O O   . GLN A 1 45  ? 1.287   -13.264 -0.304  1.00 22.06 ? 42  GLN A O   1 
ATOM   326  C CB  . GLN A 1 45  ? 3.948   -12.124 0.573   1.00 21.48 ? 42  GLN A CB  1 
ATOM   327  C CG  . GLN A 1 45  ? 3.862   -12.804 1.908   1.00 22.59 ? 42  GLN A CG  1 
ATOM   328  C CD  . GLN A 1 45  ? 4.788   -13.991 2.066   1.00 24.77 ? 42  GLN A CD  1 
ATOM   329  O OE1 . GLN A 1 45  ? 4.485   -14.872 2.861   1.00 30.40 ? 42  GLN A OE1 1 
ATOM   330  N NE2 . GLN A 1 45  ? 5.902   -14.038 1.334   1.00 20.13 ? 42  GLN A NE2 1 
ATOM   331  N N   . PRO A 1 46  ? 2.469   -15.168 -0.350  1.00 21.93 ? 43  PRO A N   1 
ATOM   332  C CA  . PRO A 1 46  ? 1.226   -15.926 -0.163  1.00 22.11 ? 43  PRO A CA  1 
ATOM   333  C C   . PRO A 1 46  ? 0.541   -15.586 1.146   1.00 21.56 ? 43  PRO A C   1 
ATOM   334  O O   . PRO A 1 46  ? 1.210   -15.254 2.101   1.00 22.92 ? 43  PRO A O   1 
ATOM   335  C CB  . PRO A 1 46  ? 1.703   -17.379 -0.181  1.00 21.41 ? 43  PRO A CB  1 
ATOM   336  C CG  . PRO A 1 46  ? 2.925   -17.317 -1.000  1.00 22.64 ? 43  PRO A CG  1 
ATOM   337  C CD  . PRO A 1 46  ? 3.603   -16.075 -0.508  1.00 22.04 ? 43  PRO A CD  1 
ATOM   338  N N   . PRO A 1 47  ? -0.786  -15.635 1.178   1.00 21.42 ? 44  PRO A N   1 
ATOM   339  C CA  . PRO A 1 47  ? -1.649  -15.901 0.015   1.00 22.12 ? 44  PRO A CA  1 
ATOM   340  C C   . PRO A 1 47  ? -2.096  -14.651 -0.745  1.00 22.85 ? 44  PRO A C   1 
ATOM   341  O O   . PRO A 1 47  ? -2.988  -14.725 -1.594  1.00 23.80 ? 44  PRO A O   1 
ATOM   342  C CB  . PRO A 1 47  ? -2.867  -16.545 0.663   1.00 21.13 ? 44  PRO A CB  1 
ATOM   343  C CG  . PRO A 1 47  ? -3.021  -15.722 1.904   1.00 21.33 ? 44  PRO A CG  1 
ATOM   344  C CD  . PRO A 1 47  ? -1.582  -15.494 2.409   1.00 20.63 ? 44  PRO A CD  1 
ATOM   345  N N   . TYR A 1 48  ? -1.501  -13.505 -0.447  1.00 23.61 ? 45  TYR A N   1 
ATOM   346  C CA  . TYR A 1 48  ? -1.910  -12.268 -1.109  1.00 23.99 ? 45  TYR A CA  1 
ATOM   347  C C   . TYR A 1 48  ? -1.622  -12.242 -2.604  1.00 24.53 ? 45  TYR A C   1 
ATOM   348  O O   . TYR A 1 48  ? -2.200  -11.412 -3.319  1.00 26.00 ? 45  TYR A O   1 
ATOM   349  C CB  . TYR A 1 48  ? -1.272  -11.055 -0.437  1.00 24.04 ? 45  TYR A CB  1 
ATOM   350  C CG  . TYR A 1 48  ? -1.377  -11.103 1.047   1.00 22.30 ? 45  TYR A CG  1 
ATOM   351  C CD1 . TYR A 1 48  ? -2.572  -10.802 1.692   1.00 18.72 ? 45  TYR A CD1 1 
ATOM   352  C CD2 . TYR A 1 48  ? -0.281  -11.489 1.817   1.00 23.21 ? 45  TYR A CD2 1 
ATOM   353  C CE1 . TYR A 1 48  ? -2.670  -10.883 3.087   1.00 18.35 ? 45  TYR A CE1 1 
ATOM   354  C CE2 . TYR A 1 48  ? -0.361  -11.564 3.213   1.00 21.83 ? 45  TYR A CE2 1 
ATOM   355  C CZ  . TYR A 1 48  ? -1.562  -11.261 3.839   1.00 22.71 ? 45  TYR A CZ  1 
ATOM   356  O OH  . TYR A 1 48  ? -1.622  -11.321 5.226   1.00 24.25 ? 45  TYR A OH  1 
ATOM   357  N N   . HIS A 1 49  ? -0.777  -13.139 -3.096  1.00 23.94 ? 46  HIS A N   1 
ATOM   358  C CA  . HIS A 1 49  ? -0.425  -13.139 -4.531  1.00 24.86 ? 46  HIS A CA  1 
ATOM   359  C C   . HIS A 1 49  ? -1.596  -13.616 -5.411  1.00 24.65 ? 46  HIS A C   1 
ATOM   360  O O   . HIS A 1 49  ? -1.546  -13.533 -6.646  1.00 24.70 ? 46  HIS A O   1 
ATOM   361  C CB  . HIS A 1 49  ? 0.779   -14.054 -4.771  1.00 25.03 ? 46  HIS A CB  1 
ATOM   362  C CG  . HIS A 1 49  ? 0.460   -15.489 -4.514  1.00 25.52 ? 46  HIS A CG  1 
ATOM   363  N ND1 . HIS A 1 49  ? -0.056  -15.923 -3.310  1.00 26.38 ? 46  HIS A ND1 1 
ATOM   364  C CD2 . HIS A 1 49  ? 0.520   -16.576 -5.314  1.00 25.24 ? 46  HIS A CD2 1 
ATOM   365  C CE1 . HIS A 1 49  ? -0.278  -17.222 -3.370  1.00 24.83 ? 46  HIS A CE1 1 
ATOM   366  N NE2 . HIS A 1 49  ? 0.069   -17.642 -4.573  1.00 25.75 ? 46  HIS A NE2 1 
ATOM   367  N N   . LEU A 1 50  ? -2.639  -14.129 -4.779  1.00 24.41 ? 47  LEU A N   1 
ATOM   368  C CA  . LEU A 1 50  ? -3.838  -14.570 -5.494  1.00 24.30 ? 47  LEU A CA  1 
ATOM   369  C C   . LEU A 1 50  ? -4.704  -13.372 -5.911  1.00 24.12 ? 47  LEU A C   1 
ATOM   370  O O   . LEU A 1 50  ? -5.541  -13.478 -6.806  1.00 24.01 ? 47  LEU A O   1 
ATOM   371  C CB  . LEU A 1 50  ? -4.700  -15.495 -4.608  1.00 23.99 ? 47  LEU A CB  1 
ATOM   372  C CG  . LEU A 1 50  ? -4.173  -16.784 -3.994  1.00 24.86 ? 47  LEU A CG  1 
ATOM   373  C CD1 . LEU A 1 50  ? -5.104  -17.237 -2.850  1.00 23.98 ? 47  LEU A CD1 1 
ATOM   374  C CD2 . LEU A 1 50  ? -4.038  -17.851 -5.100  1.00 22.82 ? 47  LEU A CD2 1 
ATOM   375  N N   . LYS A 1 51  ? -4.557  -12.244 -5.226  1.00 23.97 ? 48  LYS A N   1 
ATOM   376  C CA  . LYS A 1 51  ? -5.389  -11.107 -5.556  1.00 23.80 ? 48  LYS A CA  1 
ATOM   377  C C   . LYS A 1 51  ? -4.555  -9.856  -5.664  1.00 23.88 ? 48  LYS A C   1 
ATOM   378  O O   . LYS A 1 51  ? -3.324  -9.896  -5.515  1.00 23.73 ? 48  LYS A O   1 
ATOM   379  C CB  . LYS A 1 51  ? -6.538  -10.945 -4.564  1.00 23.93 ? 48  LYS A CB  1 
ATOM   380  C CG  . LYS A 1 51  ? -7.560  -12.110 -4.574  1.00 24.80 ? 48  LYS A CG  1 
ATOM   381  C CD  . LYS A 1 51  ? -8.192  -12.361 -5.933  1.00 23.71 ? 48  LYS A CD  1 
ATOM   382  C CE  . LYS A 1 51  ? -9.422  -13.263 -5.818  1.00 25.66 ? 48  LYS A CE  1 
ATOM   383  N NZ  . LYS A 1 51  ? -10.214 -13.379 -7.121  1.00 25.65 ? 48  LYS A NZ  1 
ATOM   384  N N   . ALA A 1 52  ? -5.233  -8.760  -5.979  1.00 23.74 ? 49  ALA A N   1 
ATOM   385  C CA  . ALA A 1 52  ? -4.591  -7.468  -6.205  1.00 24.07 ? 49  ALA A CA  1 
ATOM   386  C C   . ALA A 1 52  ? -5.305  -6.533  -5.274  1.00 23.95 ? 49  ALA A C   1 
ATOM   387  O O   . ALA A 1 52  ? -6.450  -6.777  -4.928  1.00 24.51 ? 49  ALA A O   1 
ATOM   388  C CB  . ALA A 1 52  ? -4.736  -7.019  -7.676  1.00 23.94 ? 49  ALA A CB  1 
ATOM   389  N N   . PHE A 1 53  ? -4.641  -5.476  -4.825  1.00 24.77 ? 50  PHE A N   1 
ATOM   390  C CA  . PHE A 1 53  ? -5.245  -4.637  -3.766  1.00 24.99 ? 50  PHE A CA  1 
ATOM   391  C C   . PHE A 1 53  ? -5.215  -3.181  -4.165  1.00 25.39 ? 50  PHE A C   1 
ATOM   392  O O   . PHE A 1 53  ? -4.142  -2.637  -4.432  1.00 24.46 ? 50  PHE A O   1 
ATOM   393  C CB  . PHE A 1 53  ? -4.528  -4.894  -2.421  1.00 24.44 ? 50  PHE A CB  1 
ATOM   394  C CG  . PHE A 1 53  ? -4.766  -6.278  -1.876  1.00 24.71 ? 50  PHE A CG  1 
ATOM   395  C CD1 . PHE A 1 53  ? -5.834  -6.526  -0.999  1.00 23.68 ? 50  PHE A CD1 1 
ATOM   396  C CD2 . PHE A 1 53  ? -3.961  -7.354  -2.276  1.00 21.61 ? 50  PHE A CD2 1 
ATOM   397  C CE1 . PHE A 1 53  ? -6.085  -7.833  -0.535  1.00 22.51 ? 50  PHE A CE1 1 
ATOM   398  C CE2 . PHE A 1 53  ? -4.213  -8.629  -1.818  1.00 19.26 ? 50  PHE A CE2 1 
ATOM   399  C CZ  . PHE A 1 53  ? -5.261  -8.873  -0.956  1.00 21.14 ? 50  PHE A CZ  1 
ATOM   400  N N   . ASN A 1 54  ? -6.390  -2.569  -4.257  1.00 27.23 ? 51  ASN A N   1 
ATOM   401  C CA  . ASN A 1 54  ? -6.453  -1.156  -4.631  1.00 29.63 ? 51  ASN A CA  1 
ATOM   402  C C   . ASN A 1 54  ? -6.189  -0.196  -3.481  1.00 29.40 ? 51  ASN A C   1 
ATOM   403  O O   . ASN A 1 54  ? -6.662  -0.372  -2.365  1.00 29.36 ? 51  ASN A O   1 
ATOM   404  C CB  . ASN A 1 54  ? -7.741  -0.777  -5.394  1.00 30.91 ? 51  ASN A CB  1 
ATOM   405  C CG  . ASN A 1 54  ? -7.651  0.656   -6.031  1.00 34.73 ? 51  ASN A CG  1 
ATOM   406  O OD1 . ASN A 1 54  ? -7.914  1.661   -5.349  1.00 38.16 ? 51  ASN A OD1 1 
ATOM   407  N ND2 . ASN A 1 54  ? -7.249  0.741   -7.322  1.00 36.57 ? 51  ASN A ND2 1 
ATOM   408  N N   . LEU A 1 55  ? -5.426  0.838   -3.783  1.00 30.25 ? 52  LEU A N   1 
ATOM   409  C CA  . LEU A 1 55  ? -5.048  1.839   -2.812  1.00 31.03 ? 52  LEU A CA  1 
ATOM   410  C C   . LEU A 1 55  ? -5.288  3.249   -3.266  1.00 30.90 ? 52  LEU A C   1 
ATOM   411  O O   . LEU A 1 55  ? -5.214  3.572   -4.448  1.00 30.67 ? 52  LEU A O   1 
ATOM   412  C CB  . LEU A 1 55  ? -3.584  1.678   -2.416  1.00 31.48 ? 52  LEU A CB  1 
ATOM   413  C CG  . LEU A 1 55  ? -2.728  1.024   -3.474  1.00 34.18 ? 52  LEU A CG  1 
ATOM   414  C CD1 . LEU A 1 55  ? -2.171  2.119   -4.346  1.00 38.74 ? 52  LEU A CD1 1 
ATOM   415  C CD2 . LEU A 1 55  ? -1.601  0.242   -2.835  1.00 35.86 ? 52  LEU A CD2 1 
ATOM   416  N N   . ARG A 1 56  ? -5.570  4.090   -2.282  1.00 32.08 ? 53  ARG A N   1 
ATOM   417  C CA  . ARG A 1 56  ? -5.761  5.508   -2.481  1.00 32.90 ? 53  ARG A CA  1 
ATOM   418  C C   . ARG A 1 56  ? -4.562  6.261   -1.892  1.00 32.75 ? 53  ARG A C   1 
ATOM   419  O O   . ARG A 1 56  ? -4.282  6.193   -0.685  1.00 31.25 ? 53  ARG A O   1 
ATOM   420  C CB  . ARG A 1 56  ? -7.060  5.923   -1.816  1.00 33.54 ? 53  ARG A CB  1 
ATOM   421  C CG  . ARG A 1 56  ? -7.520  7.341   -2.117  1.00 37.13 ? 53  ARG A CG  1 
ATOM   422  C CD  . ARG A 1 56  ? -8.910  7.524   -1.510  1.00 44.05 ? 53  ARG A CD  1 
ATOM   423  N NE  . ARG A 1 56  ? -9.544  8.757   -1.973  1.00 50.40 ? 53  ARG A NE  1 
ATOM   424  C CZ  . ARG A 1 56  ? -9.493  9.929   -1.330  1.00 53.07 ? 53  ARG A CZ  1 
ATOM   425  N NH1 . ARG A 1 56  ? -8.818  10.050  -0.183  1.00 54.81 ? 53  ARG A NH1 1 
ATOM   426  N NH2 . ARG A 1 56  ? -10.101 10.994  -1.844  1.00 51.20 ? 53  ARG A NH2 1 
ATOM   427  N N   . ILE A 1 57  ? -3.840  6.933   -2.783  1.00 33.20 ? 54  ILE A N   1 
ATOM   428  C CA  . ILE A 1 57  ? -2.730  7.807   -2.442  1.00 33.66 ? 54  ILE A CA  1 
ATOM   429  C C   . ILE A 1 57  ? -3.192  9.260   -2.558  1.00 34.93 ? 54  ILE A C   1 
ATOM   430  O O   . ILE A 1 57  ? -3.489  9.741   -3.654  1.00 35.17 ? 54  ILE A O   1 
ATOM   431  C CB  . ILE A 1 57  ? -1.533  7.555   -3.386  1.00 33.50 ? 54  ILE A CB  1 
ATOM   432  C CG1 . ILE A 1 57  ? -1.176  6.079   -3.363  1.00 32.77 ? 54  ILE A CG1 1 
ATOM   433  C CG2 . ILE A 1 57  ? -0.335  8.426   -3.020  1.00 31.03 ? 54  ILE A CG2 1 
ATOM   434  C CD1 . ILE A 1 57  ? -0.920  5.533   -4.728  1.00 34.79 ? 54  ILE A CD1 1 
ATOM   435  N N   . SER A 1 58  ? -3.254  9.950   -1.422  1.00 36.27 ? 55  SER A N   1 
ATOM   436  C CA  . SER A 1 58  ? -3.648  11.351  -1.379  1.00 37.44 ? 55  SER A CA  1 
ATOM   437  C C   . SER A 1 58  ? -2.461  12.272  -1.133  1.00 38.32 ? 55  SER A C   1 
ATOM   438  O O   . SER A 1 58  ? -1.709  12.089  -0.166  1.00 38.70 ? 55  SER A O   1 
ATOM   439  C CB  . SER A 1 58  ? -4.655  11.577  -0.268  1.00 37.14 ? 55  SER A CB  1 
ATOM   440  O OG  . SER A 1 58  ? -5.842  10.886  -0.558  1.00 39.58 ? 55  SER A OG  1 
ATOM   441  N N   . PHE A 1 59  ? -2.308  13.262  -2.004  1.00 38.74 ? 56  PHE A N   1 
ATOM   442  C CA  . PHE A 1 59  ? -1.369  14.342  -1.800  1.00 39.33 ? 56  PHE A CA  1 
ATOM   443  C C   . PHE A 1 59  ? -2.065  15.559  -1.207  1.00 40.21 ? 56  PHE A C   1 
ATOM   444  O O   . PHE A 1 59  ? -3.024  16.072  -1.774  1.00 40.25 ? 56  PHE A O   1 
ATOM   445  C CB  . PHE A 1 59  ? -0.719  14.704  -3.127  1.00 39.15 ? 56  PHE A CB  1 
ATOM   446  C CG  . PHE A 1 59  ? -0.020  13.565  -3.757  1.00 38.47 ? 56  PHE A CG  1 
ATOM   447  C CD1 . PHE A 1 59  ? 1.334   13.344  -3.506  1.00 37.82 ? 56  PHE A CD1 1 
ATOM   448  C CD2 . PHE A 1 59  ? -0.709  12.689  -4.575  1.00 37.34 ? 56  PHE A CD2 1 
ATOM   449  C CE1 . PHE A 1 59  ? 1.998   12.273  -4.077  1.00 36.92 ? 56  PHE A CE1 1 
ATOM   450  C CE2 . PHE A 1 59  ? -0.061  11.617  -5.149  1.00 37.06 ? 56  PHE A CE2 1 
ATOM   451  C CZ  . PHE A 1 59  ? 1.298   11.406  -4.900  1.00 37.21 ? 56  PHE A CZ  1 
ATOM   452  N N   . PRO A 1 60  ? -1.570  16.040  -0.063  1.00 41.47 ? 57  PRO A N   1 
ATOM   453  C CA  . PRO A 1 60  ? -2.052  17.272  0.593   1.00 42.01 ? 57  PRO A CA  1 
ATOM   454  C C   . PRO A 1 60  ? -1.674  18.515  -0.230  1.00 42.92 ? 57  PRO A C   1 
ATOM   455  O O   . PRO A 1 60  ? -0.731  18.447  -1.034  1.00 42.80 ? 57  PRO A O   1 
ATOM   456  C CB  . PRO A 1 60  ? -1.278  17.273  1.893   1.00 42.04 ? 57  PRO A CB  1 
ATOM   457  C CG  . PRO A 1 60  ? 0.006   16.541  1.540   1.00 42.16 ? 57  PRO A CG  1 
ATOM   458  C CD  . PRO A 1 60  ? -0.451  15.429  0.671   1.00 41.14 ? 57  PRO A CD  1 
ATOM   459  N N   . PRO A 1 61  ? -2.386  19.652  -0.034  1.00 43.62 ? 58  PRO A N   1 
ATOM   460  C CA  . PRO A 1 61  ? -2.071  20.828  -0.865  1.00 43.98 ? 58  PRO A CA  1 
ATOM   461  C C   . PRO A 1 61  ? -0.643  21.317  -0.611  1.00 43.93 ? 58  PRO A C   1 
ATOM   462  O O   . PRO A 1 61  ? -0.028  21.942  -1.486  1.00 44.27 ? 58  PRO A O   1 
ATOM   463  C CB  . PRO A 1 61  ? -3.114  21.879  -0.432  1.00 44.34 ? 58  PRO A CB  1 
ATOM   464  C CG  . PRO A 1 61  ? -3.617  21.436  0.908   1.00 44.83 ? 58  PRO A CG  1 
ATOM   465  C CD  . PRO A 1 61  ? -3.469  19.918  0.936   1.00 44.18 ? 58  PRO A CD  1 
ATOM   466  N N   . GLU A 1 62  ? -0.118  20.983  0.563   1.00 44.01 ? 59  GLU A N   1 
ATOM   467  C CA  . GLU A 1 62  ? 1.239   21.352  0.958   1.00 44.33 ? 59  GLU A CA  1 
ATOM   468  C C   . GLU A 1 62  ? 2.345   20.474  0.342   1.00 43.81 ? 59  GLU A C   1 
ATOM   469  O O   . GLU A 1 62  ? 3.517   20.880  0.335   1.00 44.04 ? 59  GLU A O   1 
ATOM   470  C CB  . GLU A 1 62  ? 1.361   21.335  2.484   1.00 44.70 ? 59  GLU A CB  1 
ATOM   471  C CG  . GLU A 1 62  ? 0.291   22.160  3.232   1.00 47.84 ? 59  GLU A CG  1 
ATOM   472  C CD  . GLU A 1 62  ? -0.893  21.342  3.801   1.00 50.72 ? 59  GLU A CD  1 
ATOM   473  O OE1 . GLU A 1 62  ? -1.215  20.242  3.286   1.00 49.78 ? 59  GLU A OE1 1 
ATOM   474  O OE2 . GLU A 1 62  ? -1.513  21.836  4.779   1.00 51.22 ? 59  GLU A OE2 1 
ATOM   475  N N   . TYR A 1 63  ? 1.993   19.280  -0.152  1.00 42.58 ? 60  TYR A N   1 
ATOM   476  C CA  . TYR A 1 63  ? 2.987   18.358  -0.737  1.00 41.14 ? 60  TYR A CA  1 
ATOM   477  C C   . TYR A 1 63  ? 3.928   19.136  -1.660  1.00 41.30 ? 60  TYR A C   1 
ATOM   478  O O   . TYR A 1 63  ? 3.438   19.795  -2.577  1.00 41.19 ? 60  TYR A O   1 
ATOM   479  C CB  . TYR A 1 63  ? 2.300   17.225  -1.519  1.00 40.07 ? 60  TYR A CB  1 
ATOM   480  C CG  . TYR A 1 63  ? 3.269   16.215  -2.108  1.00 38.71 ? 60  TYR A CG  1 
ATOM   481  C CD1 . TYR A 1 63  ? 3.940   15.295  -1.291  1.00 39.08 ? 60  TYR A CD1 1 
ATOM   482  C CD2 . TYR A 1 63  ? 3.530   16.187  -3.464  1.00 35.31 ? 60  TYR A CD2 1 
ATOM   483  C CE1 . TYR A 1 63  ? 4.852   14.385  -1.829  1.00 37.99 ? 60  TYR A CE1 1 
ATOM   484  C CE2 . TYR A 1 63  ? 4.425   15.287  -4.006  1.00 36.76 ? 60  TYR A CE2 1 
ATOM   485  C CZ  . TYR A 1 63  ? 5.080   14.383  -3.183  1.00 37.96 ? 60  TYR A CZ  1 
ATOM   486  O OH  . TYR A 1 63  ? 5.969   13.487  -3.713  1.00 38.55 ? 60  TYR A OH  1 
ATOM   487  N N   . PRO A 1 64  ? 5.275   18.978  -1.514  1.00 41.27 ? 61  PRO A N   1 
ATOM   488  C CA  . PRO A 1 64  ? 6.071   17.970  -0.814  1.00 40.91 ? 61  PRO A CA  1 
ATOM   489  C C   . PRO A 1 64  ? 6.595   18.337  0.547   1.00 40.95 ? 61  PRO A C   1 
ATOM   490  O O   . PRO A 1 64  ? 7.414   17.604  1.087   1.00 40.60 ? 61  PRO A O   1 
ATOM   491  C CB  . PRO A 1 64  ? 7.274   17.773  -1.743  1.00 40.70 ? 61  PRO A CB  1 
ATOM   492  C CG  . PRO A 1 64  ? 7.323   19.007  -2.630  1.00 41.24 ? 61  PRO A CG  1 
ATOM   493  C CD  . PRO A 1 64  ? 6.166   19.902  -2.237  1.00 41.78 ? 61  PRO A CD  1 
ATOM   494  N N   . PHE A 1 65  ? 6.145   19.450  1.099   1.00 41.52 ? 62  PHE A N   1 
ATOM   495  C CA  . PHE A 1 65  ? 6.521   19.796  2.452   1.00 42.68 ? 62  PHE A CA  1 
ATOM   496  C C   . PHE A 1 65  ? 5.813   18.843  3.388   1.00 42.51 ? 62  PHE A C   1 
ATOM   497  O O   . PHE A 1 65  ? 6.424   18.336  4.310   1.00 43.06 ? 62  PHE A O   1 
ATOM   498  C CB  . PHE A 1 65  ? 6.205   21.256  2.769   1.00 43.88 ? 62  PHE A CB  1 
ATOM   499  C CG  . PHE A 1 65  ? 6.764   22.231  1.755   1.00 46.18 ? 62  PHE A CG  1 
ATOM   500  C CD1 . PHE A 1 65  ? 8.066   22.078  1.262   1.00 48.26 ? 62  PHE A CD1 1 
ATOM   501  C CD2 . PHE A 1 65  ? 5.983   23.302  1.288   1.00 48.10 ? 62  PHE A CD2 1 
ATOM   502  C CE1 . PHE A 1 65  ? 8.586   22.978  0.312   1.00 49.85 ? 62  PHE A CE1 1 
ATOM   503  C CE2 . PHE A 1 65  ? 6.498   24.214  0.354   1.00 49.51 ? 62  PHE A CE2 1 
ATOM   504  C CZ  . PHE A 1 65  ? 7.807   24.047  -0.143  1.00 48.32 ? 62  PHE A CZ  1 
ATOM   505  N N   . LYS A 1 66  ? 4.534   18.575  3.119   1.00 42.65 ? 63  LYS A N   1 
ATOM   506  C CA  . LYS A 1 66  ? 3.761   17.520  3.817   1.00 41.97 ? 63  LYS A CA  1 
ATOM   507  C C   . LYS A 1 66  ? 3.844   16.194  3.059   1.00 40.33 ? 63  LYS A C   1 
ATOM   508  O O   . LYS A 1 66  ? 3.948   16.204  1.830   1.00 39.80 ? 63  LYS A O   1 
ATOM   509  C CB  . LYS A 1 66  ? 2.284   17.915  3.984   1.00 42.46 ? 63  LYS A CB  1 
ATOM   510  C CG  . LYS A 1 66  ? 1.966   18.720  5.235   1.00 44.47 ? 63  LYS A CG  1 
ATOM   511  C CD  . LYS A 1 66  ? 0.623   18.284  5.822   1.00 49.01 ? 63  LYS A CD  1 
ATOM   512  C CE  . LYS A 1 66  ? -0.037  19.388  6.656   1.00 50.82 ? 63  LYS A CE  1 
ATOM   513  N NZ  . LYS A 1 66  ? 0.956   20.339  7.288   1.00 52.92 ? 63  LYS A NZ  1 
ATOM   514  N N   . PRO A 1 67  ? 3.780   15.051  3.794   1.00 39.70 ? 64  PRO A N   1 
ATOM   515  C CA  . PRO A 1 67  ? 3.837   13.696  3.176   1.00 38.96 ? 64  PRO A CA  1 
ATOM   516  C C   . PRO A 1 67  ? 2.482   13.285  2.606   1.00 38.78 ? 64  PRO A C   1 
ATOM   517  O O   . PRO A 1 67  ? 1.440   13.750  3.113   1.00 38.66 ? 64  PRO A O   1 
ATOM   518  C CB  . PRO A 1 67  ? 4.195   12.781  4.351   1.00 38.69 ? 64  PRO A CB  1 
ATOM   519  C CG  . PRO A 1 67  ? 3.687   13.511  5.571   1.00 39.16 ? 64  PRO A CG  1 
ATOM   520  C CD  . PRO A 1 67  ? 3.626   14.986  5.267   1.00 38.82 ? 64  PRO A CD  1 
ATOM   521  N N   . PRO A 1 68  ? 2.479   12.418  1.566   1.00 38.49 ? 65  PRO A N   1 
ATOM   522  C CA  . PRO A 1 68  ? 1.214   11.922  1.064   1.00 38.36 ? 65  PRO A CA  1 
ATOM   523  C C   . PRO A 1 68  ? 0.668   10.863  1.997   1.00 38.49 ? 65  PRO A C   1 
ATOM   524  O O   . PRO A 1 68  ? 1.328   10.462  2.964   1.00 38.01 ? 65  PRO A O   1 
ATOM   525  C CB  . PRO A 1 68  ? 1.590   11.315  -0.283  1.00 37.87 ? 65  PRO A CB  1 
ATOM   526  C CG  . PRO A 1 68  ? 2.940   10.888  -0.109  1.00 37.31 ? 65  PRO A CG  1 
ATOM   527  C CD  . PRO A 1 68  ? 3.605   11.844  0.813   1.00 38.38 ? 65  PRO A CD  1 
ATOM   528  N N   . MET A 1 69  ? -0.547  10.438  1.719   1.00 38.92 ? 66  MET A N   1 
ATOM   529  C CA  . MET A 1 69  ? -1.244  9.521   2.585   1.00 40.17 ? 66  MET A CA  1 
ATOM   530  C C   . MET A 1 69  ? -1.756  8.387   1.730   1.00 38.49 ? 66  MET A C   1 
ATOM   531  O O   . MET A 1 69  ? -2.456  8.618   0.739   1.00 38.11 ? 66  MET A O   1 
ATOM   532  C CB  . MET A 1 69  ? -2.400  10.241  3.274   1.00 40.07 ? 66  MET A CB  1 
ATOM   533  C CG  . MET A 1 69  ? -1.948  11.247  4.358   1.00 42.67 ? 66  MET A CG  1 
ATOM   534  S SD  . MET A 1 69  ? -3.149  12.583  4.632   1.00 47.27 ? 66  MET A SD  1 
ATOM   535  C CE  . MET A 1 69  ? -2.993  13.610  3.142   1.00 43.35 ? 66  MET A CE  1 
ATOM   536  N N   . ILE A 1 70  ? -1.370  7.168   2.116   1.00 37.34 ? 67  ILE A N   1 
ATOM   537  C CA  . ILE A 1 70  ? -1.793  5.941   1.465   1.00 35.85 ? 67  ILE A CA  1 
ATOM   538  C C   . ILE A 1 70  ? -2.753  5.170   2.352   1.00 35.55 ? 67  ILE A C   1 
ATOM   539  O O   . ILE A 1 70  ? -2.519  5.039   3.545   1.00 35.50 ? 67  ILE A O   1 
ATOM   540  C CB  . ILE A 1 70  ? -0.594  5.051   1.151   1.00 35.46 ? 67  ILE A CB  1 
ATOM   541  C CG1 . ILE A 1 70  ? 0.477   5.890   0.463   1.00 34.52 ? 67  ILE A CG1 1 
ATOM   542  C CG2 . ILE A 1 70  ? -1.034  3.887   0.291   1.00 34.83 ? 67  ILE A CG2 1 
ATOM   543  C CD1 . ILE A 1 70  ? 1.622   5.119   0.019   1.00 35.86 ? 67  ILE A CD1 1 
ATOM   544  N N   . LYS A 1 71  ? -3.839  4.681   1.763   1.00 34.99 ? 68  LYS A N   1 
ATOM   545  C CA  . LYS A 1 71  ? -4.694  3.709   2.429   1.00 35.36 ? 68  LYS A CA  1 
ATOM   546  C C   . LYS A 1 71  ? -5.093  2.609   1.440   1.00 33.85 ? 68  LYS A C   1 
ATOM   547  O O   . LYS A 1 71  ? -5.168  2.870   0.228   1.00 34.08 ? 68  LYS A O   1 
ATOM   548  C CB  . LYS A 1 71  ? -5.922  4.382   3.053   1.00 35.17 ? 68  LYS A CB  1 
ATOM   549  C CG  . LYS A 1 71  ? -7.040  4.709   2.091   1.00 36.66 ? 68  LYS A CG  1 
ATOM   550  C CD  . LYS A 1 71  ? -8.238  5.404   2.822   1.00 38.64 ? 68  LYS A CD  1 
ATOM   551  C CE  . LYS A 1 71  ? -9.152  4.419   3.600   1.00 42.51 ? 68  LYS A CE  1 
ATOM   552  N NZ  . LYS A 1 71  ? -10.027 3.593   2.681   1.00 43.16 ? 68  LYS A NZ  1 
ATOM   553  N N   . PHE A 1 72  ? -5.308  1.387   1.933   1.00 31.96 ? 69  PHE A N   1 
ATOM   554  C CA  . PHE A 1 72  ? -5.963  0.351   1.099   1.00 30.81 ? 69  PHE A CA  1 
ATOM   555  C C   . PHE A 1 72  ? -7.465  0.599   1.011   1.00 30.24 ? 69  PHE A C   1 
ATOM   556  O O   . PHE A 1 72  ? -8.093  0.902   2.022   1.00 29.68 ? 69  PHE A O   1 
ATOM   557  C CB  . PHE A 1 72  ? -5.676  -1.059  1.626   1.00 29.80 ? 69  PHE A CB  1 
ATOM   558  C CG  . PHE A 1 72  ? -4.275  -1.473  1.404   1.00 29.85 ? 69  PHE A CG  1 
ATOM   559  C CD1 . PHE A 1 72  ? -3.888  -2.041  0.191   1.00 30.92 ? 69  PHE A CD1 1 
ATOM   560  C CD2 . PHE A 1 72  ? -3.300  -1.216  2.369   1.00 28.83 ? 69  PHE A CD2 1 
ATOM   561  C CE1 . PHE A 1 72  ? -2.546  -2.371  -0.037  1.00 31.79 ? 69  PHE A CE1 1 
ATOM   562  C CE2 . PHE A 1 72  ? -1.961  -1.558  2.149   1.00 27.96 ? 69  PHE A CE2 1 
ATOM   563  C CZ  . PHE A 1 72  ? -1.586  -2.136  0.964   1.00 28.98 ? 69  PHE A CZ  1 
ATOM   564  N N   . THR A 1 73  ? -8.039  0.487   -0.187  1.00 29.57 ? 70  THR A N   1 
ATOM   565  C CA  . THR A 1 73  ? -9.483  0.584   -0.310  1.00 29.61 ? 70  THR A CA  1 
ATOM   566  C C   . THR A 1 73  ? -10.073 -0.808  -0.332  1.00 29.67 ? 70  THR A C   1 
ATOM   567  O O   . THR A 1 73  ? -11.105 -1.072  0.288   1.00 30.34 ? 70  THR A O   1 
ATOM   568  C CB  . THR A 1 73  ? -9.939  1.404   -1.534  1.00 30.27 ? 70  THR A CB  1 
ATOM   569  O OG1 . THR A 1 73  ? -9.007  1.236   -2.606  1.00 29.57 ? 70  THR A OG1 1 
ATOM   570  C CG2 . THR A 1 73  ? -10.005 2.909   -1.168  1.00 30.33 ? 70  THR A CG2 1 
ATOM   571  N N   . THR A 1 74  ? -9.407  -1.703  -1.047  1.00 28.78 ? 71  THR A N   1 
ATOM   572  C CA  . THR A 1 74  ? -9.668  -3.114  -0.909  1.00 27.72 ? 71  THR A CA  1 
ATOM   573  C C   . THR A 1 74  ? -9.341  -3.572  0.512   1.00 27.40 ? 71  THR A C   1 
ATOM   574  O O   . THR A 1 74  ? -8.287  -3.227  1.027   1.00 27.05 ? 71  THR A O   1 
ATOM   575  C CB  . THR A 1 74  ? -8.779  -3.885  -1.872  1.00 27.39 ? 71  THR A CB  1 
ATOM   576  O OG1 . THR A 1 74  ? -8.981  -3.365  -3.184  1.00 24.98 ? 71  THR A OG1 1 
ATOM   577  C CG2 . THR A 1 74  ? -9.088  -5.401  -1.826  1.00 26.25 ? 71  THR A CG2 1 
ATOM   578  N N   . LYS A 1 75  ? -10.228 -4.372  1.119   1.00 27.82 ? 72  LYS A N   1 
ATOM   579  C CA  . LYS A 1 75  ? -9.950  -5.006  2.420   1.00 27.67 ? 72  LYS A CA  1 
ATOM   580  C C   . LYS A 1 75  ? -8.827  -6.027  2.263   1.00 26.91 ? 72  LYS A C   1 
ATOM   581  O O   . LYS A 1 75  ? -8.778  -6.752  1.264   1.00 26.26 ? 72  LYS A O   1 
ATOM   582  C CB  . LYS A 1 75  ? -11.185 -5.692  3.024   1.00 28.39 ? 72  LYS A CB  1 
ATOM   583  C CG  . LYS A 1 75  ? -12.434 -4.861  3.181   1.00 30.33 ? 72  LYS A CG  1 
ATOM   584  C CD  . LYS A 1 75  ? -12.142 -3.580  3.927   1.00 36.42 ? 72  LYS A CD  1 
ATOM   585  C CE  . LYS A 1 75  ? -13.447 -2.815  4.259   1.00 41.57 ? 72  LYS A CE  1 
ATOM   586  N NZ  . LYS A 1 75  ? -13.163 -1.481  4.886   1.00 41.63 ? 72  LYS A NZ  1 
ATOM   587  N N   . ILE A 1 76  ? -7.920  -6.049  3.244   1.00 25.69 ? 73  ILE A N   1 
ATOM   588  C CA  . ILE A 1 76  ? -6.804  -7.014  3.299   1.00 24.24 ? 73  ILE A CA  1 
ATOM   589  C C   . ILE A 1 76  ? -6.647  -7.459  4.762   1.00 23.76 ? 73  ILE A C   1 
ATOM   590  O O   . ILE A 1 76  ? -6.870  -6.665  5.684   1.00 24.77 ? 73  ILE A O   1 
ATOM   591  C CB  . ILE A 1 76  ? -5.501  -6.375  2.742   1.00 23.66 ? 73  ILE A CB  1 
ATOM   592  C CG1 . ILE A 1 76  ? -4.361  -7.373  2.655   1.00 22.27 ? 73  ILE A CG1 1 
ATOM   593  C CG2 . ILE A 1 76  ? -5.046  -5.234  3.594   1.00 24.56 ? 73  ILE A CG2 1 
ATOM   594  C CD1 . ILE A 1 76  ? -3.135  -6.786  1.941   1.00 23.33 ? 73  ILE A CD1 1 
ATOM   595  N N   . TYR A 1 77  ? -6.316  -8.721  4.982   1.00 22.80 ? 74  TYR A N   1 
ATOM   596  C CA  . TYR A 1 77  ? -6.083  -9.270  6.329   1.00 22.05 ? 74  TYR A CA  1 
ATOM   597  C C   . TYR A 1 77  ? -4.578  -9.334  6.493   1.00 21.51 ? 74  TYR A C   1 
ATOM   598  O O   . TYR A 1 77  ? -3.926  -10.163 5.876   1.00 21.42 ? 74  TYR A O   1 
ATOM   599  C CB  . TYR A 1 77  ? -6.709  -10.667 6.373   1.00 22.23 ? 74  TYR A CB  1 
ATOM   600  C CG  . TYR A 1 77  ? -6.533  -11.508 7.631   1.00 23.06 ? 74  TYR A CG  1 
ATOM   601  C CD1 . TYR A 1 77  ? -7.528  -11.538 8.632   1.00 23.33 ? 74  TYR A CD1 1 
ATOM   602  C CD2 . TYR A 1 77  ? -5.420  -12.349 7.784   1.00 23.26 ? 74  TYR A CD2 1 
ATOM   603  C CE1 . TYR A 1 77  ? -7.385  -12.330 9.781   1.00 22.40 ? 74  TYR A CE1 1 
ATOM   604  C CE2 . TYR A 1 77  ? -5.272  -13.143 8.909   1.00 22.28 ? 74  TYR A CE2 1 
ATOM   605  C CZ  . TYR A 1 77  ? -6.251  -13.126 9.905   1.00 23.31 ? 74  TYR A CZ  1 
ATOM   606  O OH  . TYR A 1 77  ? -6.097  -13.929 11.018  1.00 24.82 ? 74  TYR A OH  1 
ATOM   607  N N   . HIS A 1 78  ? -4.006  -8.423  7.274   1.00 21.42 ? 75  HIS A N   1 
ATOM   608  C CA  . HIS A 1 78  ? -2.547  -8.220  7.295   1.00 21.22 ? 75  HIS A CA  1 
ATOM   609  C C   . HIS A 1 78  ? -2.125  -7.595  8.633   1.00 22.07 ? 75  HIS A C   1 
ATOM   610  O O   . HIS A 1 78  ? -2.793  -6.660  9.110   1.00 22.31 ? 75  HIS A O   1 
ATOM   611  C CB  . HIS A 1 78  ? -2.099  -7.299  6.125   1.00 20.29 ? 75  HIS A CB  1 
ATOM   612  C CG  . HIS A 1 78  ? -0.634  -7.399  5.796   1.00 19.38 ? 75  HIS A CG  1 
ATOM   613  N ND1 . HIS A 1 78  ? 0.348   -6.809  6.566   1.00 19.73 ? 75  HIS A ND1 1 
ATOM   614  C CD2 . HIS A 1 78  ? 0.019   -8.027  4.780   1.00 19.06 ? 75  HIS A CD2 1 
ATOM   615  C CE1 . HIS A 1 78  ? 1.540   -7.081  6.047   1.00 19.05 ? 75  HIS A CE1 1 
ATOM   616  N NE2 . HIS A 1 78  ? 1.365   -7.812  4.958   1.00 16.22 ? 75  HIS A NE2 1 
ATOM   617  N N   . PRO A 1 79  ? -1.011  -8.082  9.235   1.00 22.23 ? 76  PRO A N   1 
ATOM   618  C CA  . PRO A 1 79  ? -0.515  -7.519  10.517  1.00 22.68 ? 76  PRO A CA  1 
ATOM   619  C C   . PRO A 1 79  ? -0.283  -5.988  10.523  1.00 23.92 ? 76  PRO A C   1 
ATOM   620  O O   . PRO A 1 79  ? -0.398  -5.342  11.581  1.00 23.62 ? 76  PRO A O   1 
ATOM   621  C CB  . PRO A 1 79  ? 0.836   -8.214  10.729  1.00 22.15 ? 76  PRO A CB  1 
ATOM   622  C CG  . PRO A 1 79  ? 0.992   -9.224  9.681   1.00 22.04 ? 76  PRO A CG  1 
ATOM   623  C CD  . PRO A 1 79  ? -0.198  -9.215  8.754   1.00 21.63 ? 76  PRO A CD  1 
ATOM   624  N N   . ASN A 1 80  ? 0.048   -5.436  9.351   1.00 24.62 ? 77  ASN A N   1 
ATOM   625  C CA  . ASN A 1 80  ? 0.449   -4.045  9.184   1.00 25.54 ? 77  ASN A CA  1 
ATOM   626  C C   . ASN A 1 80  ? -0.576  -3.133  8.488   1.00 26.84 ? 77  ASN A C   1 
ATOM   627  O O   . ASN A 1 80  ? -0.261  -1.991  8.161   1.00 26.86 ? 77  ASN A O   1 
ATOM   628  C CB  . ASN A 1 80  ? 1.777   -3.995  8.458   1.00 24.92 ? 77  ASN A CB  1 
ATOM   629  C CG  . ASN A 1 80  ? 2.848   -4.681  9.225   1.00 27.48 ? 77  ASN A CG  1 
ATOM   630  O OD1 . ASN A 1 80  ? 3.138   -4.317  10.382  1.00 30.31 ? 77  ASN A OD1 1 
ATOM   631  N ND2 . ASN A 1 80  ? 3.428   -5.709  8.630   1.00 27.24 ? 77  ASN A ND2 1 
ATOM   632  N N   . VAL A 1 81  ? -1.793  -3.636  8.260   1.00 28.06 ? 78  VAL A N   1 
ATOM   633  C CA  . VAL A 1 81  ? -2.878  -2.804  7.763   1.00 29.10 ? 78  VAL A CA  1 
ATOM   634  C C   . VAL A 1 81  ? -4.076  -2.993  8.675   1.00 30.14 ? 78  VAL A C   1 
ATOM   635  O O   . VAL A 1 81  ? -4.352  -4.104  9.101   1.00 30.76 ? 78  VAL A O   1 
ATOM   636  C CB  . VAL A 1 81  ? -3.305  -3.217  6.332   1.00 29.46 ? 78  VAL A CB  1 
ATOM   637  C CG1 . VAL A 1 81  ? -4.347  -2.249  5.777   1.00 29.28 ? 78  VAL A CG1 1 
ATOM   638  C CG2 . VAL A 1 81  ? -2.115  -3.321  5.385   1.00 27.77 ? 78  VAL A CG2 1 
ATOM   639  N N   . ASP A 1 82  ? -4.819  -1.941  8.980   1.00 31.60 ? 79  ASP A N   1 
ATOM   640  C CA  . ASP A 1 82  ? -6.058  -2.189  9.713   1.00 33.31 ? 79  ASP A CA  1 
ATOM   641  C C   . ASP A 1 82  ? -7.264  -2.498  8.813   1.00 34.21 ? 79  ASP A C   1 
ATOM   642  O O   . ASP A 1 82  ? -7.149  -2.502  7.582   1.00 33.65 ? 79  ASP A O   1 
ATOM   643  C CB  . ASP A 1 82  ? -6.372  -1.107  10.755  1.00 33.59 ? 79  ASP A CB  1 
ATOM   644  C CG  . ASP A 1 82  ? -6.846  0.192   10.149  1.00 34.84 ? 79  ASP A CG  1 
ATOM   645  O OD1 . ASP A 1 82  ? -7.306  0.275   8.982   1.00 37.78 ? 79  ASP A OD1 1 
ATOM   646  O OD2 . ASP A 1 82  ? -6.746  1.175   10.885  1.00 39.05 ? 79  ASP A OD2 1 
ATOM   647  N N   . GLU A 1 83  ? -8.409  -2.742  9.450   1.00 35.34 ? 80  GLU A N   1 
ATOM   648  C CA  . GLU A 1 83  ? -9.631  -3.061  8.733   1.00 36.99 ? 80  GLU A CA  1 
ATOM   649  C C   . GLU A 1 83  ? -10.110 -1.906  7.856   1.00 36.52 ? 80  GLU A C   1 
ATOM   650  O O   . GLU A 1 83  ? -10.844 -2.138  6.904   1.00 36.18 ? 80  GLU A O   1 
ATOM   651  C CB  . GLU A 1 83  ? -10.712 -3.560  9.689   1.00 37.26 ? 80  GLU A CB  1 
ATOM   652  C CG  . GLU A 1 83  ? -10.146 -4.640  10.633  1.00 42.13 ? 80  GLU A CG  1 
ATOM   653  C CD  . GLU A 1 83  ? -11.177 -5.633  11.142  1.00 48.11 ? 80  GLU A CD  1 
ATOM   654  O OE1 . GLU A 1 83  ? -10.748 -6.771  11.510  1.00 49.09 ? 80  GLU A OE1 1 
ATOM   655  O OE2 . GLU A 1 83  ? -12.397 -5.268  11.179  1.00 50.01 ? 80  GLU A OE2 1 
ATOM   656  N N   . ASN A 1 84  ? -9.643  -0.687  8.131   1.00 35.97 ? 81  ASN A N   1 
ATOM   657  C CA  . ASN A 1 84  ? -9.999  0.435   7.276   1.00 36.59 ? 81  ASN A CA  1 
ATOM   658  C C   . ASN A 1 84  ? -8.924  0.848   6.244   1.00 36.56 ? 81  ASN A C   1 
ATOM   659  O O   . ASN A 1 84  ? -8.923  1.982   5.733   1.00 37.36 ? 81  ASN A O   1 
ATOM   660  C CB  . ASN A 1 84  ? -10.478 1.608   8.112   1.00 36.64 ? 81  ASN A CB  1 
ATOM   661  C CG  . ASN A 1 84  ? -11.821 1.331   8.771   1.00 40.02 ? 81  ASN A CG  1 
ATOM   662  O OD1 . ASN A 1 84  ? -11.881 0.957   9.959   1.00 40.06 ? 81  ASN A OD1 1 
ATOM   663  N ND2 . ASN A 1 84  ? -12.914 1.494   8.000   1.00 41.08 ? 81  ASN A ND2 1 
ATOM   664  N N   . GLY A 1 85  ? -8.024  -0.076  5.926   1.00 35.67 ? 82  GLY A N   1 
ATOM   665  C CA  . GLY A 1 85  ? -6.967  0.192   4.965   1.00 34.85 ? 82  GLY A CA  1 
ATOM   666  C C   . GLY A 1 85  ? -5.812  1.063   5.443   1.00 34.97 ? 82  GLY A C   1 
ATOM   667  O O   . GLY A 1 85  ? -4.915  1.305   4.652   1.00 34.67 ? 82  GLY A O   1 
ATOM   668  N N   . GLN A 1 86  ? -5.822  1.512   6.714   1.00 35.16 ? 83  GLN A N   1 
ATOM   669  C CA  . GLN A 1 86  ? -4.750  2.379   7.290   1.00 36.28 ? 83  GLN A CA  1 
ATOM   670  C C   . GLN A 1 86  ? -3.467  1.598   7.485   1.00 35.76 ? 83  GLN A C   1 
ATOM   671  O O   . GLN A 1 86  ? -3.514  0.419   7.763   1.00 36.16 ? 83  GLN A O   1 
ATOM   672  C CB  . GLN A 1 86  ? -5.099  2.920   8.684   1.00 36.62 ? 83  GLN A CB  1 
ATOM   673  C CG  . GLN A 1 86  ? -6.448  3.564   8.873   1.00 39.93 ? 83  GLN A CG  1 
ATOM   674  C CD  . GLN A 1 86  ? -6.466  4.981   8.367   1.00 43.33 ? 83  GLN A CD  1 
ATOM   675  O OE1 . GLN A 1 86  ? -6.307  5.230   7.154   1.00 43.16 ? 83  GLN A OE1 1 
ATOM   676  N NE2 . GLN A 1 86  ? -6.658  5.932   9.292   1.00 42.28 ? 83  GLN A NE2 1 
ATOM   677  N N   . ILE A 1 87  ? -2.333  2.272   7.377   1.00 35.32 ? 84  ILE A N   1 
ATOM   678  C CA  . ILE A 1 87  ? -1.027  1.658   7.601   1.00 35.87 ? 84  ILE A CA  1 
ATOM   679  C C   . ILE A 1 87  ? -0.095  2.639   8.292   1.00 35.65 ? 84  ILE A C   1 
ATOM   680  O O   . ILE A 1 87  ? -0.292  3.841   8.178   1.00 35.69 ? 84  ILE A O   1 
ATOM   681  C CB  . ILE A 1 87  ? -0.328  1.229   6.274   1.00 35.59 ? 84  ILE A CB  1 
ATOM   682  C CG1 . ILE A 1 87  ? 0.007   2.444   5.411   1.00 35.57 ? 84  ILE A CG1 1 
ATOM   683  C CG2 . ILE A 1 87  ? -1.166  0.217   5.497   1.00 36.65 ? 84  ILE A CG2 1 
ATOM   684  C CD1 . ILE A 1 87  ? 0.958   2.125   4.259   1.00 36.76 ? 84  ILE A CD1 1 
ATOM   685  N N   . CYS A 1 88  ? 0.908   2.119   9.000   1.00 36.11 ? 85  CYS A N   1 
ATOM   686  C CA  . CYS A 1 88  ? 2.053   2.915   9.449   1.00 37.00 ? 85  CYS A CA  1 
ATOM   687  C C   . CYS A 1 88  ? 3.195   2.646   8.525   1.00 36.39 ? 85  CYS A C   1 
ATOM   688  O O   . CYS A 1 88  ? 3.723   1.557   8.498   1.00 36.77 ? 85  CYS A O   1 
ATOM   689  C CB  . CYS A 1 88  ? 2.511   2.527   10.839  1.00 36.74 ? 85  CYS A CB  1 
ATOM   690  S SG  . CYS A 1 88  ? 1.468   3.236   12.065  1.00 42.87 ? 85  CYS A SG  1 
ATOM   691  N N   . LEU A 1 89  ? 3.579   3.653   7.766   1.00 36.26 ? 86  LEU A N   1 
ATOM   692  C CA  . LEU A 1 89  ? 4.670   3.512   6.844   1.00 35.40 ? 86  LEU A CA  1 
ATOM   693  C C   . LEU A 1 89  ? 5.625   4.606   7.223   1.00 35.16 ? 86  LEU A C   1 
ATOM   694  O O   . LEU A 1 89  ? 5.336   5.777   7.024   1.00 35.24 ? 86  LEU A O   1 
ATOM   695  C CB  . LEU A 1 89  ? 4.160   3.666   5.405   1.00 35.16 ? 86  LEU A CB  1 
ATOM   696  C CG  . LEU A 1 89  ? 5.144   3.433   4.275   1.00 33.94 ? 86  LEU A CG  1 
ATOM   697  C CD1 . LEU A 1 89  ? 5.745   2.063   4.387   1.00 33.73 ? 86  LEU A CD1 1 
ATOM   698  C CD2 . LEU A 1 89  ? 4.396   3.572   2.962   1.00 35.85 ? 86  LEU A CD2 1 
ATOM   699  N N   . PRO A 1 90  ? 6.755   4.234   7.815   1.00 35.20 ? 87  PRO A N   1 
ATOM   700  C CA  . PRO A 1 90  ? 7.748   5.214   8.268   1.00 34.87 ? 87  PRO A CA  1 
ATOM   701  C C   . PRO A 1 90  ? 8.119   6.286   7.234   1.00 34.00 ? 87  PRO A C   1 
ATOM   702  O O   . PRO A 1 90  ? 8.029   7.482   7.538   1.00 34.14 ? 87  PRO A O   1 
ATOM   703  C CB  . PRO A 1 90  ? 8.945   4.332   8.651   1.00 35.57 ? 87  PRO A CB  1 
ATOM   704  C CG  . PRO A 1 90  ? 8.268   3.048   9.142   1.00 34.80 ? 87  PRO A CG  1 
ATOM   705  C CD  . PRO A 1 90  ? 7.156   2.854   8.139   1.00 35.36 ? 87  PRO A CD  1 
ATOM   706  N N   . ILE A 1 91  ? 8.486   5.867   6.029   1.00 32.77 ? 88  ILE A N   1 
ATOM   707  C CA  . ILE A 1 91  ? 8.923   6.782   4.972   1.00 32.11 ? 88  ILE A CA  1 
ATOM   708  C C   . ILE A 1 91  ? 7.985   8.000   4.783   1.00 32.67 ? 88  ILE A C   1 
ATOM   709  O O   . ILE A 1 91  ? 8.419   9.067   4.373   1.00 31.85 ? 88  ILE A O   1 
ATOM   710  C CB  . ILE A 1 91  ? 9.165   6.011   3.621   1.00 32.33 ? 88  ILE A CB  1 
ATOM   711  C CG1 . ILE A 1 91  ? 9.975   6.853   2.625   1.00 32.44 ? 88  ILE A CG1 1 
ATOM   712  C CG2 . ILE A 1 91  ? 7.854   5.548   2.992   1.00 29.82 ? 88  ILE A CG2 1 
ATOM   713  C CD1 . ILE A 1 91  ? 10.390  6.075   1.373   1.00 31.30 ? 88  ILE A CD1 1 
ATOM   714  N N   . ILE A 1 92  ? 6.701   7.837   5.098   1.00 33.46 ? 89  ILE A N   1 
ATOM   715  C CA  . ILE A 1 92  ? 5.752   8.931   4.951   1.00 34.00 ? 89  ILE A CA  1 
ATOM   716  C C   . ILE A 1 92  ? 5.168   9.353   6.280   1.00 35.17 ? 89  ILE A C   1 
ATOM   717  O O   . ILE A 1 92  ? 4.210   10.123  6.321   1.00 35.66 ? 89  ILE A O   1 
ATOM   718  C CB  . ILE A 1 92  ? 4.596   8.606   3.954   1.00 33.74 ? 89  ILE A CB  1 
ATOM   719  C CG1 . ILE A 1 92  ? 3.814   7.363   4.412   1.00 33.54 ? 89  ILE A CG1 1 
ATOM   720  C CG2 . ILE A 1 92  ? 5.132   8.443   2.545   1.00 32.56 ? 89  ILE A CG2 1 
ATOM   721  C CD1 . ILE A 1 92  ? 2.419   7.244   3.859   1.00 33.36 ? 89  ILE A CD1 1 
ATOM   722  N N   . SER A 1 93  ? 5.714   8.862   7.380   1.00 36.73 ? 90  SER A N   1 
ATOM   723  C CA  . SER A 1 93  ? 5.327   9.451   8.668   1.00 38.87 ? 90  SER A CA  1 
ATOM   724  C C   . SER A 1 93  ? 5.931   10.882  8.767   1.00 39.76 ? 90  SER A C   1 
ATOM   725  O O   . SER A 1 93  ? 6.889   11.203  8.059   1.00 39.74 ? 90  SER A O   1 
ATOM   726  C CB  . SER A 1 93  ? 5.799   8.569   9.818   1.00 38.51 ? 90  SER A CB  1 
ATOM   727  O OG  . SER A 1 93  ? 7.220   8.562   9.862   1.00 39.69 ? 90  SER A OG  1 
ATOM   728  N N   . SER A 1 94  ? 5.381   11.724  9.640   1.00 41.85 ? 91  SER A N   1 
ATOM   729  C CA  . SER A 1 94  ? 5.863   13.115  9.824   1.00 43.69 ? 91  SER A CA  1 
ATOM   730  C C   . SER A 1 94  ? 7.269   13.206  10.442  1.00 44.43 ? 91  SER A C   1 
ATOM   731  O O   . SER A 1 94  ? 8.132   13.925  9.948   1.00 44.31 ? 91  SER A O   1 
ATOM   732  C CB  . SER A 1 94  ? 4.853   13.904  10.645  1.00 44.00 ? 91  SER A CB  1 
ATOM   733  O OG  . SER A 1 94  ? 3.605   13.911  9.975   1.00 44.59 ? 91  SER A OG  1 
ATOM   734  N N   . GLU A 1 95  ? 7.484   12.473  11.525  1.00 45.61 ? 92  GLU A N   1 
ATOM   735  C CA  . GLU A 1 95  ? 8.825   12.201  12.010  1.00 46.76 ? 92  GLU A CA  1 
ATOM   736  C C   . GLU A 1 95  ? 9.856   12.065  10.865  1.00 46.03 ? 92  GLU A C   1 
ATOM   737  O O   . GLU A 1 95  ? 10.835  12.813  10.842  1.00 46.78 ? 92  GLU A O   1 
ATOM   738  C CB  . GLU A 1 95  ? 8.800   10.940  12.906  1.00 47.23 ? 92  GLU A CB  1 
ATOM   739  C CG  . GLU A 1 95  ? 10.192  10.310  13.213  1.00 49.00 ? 92  GLU A CG  1 
ATOM   740  C CD  . GLU A 1 95  ? 10.275  9.588   14.586  1.00 49.58 ? 92  GLU A CD  1 
ATOM   741  O OE1 . GLU A 1 95  ? 9.237   9.534   15.316  1.00 52.24 ? 92  GLU A OE1 1 
ATOM   742  O OE2 . GLU A 1 95  ? 11.391  9.088   14.928  1.00 50.24 ? 92  GLU A OE2 1 
ATOM   743  N N   . ASN A 1 96  ? 9.619   11.141  9.920   1.00 44.97 ? 93  ASN A N   1 
ATOM   744  C CA  . ASN A 1 96  ? 10.607  10.741  8.893   1.00 43.56 ? 93  ASN A CA  1 
ATOM   745  C C   . ASN A 1 96  ? 10.537  11.442  7.530   1.00 42.30 ? 93  ASN A C   1 
ATOM   746  O O   . ASN A 1 96  ? 11.515  11.389  6.770   1.00 41.62 ? 93  ASN A O   1 
ATOM   747  C CB  . ASN A 1 96  ? 10.525  9.232   8.595   1.00 44.10 ? 93  ASN A CB  1 
ATOM   748  C CG  . ASN A 1 96  ? 10.636  8.348   9.840   1.00 45.58 ? 93  ASN A CG  1 
ATOM   749  O OD1 . ASN A 1 96  ? 11.527  8.520   10.679  1.00 47.88 ? 93  ASN A OD1 1 
ATOM   750  N ND2 . ASN A 1 96  ? 9.743   7.365   9.940   1.00 45.81 ? 93  ASN A ND2 1 
ATOM   751  N N   . TRP A 1 97  ? 9.388   12.048  7.201   1.00 40.65 ? 94  TRP A N   1 
ATOM   752  C CA  . TRP A 1 97  ? 9.134   12.572  5.834   1.00 38.64 ? 94  TRP A CA  1 
ATOM   753  C C   . TRP A 1 97  ? 10.130  13.645  5.410   1.00 38.13 ? 94  TRP A C   1 
ATOM   754  O O   . TRP A 1 97  ? 10.366  14.606  6.148   1.00 38.88 ? 94  TRP A O   1 
ATOM   755  C CB  . TRP A 1 97  ? 7.699   13.108  5.680   1.00 37.52 ? 94  TRP A CB  1 
ATOM   756  C CG  . TRP A 1 97  ? 7.478   13.907  4.388   1.00 35.90 ? 94  TRP A CG  1 
ATOM   757  C CD1 . TRP A 1 97  ? 7.334   15.265  4.275   1.00 33.71 ? 94  TRP A CD1 1 
ATOM   758  C CD2 . TRP A 1 97  ? 7.393   13.384  3.055   1.00 34.24 ? 94  TRP A CD2 1 
ATOM   759  N NE1 . TRP A 1 97  ? 7.176   15.616  2.963   1.00 33.57 ? 94  TRP A NE1 1 
ATOM   760  C CE2 . TRP A 1 97  ? 7.208   14.482  2.190   1.00 33.25 ? 94  TRP A CE2 1 
ATOM   761  C CE3 . TRP A 1 97  ? 7.446   12.089  2.509   1.00 34.89 ? 94  TRP A CE3 1 
ATOM   762  C CZ2 . TRP A 1 97  ? 7.068   14.330  0.810   1.00 33.11 ? 94  TRP A CZ2 1 
ATOM   763  C CZ3 . TRP A 1 97  ? 7.324   11.942  1.133   1.00 34.67 ? 94  TRP A CZ3 1 
ATOM   764  C CH2 . TRP A 1 97  ? 7.144   13.060  0.300   1.00 34.81 ? 94  TRP A CH2 1 
ATOM   765  N N   . LYS A 1 98  ? 10.680  13.470  4.210   1.00 36.95 ? 95  LYS A N   1 
ATOM   766  C CA  . LYS A 1 98  ? 11.621  14.392  3.581   1.00 35.78 ? 95  LYS A CA  1 
ATOM   767  C C   . LYS A 1 98  ? 11.051  14.778  2.232   1.00 35.66 ? 95  LYS A C   1 
ATOM   768  O O   . LYS A 1 98  ? 10.740  13.886  1.419   1.00 35.80 ? 95  LYS A O   1 
ATOM   769  C CB  . LYS A 1 98  ? 12.951  13.699  3.309   1.00 35.82 ? 95  LYS A CB  1 
ATOM   770  C CG  . LYS A 1 98  ? 13.798  13.406  4.538   1.00 35.50 ? 95  LYS A CG  1 
ATOM   771  C CD  . LYS A 1 98  ? 14.179  11.953  4.583   1.00 36.12 ? 95  LYS A CD  1 
ATOM   772  C CE  . LYS A 1 98  ? 15.115  11.604  3.467   1.00 37.20 ? 95  LYS A CE  1 
ATOM   773  N NZ  . LYS A 1 98  ? 15.360  10.131  3.394   1.00 38.99 ? 95  LYS A NZ  1 
ATOM   774  N N   . PRO A 1 99  ? 10.893  16.094  1.979   1.00 34.92 ? 96  PRO A N   1 
ATOM   775  C CA  . PRO A 1 99  ? 10.420  16.565  0.681   1.00 34.51 ? 96  PRO A CA  1 
ATOM   776  C C   . PRO A 1 99  ? 11.099  15.953  -0.524  1.00 34.03 ? 96  PRO A C   1 
ATOM   777  O O   . PRO A 1 99  ? 10.505  15.934  -1.585  1.00 34.52 ? 96  PRO A O   1 
ATOM   778  C CB  . PRO A 1 99  ? 10.676  18.077  0.741   1.00 33.65 ? 96  PRO A CB  1 
ATOM   779  C CG  . PRO A 1 99  ? 10.435  18.393  2.155   1.00 34.30 ? 96  PRO A CG  1 
ATOM   780  C CD  . PRO A 1 99  ? 11.082  17.225  2.909   1.00 35.12 ? 96  PRO A CD  1 
ATOM   781  N N   . CYS A 1 100 ? 12.322  15.468  -0.386  1.00 33.90 ? 97  CYS A N   1 
ATOM   782  C CA  . CYS A 1 100 ? 13.022  14.948  -1.552  1.00 34.52 ? 97  CYS A CA  1 
ATOM   783  C C   . CYS A 1 100 ? 12.737  13.466  -1.790  1.00 34.44 ? 97  CYS A C   1 
ATOM   784  O O   . CYS A 1 100 ? 13.242  12.878  -2.780  1.00 34.69 ? 97  CYS A O   1 
ATOM   785  C CB  . CYS A 1 100 ? 14.515  15.229  -1.476  1.00 34.14 ? 97  CYS A CB  1 
ATOM   786  S SG  . CYS A 1 100 ? 15.201  14.674  0.099   1.00 38.02 ? 97  CYS A SG  1 
ATOM   787  N N   . THR A 1 101 ? 11.928  12.886  -0.892  1.00 33.87 ? 98  THR A N   1 
ATOM   788  C CA  . THR A 1 101 ? 11.298  11.584  -1.098  1.00 33.85 ? 98  THR A CA  1 
ATOM   789  C C   . THR A 1 101 ? 10.261  11.615  -2.262  1.00 33.77 ? 98  THR A C   1 
ATOM   790  O O   . THR A 1 101 ? 9.305   12.410  -2.250  1.00 33.31 ? 98  THR A O   1 
ATOM   791  C CB  . THR A 1 101 ? 10.589  11.092  0.191   1.00 34.01 ? 98  THR A CB  1 
ATOM   792  O OG1 . THR A 1 101 ? 11.517  11.040  1.284   1.00 34.57 ? 98  THR A OG1 1 
ATOM   793  C CG2 . THR A 1 101 ? 9.985   9.704   -0.010  1.00 33.54 ? 98  THR A CG2 1 
ATOM   794  N N   . LYS A 1 102 ? 10.462  10.741  -3.251  1.00 33.40 ? 99  LYS A N   1 
ATOM   795  C CA  . LYS A 1 102 ? 9.515   10.554  -4.343  1.00 33.58 ? 99  LYS A CA  1 
ATOM   796  C C   . LYS A 1 102 ? 8.452   9.471   -4.042  1.00 33.11 ? 99  LYS A C   1 
ATOM   797  O O   . LYS A 1 102 ? 8.671   8.545   -3.239  1.00 32.54 ? 99  LYS A O   1 
ATOM   798  C CB  . LYS A 1 102 ? 10.257  10.175  -5.610  1.00 34.36 ? 99  LYS A CB  1 
ATOM   799  C CG  . LYS A 1 102 ? 11.202  11.241  -6.100  1.00 37.84 ? 99  LYS A CG  1 
ATOM   800  C CD  . LYS A 1 102 ? 11.293  11.152  -7.611  1.00 43.32 ? 99  LYS A CD  1 
ATOM   801  C CE  . LYS A 1 102 ? 10.041  11.743  -8.269  1.00 46.23 ? 99  LYS A CE  1 
ATOM   802  N NZ  . LYS A 1 102 ? 10.262  11.921  -9.742  1.00 49.59 ? 99  LYS A NZ  1 
ATOM   803  N N   . THR A 1 103 ? 7.309   9.585   -4.712  1.00 32.07 ? 100 THR A N   1 
ATOM   804  C CA  . THR A 1 103 ? 6.212   8.653   -4.514  1.00 31.80 ? 100 THR A CA  1 
ATOM   805  C C   . THR A 1 103 ? 6.553   7.191   -4.882  1.00 30.58 ? 100 THR A C   1 
ATOM   806  O O   . THR A 1 103 ? 6.110   6.269   -4.197  1.00 29.65 ? 100 THR A O   1 
ATOM   807  C CB  . THR A 1 103 ? 4.925   9.165   -5.198  1.00 32.23 ? 100 THR A CB  1 
ATOM   808  O OG1 . THR A 1 103 ? 4.723   10.544  -4.836  1.00 33.35 ? 100 THR A OG1 1 
ATOM   809  C CG2 . THR A 1 103 ? 3.722   8.361   -4.753  1.00 32.81 ? 100 THR A CG2 1 
ATOM   810  N N   . CYS A 1 104 ? 7.382   7.000   -5.909  1.00 29.44 ? 101 CYS A N   1 
ATOM   811  C CA  . CYS A 1 104 ? 7.847   5.660   -6.262  1.00 30.30 ? 101 CYS A CA  1 
ATOM   812  C C   . CYS A 1 104 ? 8.564   4.944   -5.109  1.00 29.48 ? 101 CYS A C   1 
ATOM   813  O O   . CYS A 1 104 ? 8.338   3.764   -4.893  1.00 29.74 ? 101 CYS A O   1 
ATOM   814  C CB  . CYS A 1 104 ? 8.720   5.676   -7.517  1.00 29.69 ? 101 CYS A CB  1 
ATOM   815  S SG  . CYS A 1 104 ? 10.070  6.833   -7.381  1.00 34.95 ? 101 CYS A SG  1 
ATOM   816  N N   . GLN A 1 105 ? 9.372   5.682   -4.345  1.00 29.76 ? 102 GLN A N   1 
ATOM   817  C CA  . GLN A 1 105 ? 10.029  5.186   -3.131  1.00 28.83 ? 102 GLN A CA  1 
ATOM   818  C C   . GLN A 1 105 ? 9.031   4.881   -2.036  1.00 28.09 ? 102 GLN A C   1 
ATOM   819  O O   . GLN A 1 105 ? 9.145   3.863   -1.362  1.00 28.40 ? 102 GLN A O   1 
ATOM   820  C CB  . GLN A 1 105 ? 10.982  6.230   -2.593  1.00 29.73 ? 102 GLN A CB  1 
ATOM   821  C CG  . GLN A 1 105 ? 12.156  6.574   -3.498  1.00 32.44 ? 102 GLN A CG  1 
ATOM   822  C CD  . GLN A 1 105 ? 12.911  7.753   -2.937  1.00 36.21 ? 102 GLN A CD  1 
ATOM   823  O OE1 . GLN A 1 105 ? 12.480  8.902   -3.064  1.00 37.74 ? 102 GLN A OE1 1 
ATOM   824  N NE2 . GLN A 1 105 ? 14.021  7.475   -2.272  1.00 38.60 ? 102 GLN A NE2 1 
ATOM   825  N N   . VAL A 1 106 ? 8.060   5.765   -1.831  1.00 26.75 ? 103 VAL A N   1 
ATOM   826  C CA  . VAL A 1 106 ? 6.941   5.445   -0.954  1.00 25.96 ? 103 VAL A CA  1 
ATOM   827  C C   . VAL A 1 106 ? 6.325   4.080   -1.386  1.00 26.20 ? 103 VAL A C   1 
ATOM   828  O O   . VAL A 1 106 ? 6.087   3.193   -0.539  1.00 26.47 ? 103 VAL A O   1 
ATOM   829  C CB  . VAL A 1 106 ? 5.834   6.569   -0.967  1.00 25.72 ? 103 VAL A CB  1 
ATOM   830  C CG1 . VAL A 1 106 ? 4.742   6.253   0.025   1.00 23.55 ? 103 VAL A CG1 1 
ATOM   831  C CG2 . VAL A 1 106 ? 6.430   7.965   -0.700  1.00 24.82 ? 103 VAL A CG2 1 
ATOM   832  N N   . LEU A 1 107 ? 6.086   3.900   -2.690  1.00 25.43 ? 104 LEU A N   1 
ATOM   833  C CA  . LEU A 1 107 ? 5.353   2.717   -3.143  1.00 25.88 ? 104 LEU A CA  1 
ATOM   834  C C   . LEU A 1 107 ? 6.195   1.492   -2.982  1.00 26.14 ? 104 LEU A C   1 
ATOM   835  O O   . LEU A 1 107 ? 5.671   0.434   -2.647  1.00 26.31 ? 104 LEU A O   1 
ATOM   836  C CB  . LEU A 1 107 ? 4.839   2.857   -4.580  1.00 25.07 ? 104 LEU A CB  1 
ATOM   837  C CG  . LEU A 1 107 ? 3.745   3.925   -4.621  1.00 26.24 ? 104 LEU A CG  1 
ATOM   838  C CD1 . LEU A 1 107 ? 3.363   4.410   -6.041  1.00 24.26 ? 104 LEU A CD1 1 
ATOM   839  C CD2 . LEU A 1 107 ? 2.519   3.487   -3.815  1.00 25.82 ? 104 LEU A CD2 1 
ATOM   840  N N   . GLU A 1 108 ? 7.502   1.646   -3.193  1.00 26.83 ? 105 GLU A N   1 
ATOM   841  C CA  . GLU A 1 108 ? 8.442   0.557   -3.018  1.00 28.08 ? 105 GLU A CA  1 
ATOM   842  C C   . GLU A 1 108 ? 8.439   0.049   -1.598  1.00 27.46 ? 105 GLU A C   1 
ATOM   843  O O   . GLU A 1 108 ? 8.359   -1.164  -1.369  1.00 27.68 ? 105 GLU A O   1 
ATOM   844  C CB  . GLU A 1 108 ? 9.872   0.962   -3.377  1.00 29.44 ? 105 GLU A CB  1 
ATOM   845  C CG  . GLU A 1 108 ? 10.932  0.046   -2.685  1.00 33.95 ? 105 GLU A CG  1 
ATOM   846  C CD  . GLU A 1 108 ? 12.195  -0.145  -3.523  1.00 42.53 ? 105 GLU A CD  1 
ATOM   847  O OE1 . GLU A 1 108 ? 12.926  0.863   -3.758  1.00 44.99 ? 105 GLU A OE1 1 
ATOM   848  O OE2 . GLU A 1 108 ? 12.464  -1.312  -3.940  1.00 46.13 ? 105 GLU A OE2 1 
ATOM   849  N N   . ALA A 1 109 ? 8.518   0.969   -0.649  1.00 26.81 ? 106 ALA A N   1 
ATOM   850  C CA  . ALA A 1 109 ? 8.523   0.618   0.770   1.00 26.73 ? 106 ALA A CA  1 
ATOM   851  C C   . ALA A 1 109 ? 7.183   -0.011  1.202   1.00 26.76 ? 106 ALA A C   1 
ATOM   852  O O   . ALA A 1 109 ? 7.150   -0.878  2.072   1.00 28.07 ? 106 ALA A O   1 
ATOM   853  C CB  . ALA A 1 109 ? 8.878   1.847   1.663   1.00 25.68 ? 106 ALA A CB  1 
ATOM   854  N N   . LEU A 1 110 ? 6.085   0.414   0.608   1.00 26.08 ? 107 LEU A N   1 
ATOM   855  C CA  . LEU A 1 110 ? 4.806   -0.186  0.950   1.00 26.15 ? 107 LEU A CA  1 
ATOM   856  C C   . LEU A 1 110 ? 4.746   -1.607  0.433   1.00 25.61 ? 107 LEU A C   1 
ATOM   857  O O   . LEU A 1 110 ? 4.270   -2.504  1.127   1.00 25.47 ? 107 LEU A O   1 
ATOM   858  C CB  . LEU A 1 110 ? 3.666   0.622   0.355   1.00 26.50 ? 107 LEU A CB  1 
ATOM   859  C CG  . LEU A 1 110 ? 2.305   -0.053  0.295   1.00 27.17 ? 107 LEU A CG  1 
ATOM   860  C CD1 . LEU A 1 110 ? 1.733   -0.098  1.680   1.00 26.72 ? 107 LEU A CD1 1 
ATOM   861  C CD2 . LEU A 1 110 ? 1.416   0.723   -0.639  1.00 26.90 ? 107 LEU A CD2 1 
ATOM   862  N N   . ASN A 1 111 ? 5.209   -1.804  -0.798  1.00 25.02 ? 108 ASN A N   1 
ATOM   863  C CA  . ASN A 1 111 ? 5.280   -3.154  -1.375  1.00 24.56 ? 108 ASN A CA  1 
ATOM   864  C C   . ASN A 1 111 ? 6.103   -4.076  -0.460  1.00 24.81 ? 108 ASN A C   1 
ATOM   865  O O   . ASN A 1 111 ? 5.667   -5.185  -0.135  1.00 25.96 ? 108 ASN A O   1 
ATOM   866  C CB  . ASN A 1 111 ? 5.840   -3.100  -2.799  1.00 23.34 ? 108 ASN A CB  1 
ATOM   867  C CG  . ASN A 1 111 ? 5.881   -4.460  -3.462  1.00 22.96 ? 108 ASN A CG  1 
ATOM   868  O OD1 . ASN A 1 111 ? 4.841   -5.130  -3.601  1.00 20.04 ? 108 ASN A OD1 1 
ATOM   869  N ND2 . ASN A 1 111 ? 7.091   -4.902  -3.865  1.00 18.04 ? 108 ASN A ND2 1 
ATOM   870  N N   . VAL A 1 112 ? 7.247   -3.583  0.009   1.00 25.36 ? 109 VAL A N   1 
ATOM   871  C CA  . VAL A 1 112 ? 8.107   -4.297  0.954   1.00 25.53 ? 109 VAL A CA  1 
ATOM   872  C C   . VAL A 1 112 ? 7.312   -4.637  2.200   1.00 27.12 ? 109 VAL A C   1 
ATOM   873  O O   . VAL A 1 112 ? 7.261   -5.792  2.610   1.00 28.08 ? 109 VAL A O   1 
ATOM   874  C CB  . VAL A 1 112 ? 9.392   -3.481  1.315   1.00 25.99 ? 109 VAL A CB  1 
ATOM   875  C CG1 . VAL A 1 112 ? 10.110  -4.047  2.576   1.00 23.97 ? 109 VAL A CG1 1 
ATOM   876  C CG2 . VAL A 1 112 ? 10.357  -3.415  0.148   1.00 22.30 ? 109 VAL A CG2 1 
ATOM   877  N N   . LEU A 1 113 ? 6.637   -3.648  2.779   1.00 28.01 ? 110 LEU A N   1 
ATOM   878  C CA  . LEU A 1 113 ? 5.904   -3.881  3.998   1.00 28.19 ? 110 LEU A CA  1 
ATOM   879  C C   . LEU A 1 113 ? 4.878   -4.963  3.802   1.00 28.04 ? 110 LEU A C   1 
ATOM   880  O O   . LEU A 1 113 ? 4.706   -5.822  4.665   1.00 28.78 ? 110 LEU A O   1 
ATOM   881  C CB  . LEU A 1 113 ? 5.190   -2.612  4.457   1.00 29.60 ? 110 LEU A CB  1 
ATOM   882  C CG  . LEU A 1 113 ? 5.099   -2.274  5.968   1.00 31.38 ? 110 LEU A CG  1 
ATOM   883  C CD1 . LEU A 1 113 ? 3.938   -1.307  6.251   1.00 30.65 ? 110 LEU A CD1 1 
ATOM   884  C CD2 . LEU A 1 113 ? 4.976   -3.519  6.854   1.00 31.79 ? 110 LEU A CD2 1 
ATOM   885  N N   . VAL A 1 114 ? 4.186   -4.934  2.677   1.00 27.57 ? 111 VAL A N   1 
ATOM   886  C CA  . VAL A 1 114 ? 3.093   -5.845  2.498   1.00 27.45 ? 111 VAL A CA  1 
ATOM   887  C C   . VAL A 1 114 ? 3.713   -7.216  2.393   1.00 28.27 ? 111 VAL A C   1 
ATOM   888  O O   . VAL A 1 114 ? 3.319   -8.143  3.139   1.00 28.32 ? 111 VAL A O   1 
ATOM   889  C CB  . VAL A 1 114 ? 2.223   -5.483  1.280   1.00 27.39 ? 111 VAL A CB  1 
ATOM   890  C CG1 . VAL A 1 114 ? 1.299   -6.623  0.921   1.00 25.94 ? 111 VAL A CG1 1 
ATOM   891  C CG2 . VAL A 1 114 ? 1.386   -4.289  1.627   1.00 26.86 ? 111 VAL A CG2 1 
ATOM   892  N N   . ASN A 1 115 ? 4.739   -7.324  1.537   1.00 28.24 ? 112 ASN A N   1 
ATOM   893  C CA  . ASN A 1 115 ? 5.426   -8.604  1.343   1.00 27.66 ? 112 ASN A CA  1 
ATOM   894  C C   . ASN A 1 115 ? 6.081   -9.137  2.606   1.00 28.49 ? 112 ASN A C   1 
ATOM   895  O O   . ASN A 1 115 ? 5.949   -10.300 2.892   1.00 28.20 ? 112 ASN A O   1 
ATOM   896  C CB  . ASN A 1 115 ? 6.391   -8.579  0.148   1.00 26.63 ? 112 ASN A CB  1 
ATOM   897  C CG  . ASN A 1 115 ? 5.664   -8.662  -1.202  1.00 25.68 ? 112 ASN A CG  1 
ATOM   898  O OD1 . ASN A 1 115 ? 4.567   -9.216  -1.314  1.00 21.61 ? 112 ASN A OD1 1 
ATOM   899  N ND2 . ASN A 1 115 ? 6.283   -8.111  -2.233  1.00 23.63 ? 112 ASN A ND2 1 
ATOM   900  N N   . ARG A 1 116 ? 6.736   -8.282  3.380   1.00 30.34 ? 113 ARG A N   1 
ATOM   901  C CA  . ARG A 1 116 ? 7.453   -8.720  4.594   1.00 33.02 ? 113 ARG A CA  1 
ATOM   902  C C   . ARG A 1 116 ? 6.876   -8.039  5.823   1.00 32.69 ? 113 ARG A C   1 
ATOM   903  O O   . ARG A 1 116 ? 7.325   -6.963  6.192   1.00 32.74 ? 113 ARG A O   1 
ATOM   904  C CB  . ARG A 1 116 ? 8.956   -8.388  4.546   1.00 33.26 ? 113 ARG A CB  1 
ATOM   905  C CG  . ARG A 1 116 ? 9.708   -8.868  3.301   1.00 39.10 ? 113 ARG A CG  1 
ATOM   906  C CD  . ARG A 1 116 ? 10.003  -10.359 3.320   1.00 45.46 ? 113 ARG A CD  1 
ATOM   907  N NE  . ARG A 1 116 ? 10.788  -10.800 4.478   1.00 51.99 ? 113 ARG A NE  1 
ATOM   908  C CZ  . ARG A 1 116 ? 10.378  -11.692 5.388   1.00 54.15 ? 113 ARG A CZ  1 
ATOM   909  N NH1 . ARG A 1 116 ? 9.178   -12.264 5.294   1.00 54.38 ? 113 ARG A NH1 1 
ATOM   910  N NH2 . ARG A 1 116 ? 11.181  -12.014 6.406   1.00 56.05 ? 113 ARG A NH2 1 
ATOM   911  N N   . PRO A 1 117 ? 5.872   -8.658  6.450   1.00 32.95 ? 114 PRO A N   1 
ATOM   912  C CA  . PRO A 1 117 ? 5.266   -8.036  7.603   1.00 33.48 ? 114 PRO A CA  1 
ATOM   913  C C   . PRO A 1 117 ? 6.269   -7.669  8.718   1.00 34.40 ? 114 PRO A C   1 
ATOM   914  O O   . PRO A 1 117 ? 7.260   -8.352  8.941   1.00 33.86 ? 114 PRO A O   1 
ATOM   915  C CB  . PRO A 1 117 ? 4.273   -9.091  8.071   1.00 32.78 ? 114 PRO A CB  1 
ATOM   916  C CG  . PRO A 1 117 ? 3.904   -9.806  6.842   1.00 32.30 ? 114 PRO A CG  1 
ATOM   917  C CD  . PRO A 1 117 ? 5.208   -9.928  6.116   1.00 32.65 ? 114 PRO A CD  1 
ATOM   918  N N   . ASN A 1 118 ? 6.002   -6.547  9.365   1.00 35.47 ? 115 ASN A N   1 
ATOM   919  C CA  . ASN A 1 118 ? 6.729   -6.130  10.530  1.00 36.46 ? 115 ASN A CA  1 
ATOM   920  C C   . ASN A 1 118 ? 5.963   -6.667  11.714  1.00 36.66 ? 115 ASN A C   1 
ATOM   921  O O   . ASN A 1 118 ? 4.904   -6.143  12.060  1.00 36.40 ? 115 ASN A O   1 
ATOM   922  C CB  . ASN A 1 118 ? 6.724   -4.613  10.561  1.00 37.24 ? 115 ASN A CB  1 
ATOM   923  C CG  . ASN A 1 118 ? 7.588   -4.050  11.637  1.00 37.79 ? 115 ASN A CG  1 
ATOM   924  O OD1 . ASN A 1 118 ? 8.067   -4.763  12.518  1.00 40.45 ? 115 ASN A OD1 1 
ATOM   925  N ND2 . ASN A 1 118 ? 7.795   -2.749  11.580  1.00 38.70 ? 115 ASN A ND2 1 
ATOM   926  N N   . ILE A 1 119 ? 6.493   -7.734  12.298  1.00 37.82 ? 116 ILE A N   1 
ATOM   927  C CA  . ILE A 1 119 ? 5.919   -8.399  13.478  1.00 39.29 ? 116 ILE A CA  1 
ATOM   928  C C   . ILE A 1 119 ? 6.294   -7.701  14.795  1.00 40.04 ? 116 ILE A C   1 
ATOM   929  O O   . ILE A 1 119 ? 5.554   -7.781  15.767  1.00 40.36 ? 116 ILE A O   1 
ATOM   930  C CB  . ILE A 1 119 ? 6.308   -9.904  13.516  1.00 39.40 ? 116 ILE A CB  1 
ATOM   931  C CG1 . ILE A 1 119 ? 7.794   -10.095 13.176  1.00 41.56 ? 116 ILE A CG1 1 
ATOM   932  C CG2 . ILE A 1 119 ? 5.519   -10.684 12.456  1.00 38.43 ? 116 ILE A CG2 1 
ATOM   933  C CD1 . ILE A 1 119 ? 8.764   -10.239 14.372  1.00 46.07 ? 116 ILE A CD1 1 
ATOM   934  N N   . ARG A 1 120 ? 7.430   -7.010  14.807  1.00 41.05 ? 117 ARG A N   1 
ATOM   935  C CA  . ARG A 1 120 ? 7.911   -6.272  15.970  1.00 43.16 ? 117 ARG A CA  1 
ATOM   936  C C   . ARG A 1 120 ? 6.967   -5.109  16.318  1.00 42.69 ? 117 ARG A C   1 
ATOM   937  O O   . ARG A 1 120 ? 6.553   -4.970  17.470  1.00 42.84 ? 117 ARG A O   1 
ATOM   938  C CB  . ARG A 1 120 ? 9.313   -5.728  15.702  1.00 42.69 ? 117 ARG A CB  1 
ATOM   939  C CG  . ARG A 1 120 ? 10.382  -6.778  15.398  1.00 45.59 ? 117 ARG A CG  1 
ATOM   940  C CD  . ARG A 1 120 ? 11.688  -6.147  14.778  1.00 47.60 ? 117 ARG A CD  1 
ATOM   941  N NE  . ARG A 1 120 ? 12.298  -5.105  15.634  1.00 55.14 ? 117 ARG A NE  1 
ATOM   942  C CZ  . ARG A 1 120 ? 12.180  -3.785  15.438  1.00 57.60 ? 117 ARG A CZ  1 
ATOM   943  N NH1 . ARG A 1 120 ? 11.490  -3.315  14.398  1.00 59.35 ? 117 ARG A NH1 1 
ATOM   944  N NH2 . ARG A 1 120 ? 12.755  -2.927  16.283  1.00 58.03 ? 117 ARG A NH2 1 
ATOM   945  N N   . GLU A 1 121 ? 6.624   -4.292  15.320  1.00 42.25 ? 118 GLU A N   1 
ATOM   946  C CA  . GLU A 1 121 ? 5.707   -3.170  15.523  1.00 42.22 ? 118 GLU A CA  1 
ATOM   947  C C   . GLU A 1 121 ? 4.482   -3.232  14.585  1.00 41.05 ? 118 GLU A C   1 
ATOM   948  O O   . GLU A 1 121 ? 4.359   -2.409  13.686  1.00 41.02 ? 118 GLU A O   1 
ATOM   949  C CB  . GLU A 1 121 ? 6.435   -1.810  15.348  1.00 43.00 ? 118 GLU A CB  1 
ATOM   950  C CG  . GLU A 1 121 ? 7.497   -1.432  16.419  1.00 45.27 ? 118 GLU A CG  1 
ATOM   951  C CD  . GLU A 1 121 ? 8.930   -1.762  15.984  1.00 51.34 ? 118 GLU A CD  1 
ATOM   952  O OE1 . GLU A 1 121 ? 9.246   -1.656  14.763  1.00 51.22 ? 118 GLU A OE1 1 
ATOM   953  O OE2 . GLU A 1 121 ? 9.747   -2.133  16.868  1.00 53.21 ? 118 GLU A OE2 1 
ATOM   954  N N   . PRO A 1 122 ? 3.550   -4.165  14.825  1.00 39.96 ? 119 PRO A N   1 
ATOM   955  C CA  . PRO A 1 122 ? 2.419   -4.351  13.942  1.00 39.23 ? 119 PRO A CA  1 
ATOM   956  C C   . PRO A 1 122 ? 1.240   -3.443  14.268  1.00 38.83 ? 119 PRO A C   1 
ATOM   957  O O   . PRO A 1 122 ? 1.185   -2.869  15.342  1.00 38.93 ? 119 PRO A O   1 
ATOM   958  C CB  . PRO A 1 122 ? 2.033   -5.801  14.213  1.00 39.49 ? 119 PRO A CB  1 
ATOM   959  C CG  . PRO A 1 122 ? 2.351   -6.008  15.640  1.00 38.75 ? 119 PRO A CG  1 
ATOM   960  C CD  . PRO A 1 122 ? 3.488   -5.079  15.979  1.00 40.38 ? 119 PRO A CD  1 
ATOM   961  N N   . LEU A 1 123 ? 0.303   -3.314  13.335  1.00 38.79 ? 120 LEU A N   1 
ATOM   962  C CA  . LEU A 1 123 ? -0.960  -2.652  13.598  1.00 38.98 ? 120 LEU A CA  1 
ATOM   963  C C   . LEU A 1 123 ? -1.915  -3.592  14.315  1.00 38.07 ? 120 LEU A C   1 
ATOM   964  O O   . LEU A 1 123 ? -2.545  -3.219  15.293  1.00 37.99 ? 120 LEU A O   1 
ATOM   965  C CB  . LEU A 1 123 ? -1.623  -2.229  12.293  1.00 39.72 ? 120 LEU A CB  1 
ATOM   966  C CG  . LEU A 1 123 ? -1.173  -0.914  11.671  1.00 42.04 ? 120 LEU A CG  1 
ATOM   967  C CD1 . LEU A 1 123 ? 0.234   -1.060  10.993  1.00 44.93 ? 120 LEU A CD1 1 
ATOM   968  C CD2 . LEU A 1 123 ? -2.217  -0.321  10.705  1.00 39.46 ? 120 LEU A CD2 1 
ATOM   969  N N   . ARG A 1 124 ? -2.033  -4.811  13.797  1.00 37.33 ? 121 ARG A N   1 
ATOM   970  C CA  . ARG A 1 124 ? -2.902  -5.840  14.373  1.00 36.55 ? 121 ARG A CA  1 
ATOM   971  C C   . ARG A 1 124 ? -1.995  -6.866  15.069  1.00 36.54 ? 121 ARG A C   1 
ATOM   972  O O   . ARG A 1 124 ? -1.331  -7.678  14.405  1.00 36.20 ? 121 ARG A O   1 
ATOM   973  C CB  . ARG A 1 124 ? -3.757  -6.475  13.254  1.00 36.22 ? 121 ARG A CB  1 
ATOM   974  C CG  . ARG A 1 124 ? -4.462  -5.429  12.370  1.00 35.87 ? 121 ARG A CG  1 
ATOM   975  C CD  . ARG A 1 124 ? -5.378  -6.012  11.284  1.00 35.34 ? 121 ARG A CD  1 
ATOM   976  N NE  . ARG A 1 124 ? -6.346  -6.946  11.856  1.00 30.27 ? 121 ARG A NE  1 
ATOM   977  C CZ  . ARG A 1 124 ? -7.325  -7.573  11.201  1.00 28.75 ? 121 ARG A CZ  1 
ATOM   978  N NH1 . ARG A 1 124 ? -7.554  -7.370  9.898   1.00 22.03 ? 121 ARG A NH1 1 
ATOM   979  N NH2 . ARG A 1 124 ? -8.111  -8.405  11.891  1.00 27.53 ? 121 ARG A NH2 1 
ATOM   980  N N   . MET A 1 125 ? -1.941  -6.828  16.396  1.00 36.88 ? 122 MET A N   1 
ATOM   981  C CA  . MET A 1 125 ? -0.959  -7.675  17.106  1.00 38.42 ? 122 MET A CA  1 
ATOM   982  C C   . MET A 1 125 ? -1.308  -9.147  17.108  1.00 38.14 ? 122 MET A C   1 
ATOM   983  O O   . MET A 1 125 ? -0.460  -9.984  16.835  1.00 38.51 ? 122 MET A O   1 
ATOM   984  C CB  . MET A 1 125 ? -0.711  -7.209  18.539  1.00 39.14 ? 122 MET A CB  1 
ATOM   985  C CG  . MET A 1 125 ? 0.180   -5.989  18.594  1.00 42.94 ? 122 MET A CG  1 
ATOM   986  S SD  . MET A 1 125 ? -0.831  -4.515  18.756  1.00 49.57 ? 122 MET A SD  1 
ATOM   987  C CE  . MET A 1 125 ? -1.145  -4.618  20.534  1.00 47.91 ? 122 MET A CE  1 
ATOM   988  N N   . ASP A 1 126 ? -2.558  -9.449  17.434  1.00 37.70 ? 123 ASP A N   1 
ATOM   989  C CA  . ASP A 1 126 ? -3.084  -10.788 17.322  1.00 37.59 ? 123 ASP A CA  1 
ATOM   990  C C   . ASP A 1 126 ? -2.636  -11.421 15.987  1.00 36.93 ? 123 ASP A C   1 
ATOM   991  O O   . ASP A 1 126 ? -2.158  -12.567 15.961  1.00 36.51 ? 123 ASP A O   1 
ATOM   992  C CB  . ASP A 1 126 ? -4.619  -10.765 17.486  1.00 37.90 ? 123 ASP A CB  1 
ATOM   993  C CG  . ASP A 1 126 ? -5.329  -9.716  16.560  1.00 40.97 ? 123 ASP A CG  1 
ATOM   994  O OD1 . ASP A 1 126 ? -4.791  -8.573  16.334  1.00 42.23 ? 123 ASP A OD1 1 
ATOM   995  O OD2 . ASP A 1 126 ? -6.454  -10.042 16.070  1.00 42.82 ? 123 ASP A OD2 1 
ATOM   996  N N   . LEU A 1 127 ? -2.760  -10.669 14.893  1.00 36.20 ? 124 LEU A N   1 
ATOM   997  C CA  . LEU A 1 127 ? -2.293  -11.151 13.586  1.00 35.71 ? 124 LEU A CA  1 
ATOM   998  C C   . LEU A 1 127 ? -0.783  -11.370 13.536  1.00 35.52 ? 124 LEU A C   1 
ATOM   999  O O   . LEU A 1 127 ? -0.312  -12.354 12.953  1.00 35.60 ? 124 LEU A O   1 
ATOM   1000 C CB  . LEU A 1 127 ? -2.743  -10.224 12.446  1.00 35.88 ? 124 LEU A CB  1 
ATOM   1001 C CG  . LEU A 1 127 ? -3.917  -10.723 11.593  1.00 35.96 ? 124 LEU A CG  1 
ATOM   1002 C CD1 . LEU A 1 127 ? -5.239  -10.793 12.405  1.00 34.38 ? 124 LEU A CD1 1 
ATOM   1003 C CD2 . LEU A 1 127 ? -4.071  -9.909  10.300  1.00 35.01 ? 124 LEU A CD2 1 
ATOM   1004 N N   . ALA A 1 128 ? -0.025  -10.464 14.148  1.00 35.15 ? 125 ALA A N   1 
ATOM   1005 C CA  . ALA A 1 128 ? 1.424   -10.608 14.201  1.00 34.82 ? 125 ALA A CA  1 
ATOM   1006 C C   . ALA A 1 128 ? 1.760   -11.877 14.965  1.00 34.35 ? 125 ALA A C   1 
ATOM   1007 O O   . ALA A 1 128 ? 2.509   -12.691 14.454  1.00 34.92 ? 125 ALA A O   1 
ATOM   1008 C CB  . ALA A 1 128 ? 2.090   -9.388  14.847  1.00 34.81 ? 125 ALA A CB  1 
ATOM   1009 N N   . ASP A 1 129 ? 1.206   -12.032 16.170  1.00 33.32 ? 126 ASP A N   1 
ATOM   1010 C CA  . ASP A 1 129 ? 1.353   -13.260 16.976  1.00 32.87 ? 126 ASP A CA  1 
ATOM   1011 C C   . ASP A 1 129 ? 0.958   -14.517 16.182  1.00 31.45 ? 126 ASP A C   1 
ATOM   1012 O O   . ASP A 1 129 ? 1.708   -15.479 16.136  1.00 30.39 ? 126 ASP A O   1 
ATOM   1013 C CB  . ASP A 1 129 ? 0.502   -13.195 18.259  1.00 33.41 ? 126 ASP A CB  1 
ATOM   1014 C CG  . ASP A 1 129 ? 0.734   -11.916 19.070  1.00 36.80 ? 126 ASP A CG  1 
ATOM   1015 O OD1 . ASP A 1 129 ? 1.878   -11.417 19.058  1.00 37.96 ? 126 ASP A OD1 1 
ATOM   1016 O OD2 . ASP A 1 129 ? -0.240  -11.411 19.721  1.00 42.59 ? 126 ASP A OD2 1 
ATOM   1017 N N   . LEU A 1 130 ? -0.206  -14.494 15.545  1.00 29.70 ? 127 LEU A N   1 
ATOM   1018 C CA  . LEU A 1 130 ? -0.637  -15.655 14.784  1.00 29.21 ? 127 LEU A CA  1 
ATOM   1019 C C   . LEU A 1 130 ? 0.401   -16.082 13.738  1.00 29.08 ? 127 LEU A C   1 
ATOM   1020 O O   . LEU A 1 130 ? 0.643   -17.278 13.514  1.00 28.05 ? 127 LEU A O   1 
ATOM   1021 C CB  . LEU A 1 130 ? -2.025  -15.439 14.141  1.00 28.77 ? 127 LEU A CB  1 
ATOM   1022 C CG  . LEU A 1 130 ? -2.653  -16.621 13.345  1.00 29.65 ? 127 LEU A CG  1 
ATOM   1023 C CD1 . LEU A 1 130 ? -2.747  -17.919 14.149  1.00 27.34 ? 127 LEU A CD1 1 
ATOM   1024 C CD2 . LEU A 1 130 ? -4.006  -16.254 12.731  1.00 28.15 ? 127 LEU A CD2 1 
ATOM   1025 N N   . LEU A 1 131 ? 1.025   -15.082 13.128  1.00 29.60 ? 128 LEU A N   1 
ATOM   1026 C CA  . LEU A 1 131 ? 1.885   -15.286 11.984  1.00 29.72 ? 128 LEU A CA  1 
ATOM   1027 C C   . LEU A 1 131 ? 3.195   -15.887 12.457  1.00 29.99 ? 128 LEU A C   1 
ATOM   1028 O O   . LEU A 1 131 ? 3.780   -16.737 11.807  1.00 30.40 ? 128 LEU A O   1 
ATOM   1029 C CB  . LEU A 1 131 ? 2.089   -13.954 11.253  1.00 29.10 ? 128 LEU A CB  1 
ATOM   1030 C CG  . LEU A 1 131 ? 3.024   -13.988 10.051  1.00 29.13 ? 128 LEU A CG  1 
ATOM   1031 C CD1 . LEU A 1 131 ? 2.745   -15.175 9.089   1.00 25.46 ? 128 LEU A CD1 1 
ATOM   1032 C CD2 . LEU A 1 131 ? 2.904   -12.661 9.339   1.00 27.68 ? 128 LEU A CD2 1 
ATOM   1033 N N   . THR A 1 132 ? 3.642   -15.452 13.615  1.00 30.69 ? 129 THR A N   1 
ATOM   1034 C CA  . THR A 1 132 ? 4.798   -16.062 14.253  1.00 31.51 ? 129 THR A CA  1 
ATOM   1035 C C   . THR A 1 132 ? 4.525   -17.477 14.783  1.00 31.66 ? 129 THR A C   1 
ATOM   1036 O O   . THR A 1 132 ? 5.382   -18.364 14.619  1.00 31.57 ? 129 THR A O   1 
ATOM   1037 C CB  . THR A 1 132 ? 5.273   -15.217 15.428  1.00 31.44 ? 129 THR A CB  1 
ATOM   1038 O OG1 . THR A 1 132 ? 5.319   -13.840 15.027  1.00 32.74 ? 129 THR A OG1 1 
ATOM   1039 C CG2 . THR A 1 132 ? 6.659   -15.666 15.857  1.00 32.06 ? 129 THR A CG2 1 
ATOM   1040 N N   . GLN A 1 133 ? 3.357   -17.663 15.413  1.00 30.69 ? 130 GLN A N   1 
ATOM   1041 C CA  . GLN A 1 133 ? 3.021   -18.880 16.150  1.00 31.59 ? 130 GLN A CA  1 
ATOM   1042 C C   . GLN A 1 133 ? 2.412   -19.983 15.295  1.00 30.71 ? 130 GLN A C   1 
ATOM   1043 O O   . GLN A 1 133 ? 2.698   -21.147 15.502  1.00 29.72 ? 130 GLN A O   1 
ATOM   1044 C CB  . GLN A 1 133 ? 2.089   -18.581 17.339  1.00 32.00 ? 130 GLN A CB  1 
ATOM   1045 C CG  . GLN A 1 133 ? 2.770   -17.745 18.431  1.00 37.02 ? 130 GLN A CG  1 
ATOM   1046 C CD  . GLN A 1 133 ? 4.094   -18.381 18.952  1.00 42.97 ? 130 GLN A CD  1 
ATOM   1047 O OE1 . GLN A 1 133 ? 4.093   -19.507 19.498  1.00 46.84 ? 130 GLN A OE1 1 
ATOM   1048 N NE2 . GLN A 1 133 ? 5.211   -17.655 18.793  1.00 41.36 ? 130 GLN A NE2 1 
ATOM   1049 N N   . ASN A 1 134 ? 1.550   -19.620 14.348  1.00 30.46 ? 131 ASN A N   1 
ATOM   1050 C CA  . ASN A 1 134 ? 0.995   -20.628 13.449  1.00 29.85 ? 131 ASN A CA  1 
ATOM   1051 C C   . ASN A 1 134 ? 0.876   -20.117 12.011  1.00 29.94 ? 131 ASN A C   1 
ATOM   1052 O O   . ASN A 1 134 ? -0.210  -19.756 11.558  1.00 29.95 ? 131 ASN A O   1 
ATOM   1053 C CB  . ASN A 1 134 ? -0.339  -21.180 13.992  1.00 29.17 ? 131 ASN A CB  1 
ATOM   1054 C CG  . ASN A 1 134 ? -0.745  -22.473 13.324  1.00 28.47 ? 131 ASN A CG  1 
ATOM   1055 O OD1 . ASN A 1 134 ? -0.463  -22.699 12.149  1.00 28.48 ? 131 ASN A OD1 1 
ATOM   1056 N ND2 . ASN A 1 134 ? -1.416  -23.322 14.065  1.00 24.66 ? 131 ASN A ND2 1 
ATOM   1057 N N   . PRO A 1 135 ? 1.990   -20.154 11.271  1.00 30.35 ? 132 PRO A N   1 
ATOM   1058 C CA  . PRO A 1 135 ? 2.063   -19.546 9.944   1.00 30.69 ? 132 PRO A CA  1 
ATOM   1059 C C   . PRO A 1 135 ? 0.995   -20.103 9.005   1.00 30.73 ? 132 PRO A C   1 
ATOM   1060 O O   . PRO A 1 135 ? 0.421   -19.356 8.211   1.00 31.51 ? 132 PRO A O   1 
ATOM   1061 C CB  . PRO A 1 135 ? 3.468   -19.929 9.452   1.00 30.68 ? 132 PRO A CB  1 
ATOM   1062 C CG  . PRO A 1 135 ? 4.220   -20.264 10.680  1.00 30.38 ? 132 PRO A CG  1 
ATOM   1063 C CD  . PRO A 1 135 ? 3.241   -20.840 11.631  1.00 29.96 ? 132 PRO A CD  1 
ATOM   1064 N N   . GLU A 1 136 ? 0.711   -21.395 9.133   1.00 30.83 ? 133 GLU A N   1 
ATOM   1065 C CA  . GLU A 1 136 ? -0.220  -22.105 8.253   1.00 30.49 ? 133 GLU A CA  1 
ATOM   1066 C C   . GLU A 1 136 ? -1.652  -21.692 8.521   1.00 28.93 ? 133 GLU A C   1 
ATOM   1067 O O   . GLU A 1 136 ? -2.444  -21.592 7.590   1.00 28.01 ? 133 GLU A O   1 
ATOM   1068 C CB  . GLU A 1 136 ? -0.077  -23.620 8.444   1.00 31.06 ? 133 GLU A CB  1 
ATOM   1069 C CG  . GLU A 1 136 ? -1.061  -24.483 7.632   1.00 36.78 ? 133 GLU A CG  1 
ATOM   1070 C CD  . GLU A 1 136 ? -1.160  -24.031 6.155   1.00 44.19 ? 133 GLU A CD  1 
ATOM   1071 O OE1 . GLU A 1 136 ? -0.096  -23.910 5.450   1.00 45.79 ? 133 GLU A OE1 1 
ATOM   1072 O OE2 . GLU A 1 136 ? -2.315  -23.776 5.718   1.00 46.09 ? 133 GLU A OE2 1 
ATOM   1073 N N   . LEU A 1 137 ? -1.986  -21.519 9.802   1.00 27.35 ? 134 LEU A N   1 
ATOM   1074 C CA  . LEU A 1 137 ? -3.296  -21.008 10.203  1.00 26.53 ? 134 LEU A CA  1 
ATOM   1075 C C   . LEU A 1 137 ? -3.498  -19.544 9.738   1.00 26.01 ? 134 LEU A C   1 
ATOM   1076 O O   . LEU A 1 137 ? -4.561  -19.182 9.232   1.00 25.59 ? 134 LEU A O   1 
ATOM   1077 C CB  . LEU A 1 137 ? -3.501  -21.158 11.716  1.00 25.51 ? 134 LEU A CB  1 
ATOM   1078 C CG  . LEU A 1 137 ? -4.855  -20.685 12.230  1.00 25.85 ? 134 LEU A CG  1 
ATOM   1079 C CD1 . LEU A 1 137 ? -6.029  -21.333 11.513  1.00 24.75 ? 134 LEU A CD1 1 
ATOM   1080 C CD2 . LEU A 1 137 ? -4.955  -20.965 13.703  1.00 27.72 ? 134 LEU A CD2 1 
ATOM   1081 N N   . PHE A 1 138 ? -2.466  -18.712 9.899   1.00 26.47 ? 135 PHE A N   1 
ATOM   1082 C CA  . PHE A 1 138 ? -2.497  -17.336 9.393   1.00 26.40 ? 135 PHE A CA  1 
ATOM   1083 C C   . PHE A 1 138 ? -2.857  -17.339 7.895   1.00 27.41 ? 135 PHE A C   1 
ATOM   1084 O O   . PHE A 1 138 ? -3.728  -16.589 7.438   1.00 28.36 ? 135 PHE A O   1 
ATOM   1085 C CB  . PHE A 1 138 ? -1.148  -16.630 9.591   1.00 25.72 ? 135 PHE A CB  1 
ATOM   1086 C CG  . PHE A 1 138 ? -1.145  -15.227 9.048   1.00 25.19 ? 135 PHE A CG  1 
ATOM   1087 C CD1 . PHE A 1 138 ? -1.482  -14.159 9.872   1.00 21.80 ? 135 PHE A CD1 1 
ATOM   1088 C CD2 . PHE A 1 138 ? -0.889  -14.985 7.679   1.00 24.16 ? 135 PHE A CD2 1 
ATOM   1089 C CE1 . PHE A 1 138 ? -1.553  -12.863 9.361   1.00 23.29 ? 135 PHE A CE1 1 
ATOM   1090 C CE2 . PHE A 1 138 ? -0.933  -13.695 7.160   1.00 22.85 ? 135 PHE A CE2 1 
ATOM   1091 C CZ  . PHE A 1 138 ? -1.270  -12.633 8.000   1.00 24.04 ? 135 PHE A CZ  1 
ATOM   1092 N N   . ARG A 1 139 ? -2.191  -18.225 7.173   1.00 27.36 ? 136 ARG A N   1 
ATOM   1093 C CA  . ARG A 1 139 ? -2.232  -18.349 5.744   1.00 28.40 ? 136 ARG A CA  1 
ATOM   1094 C C   . ARG A 1 139 ? -3.626  -18.716 5.281   1.00 28.38 ? 136 ARG A C   1 
ATOM   1095 O O   . ARG A 1 139 ? -4.102  -18.238 4.230   1.00 28.85 ? 136 ARG A O   1 
ATOM   1096 C CB  . ARG A 1 139 ? -1.241  -19.454 5.377   1.00 28.78 ? 136 ARG A CB  1 
ATOM   1097 C CG  . ARG A 1 139 ? -0.555  -19.303 4.066   1.00 33.73 ? 136 ARG A CG  1 
ATOM   1098 C CD  . ARG A 1 139 ? -0.133  -20.697 3.516   1.00 41.14 ? 136 ARG A CD  1 
ATOM   1099 N NE  . ARG A 1 139 ? -1.202  -21.711 3.631   1.00 44.31 ? 136 ARG A NE  1 
ATOM   1100 C CZ  . ARG A 1 139 ? -2.307  -21.743 2.879   1.00 45.65 ? 136 ARG A CZ  1 
ATOM   1101 N NH1 . ARG A 1 139 ? -2.514  -20.814 1.955   1.00 46.13 ? 136 ARG A NH1 1 
ATOM   1102 N NH2 . ARG A 1 139 ? -3.221  -22.697 3.057   1.00 46.89 ? 136 ARG A NH2 1 
ATOM   1103 N N   . LYS A 1 140 ? -4.278  -19.579 6.052   1.00 28.25 ? 137 LYS A N   1 
ATOM   1104 C CA  . LYS A 1 140 ? -5.658  -19.944 5.787   1.00 28.84 ? 137 LYS A CA  1 
ATOM   1105 C C   . LYS A 1 140 ? -6.529  -18.740 6.013   1.00 28.41 ? 137 LYS A C   1 
ATOM   1106 O O   . LYS A 1 140 ? -7.409  -18.459 5.216   1.00 29.23 ? 137 LYS A O   1 
ATOM   1107 C CB  . LYS A 1 140 ? -6.133  -21.094 6.689   1.00 28.76 ? 137 LYS A CB  1 
ATOM   1108 C CG  . LYS A 1 140 ? -5.399  -22.387 6.420   1.00 30.65 ? 137 LYS A CG  1 
ATOM   1109 C CD  . LYS A 1 140 ? -6.354  -23.549 6.330   1.00 33.66 ? 137 LYS A CD  1 
ATOM   1110 C CE  . LYS A 1 140 ? -5.786  -24.786 7.063   1.00 36.05 ? 137 LYS A CE  1 
ATOM   1111 N NZ  . LYS A 1 140 ? -4.463  -25.260 6.549   1.00 36.38 ? 137 LYS A NZ  1 
ATOM   1112 N N   . ASN A 1 141 ? -6.285  -18.034 7.109   1.00 28.14 ? 138 ASN A N   1 
ATOM   1113 C CA  . ASN A 1 141 ? -7.038  -16.839 7.411   1.00 27.93 ? 138 ASN A CA  1 
ATOM   1114 C C   . ASN A 1 141 ? -6.897  -15.788 6.329   1.00 28.04 ? 138 ASN A C   1 
ATOM   1115 O O   . ASN A 1 141 ? -7.897  -15.330 5.780   1.00 27.81 ? 138 ASN A O   1 
ATOM   1116 C CB  . ASN A 1 141 ? -6.575  -16.282 8.734   1.00 28.08 ? 138 ASN A CB  1 
ATOM   1117 C CG  . ASN A 1 141 ? -7.126  -17.048 9.894   1.00 28.52 ? 138 ASN A CG  1 
ATOM   1118 O OD1 . ASN A 1 141 ? -7.994  -17.893 9.717   1.00 27.81 ? 138 ASN A OD1 1 
ATOM   1119 N ND2 . ASN A 1 141 ? -6.635  -16.760 11.091  1.00 27.68 ? 138 ASN A ND2 1 
ATOM   1120 N N   . ALA A 1 142 ? -5.658  -15.431 5.999   1.00 27.50 ? 139 ALA A N   1 
ATOM   1121 C CA  . ALA A 1 142 ? -5.425  -14.421 4.983   1.00 28.08 ? 139 ALA A CA  1 
ATOM   1122 C C   . ALA A 1 142 ? -6.016  -14.810 3.596   1.00 28.79 ? 139 ALA A C   1 
ATOM   1123 O O   . ALA A 1 142 ? -6.575  -13.958 2.886   1.00 28.29 ? 139 ALA A O   1 
ATOM   1124 C CB  . ALA A 1 142 ? -3.934  -14.091 4.904   1.00 27.25 ? 139 ALA A CB  1 
ATOM   1125 N N   . GLU A 1 143 ? -5.925  -16.101 3.251   1.00 29.68 ? 140 GLU A N   1 
ATOM   1126 C CA  . GLU A 1 143 ? -6.405  -16.616 1.958   1.00 30.12 ? 140 GLU A CA  1 
ATOM   1127 C C   . GLU A 1 143 ? -7.888  -16.464 1.764   1.00 30.18 ? 140 GLU A C   1 
ATOM   1128 O O   . GLU A 1 143 ? -8.341  -16.005 0.716   1.00 30.32 ? 140 GLU A O   1 
ATOM   1129 C CB  . GLU A 1 143 ? -6.056  -18.076 1.793   1.00 30.16 ? 140 GLU A CB  1 
ATOM   1130 C CG  . GLU A 1 143 ? -6.227  -18.554 0.367   1.00 33.82 ? 140 GLU A CG  1 
ATOM   1131 C CD  . GLU A 1 143 ? -5.975  -20.043 0.216   1.00 39.47 ? 140 GLU A CD  1 
ATOM   1132 O OE1 . GLU A 1 143 ? -6.501  -20.814 1.061   1.00 43.29 ? 140 GLU A OE1 1 
ATOM   1133 O OE2 . GLU A 1 143 ? -5.257  -20.446 -0.732  1.00 41.41 ? 140 GLU A OE2 1 
ATOM   1134 N N   . GLU A 1 144 ? -8.656  -16.863 2.771   1.00 29.82 ? 141 GLU A N   1 
ATOM   1135 C CA  . GLU A 1 144 ? -10.088 -16.829 2.642   1.00 29.72 ? 141 GLU A CA  1 
ATOM   1136 C C   . GLU A 1 144 ? -10.461 -15.375 2.458   1.00 28.62 ? 141 GLU A C   1 
ATOM   1137 O O   . GLU A 1 144 ? -11.226 -15.023 1.579   1.00 29.33 ? 141 GLU A O   1 
ATOM   1138 C CB  . GLU A 1 144 ? -10.756 -17.409 3.888   1.00 30.53 ? 141 GLU A CB  1 
ATOM   1139 C CG  . GLU A 1 144 ? -12.264 -17.492 3.730   1.00 34.80 ? 141 GLU A CG  1 
ATOM   1140 C CD  . GLU A 1 144 ? -13.004 -17.753 5.039   1.00 41.95 ? 141 GLU A CD  1 
ATOM   1141 O OE1 . GLU A 1 144 ? -13.227 -18.947 5.375   1.00 44.76 ? 141 GLU A OE1 1 
ATOM   1142 O OE2 . GLU A 1 144 ? -13.389 -16.762 5.709   1.00 43.00 ? 141 GLU A OE2 1 
ATOM   1143 N N   . PHE A 1 145 ? -9.871  -14.534 3.285   1.00 27.52 ? 142 PHE A N   1 
ATOM   1144 C CA  . PHE A 1 145 ? -10.061 -13.087 3.233   1.00 26.51 ? 142 PHE A CA  1 
ATOM   1145 C C   . PHE A 1 145 ? -9.619  -12.428 1.899   1.00 25.57 ? 142 PHE A C   1 
ATOM   1146 O O   . PHE A 1 145 ? -10.326 -11.566 1.350   1.00 24.29 ? 142 PHE A O   1 
ATOM   1147 C CB  . PHE A 1 145 ? -9.396  -12.425 4.465   1.00 26.19 ? 142 PHE A CB  1 
ATOM   1148 C CG  . PHE A 1 145 ? -10.081 -11.182 4.895   1.00 25.30 ? 142 PHE A CG  1 
ATOM   1149 C CD1 . PHE A 1 145 ? -11.124 -11.236 5.807   1.00 27.33 ? 142 PHE A CD1 1 
ATOM   1150 C CD2 . PHE A 1 145 ? -9.712  -9.950  4.351   1.00 25.78 ? 142 PHE A CD2 1 
ATOM   1151 C CE1 . PHE A 1 145 ? -11.816 -10.056 6.203   1.00 27.69 ? 142 PHE A CE1 1 
ATOM   1152 C CE2 . PHE A 1 145 ? -10.365 -8.760  4.715   1.00 25.56 ? 142 PHE A CE2 1 
ATOM   1153 C CZ  . PHE A 1 145 ? -11.428 -8.811  5.658   1.00 27.24 ? 142 PHE A CZ  1 
ATOM   1154 N N   . THR A 1 146 ? -8.468  -12.850 1.381   1.00 25.37 ? 143 THR A N   1 
ATOM   1155 C CA  . THR A 1 146 ? -8.000  -12.420 0.045   1.00 25.22 ? 143 THR A CA  1 
ATOM   1156 C C   . THR A 1 146 ? -9.027  -12.809 -1.063  1.00 25.83 ? 143 THR A C   1 
ATOM   1157 O O   . THR A 1 146 ? -9.491  -11.981 -1.857  1.00 25.52 ? 143 THR A O   1 
ATOM   1158 C CB  . THR A 1 146 ? -6.565  -13.013 -0.249  1.00 24.98 ? 143 THR A CB  1 
ATOM   1159 O OG1 . THR A 1 146 ? -5.628  -12.561 0.738   1.00 22.60 ? 143 THR A OG1 1 
ATOM   1160 C CG2 . THR A 1 146 ? -6.057  -12.626 -1.648  1.00 24.77 ? 143 THR A CG2 1 
ATOM   1161 N N   . LEU A 1 147 ? -9.398  -14.085 -1.094  1.00 26.89 ? 144 LEU A N   1 
ATOM   1162 C CA  . LEU A 1 147 ? -10.318 -14.585 -2.110  1.00 27.74 ? 144 LEU A CA  1 
ATOM   1163 C C   . LEU A 1 147 ? -11.649 -13.856 -2.015  1.00 28.31 ? 144 LEU A C   1 
ATOM   1164 O O   . LEU A 1 147 ? -12.276 -13.521 -3.002  1.00 28.69 ? 144 LEU A O   1 
ATOM   1165 C CB  . LEU A 1 147 ? -10.517 -16.103 -1.929  1.00 27.10 ? 144 LEU A CB  1 
ATOM   1166 C CG  . LEU A 1 147 ? -9.227  -16.897 -2.226  1.00 27.26 ? 144 LEU A CG  1 
ATOM   1167 C CD1 . LEU A 1 147 ? -9.434  -18.406 -2.077  1.00 25.02 ? 144 LEU A CD1 1 
ATOM   1168 C CD2 . LEU A 1 147 ? -8.725  -16.573 -3.627  1.00 27.12 ? 144 LEU A CD2 1 
ATOM   1169 N N   . ARG A 1 148 ? -12.066 -13.609 -0.788  1.00 29.17 ? 145 ARG A N   1 
ATOM   1170 C CA  . ARG A 1 148 ? -13.341 -13.017 -0.540  1.00 30.11 ? 145 ARG A CA  1 
ATOM   1171 C C   . ARG A 1 148 ? -13.394 -11.547 -0.977  1.00 30.11 ? 145 ARG A C   1 
ATOM   1172 O O   . ARG A 1 148 ? -14.392 -11.123 -1.556  1.00 30.29 ? 145 ARG A O   1 
ATOM   1173 C CB  . ARG A 1 148 ? -13.633 -13.142 0.936   1.00 30.24 ? 145 ARG A CB  1 
ATOM   1174 C CG  . ARG A 1 148 ? -14.902 -12.523 1.315   1.00 33.56 ? 145 ARG A CG  1 
ATOM   1175 C CD  . ARG A 1 148 ? -15.373 -13.083 2.612   1.00 38.08 ? 145 ARG A CD  1 
ATOM   1176 N NE  . ARG A 1 148 ? -16.662 -12.484 2.908   1.00 42.84 ? 145 ARG A NE  1 
ATOM   1177 C CZ  . ARG A 1 148 ? -17.147 -12.373 4.126   1.00 44.76 ? 145 ARG A CZ  1 
ATOM   1178 N NH1 . ARG A 1 148 ? -16.428 -12.825 5.154   1.00 46.97 ? 145 ARG A NH1 1 
ATOM   1179 N NH2 . ARG A 1 148 ? -18.331 -11.805 4.313   1.00 46.66 ? 145 ARG A NH2 1 
ATOM   1180 N N   . PHE A 1 149 ? -12.324 -10.784 -0.716  1.00 29.60 ? 146 PHE A N   1 
ATOM   1181 C CA  . PHE A 1 149 ? -12.359 -9.326  -0.913  1.00 29.31 ? 146 PHE A CA  1 
ATOM   1182 C C   . PHE A 1 149 ? -11.410 -8.801  -1.981  1.00 28.76 ? 146 PHE A C   1 
ATOM   1183 O O   . PHE A 1 149 ? -11.586 -7.665  -2.460  1.00 29.15 ? 146 PHE A O   1 
ATOM   1184 C CB  . PHE A 1 149 ? -12.128 -8.570  0.408   1.00 28.76 ? 146 PHE A CB  1 
ATOM   1185 C CG  . PHE A 1 149 ? -13.233 -8.758  1.413   1.00 29.14 ? 146 PHE A CG  1 
ATOM   1186 C CD1 . PHE A 1 149 ? -14.531 -8.316  1.141   1.00 29.42 ? 146 PHE A CD1 1 
ATOM   1187 C CD2 . PHE A 1 149 ? -12.984 -9.374  2.632   1.00 28.90 ? 146 PHE A CD2 1 
ATOM   1188 C CE1 . PHE A 1 149 ? -15.570 -8.481  2.083   1.00 29.77 ? 146 PHE A CE1 1 
ATOM   1189 C CE2 . PHE A 1 149 ? -14.014 -9.552  3.573   1.00 28.43 ? 146 PHE A CE2 1 
ATOM   1190 C CZ  . PHE A 1 149 ? -15.307 -9.102  3.296   1.00 29.77 ? 146 PHE A CZ  1 
ATOM   1191 N N   . GLY A 1 150 ? -10.422 -9.615  -2.352  1.00 27.24 ? 147 GLY A N   1 
ATOM   1192 C CA  . GLY A 1 150 ? -9.384  -9.148  -3.250  1.00 26.39 ? 147 GLY A CA  1 
ATOM   1193 C C   . GLY A 1 150 ? -9.977  -8.797  -4.600  1.00 26.08 ? 147 GLY A C   1 
ATOM   1194 O O   . GLY A 1 150 ? -10.999 -9.372  -4.998  1.00 25.79 ? 147 GLY A O   1 
ATOM   1195 N N   . VAL A 1 151 ? -9.364  -7.823  -5.276  1.00 25.55 ? 148 VAL A N   1 
ATOM   1196 C CA  . VAL A 1 151 ? -9.611  -7.569  -6.687  1.00 24.68 ? 148 VAL A CA  1 
ATOM   1197 C C   . VAL A 1 151 ? -8.944  -8.734  -7.400  1.00 24.77 ? 148 VAL A C   1 
ATOM   1198 O O   . VAL A 1 151 ? -7.922  -9.256  -6.924  1.00 24.86 ? 148 VAL A O   1 
ATOM   1199 C CB  . VAL A 1 151 ? -8.914  -6.275  -7.152  1.00 24.87 ? 148 VAL A CB  1 
ATOM   1200 C CG1 . VAL A 1 151 ? -9.227  -5.971  -8.628  1.00 21.58 ? 148 VAL A CG1 1 
ATOM   1201 C CG2 . VAL A 1 151 ? -9.278  -5.085  -6.252  1.00 24.26 ? 148 VAL A CG2 1 
ATOM   1202 N N   . ASP A 1 152 ? -9.497  -9.141  -8.533  1.00 24.29 ? 149 ASP A N   1 
ATOM   1203 C CA  . ASP A 1 152 ? -8.889  -10.214 -9.333  1.00 24.46 ? 149 ASP A CA  1 
ATOM   1204 C C   . ASP A 1 152 ? -7.453  -9.833  -9.662  1.00 24.53 ? 149 ASP A C   1 
ATOM   1205 O O   . ASP A 1 152 ? -7.118  -8.657  -9.810  1.00 24.70 ? 149 ASP A O   1 
ATOM   1206 C CB  . ASP A 1 152 ? -9.686  -10.519 -10.627 1.00 24.21 ? 149 ASP A CB  1 
ATOM   1207 C CG  . ASP A 1 152 ? -11.132 -10.966 -10.358 1.00 22.47 ? 149 ASP A CG  1 
ATOM   1208 O OD1 . ASP A 1 152 ? -11.503 -11.334 -9.232  1.00 22.90 ? 149 ASP A OD1 1 
ATOM   1209 O OD2 . ASP A 1 152 ? -11.923 -10.951 -11.294 1.00 25.67 ? 149 ASP A OD2 1 
ATOM   1210 N N   . ARG A 1 153 ? -6.613  -10.843 -9.764  1.00 24.68 ? 150 ARG A N   1 
ATOM   1211 C CA  . ARG A 1 153 ? -5.228  -10.647 -10.065 1.00 24.55 ? 150 ARG A CA  1 
ATOM   1212 C C   . ARG A 1 153 ? -5.199  -10.475 -11.579 1.00 25.40 ? 150 ARG A C   1 
ATOM   1213 O O   . ARG A 1 153 ? -5.773  -11.309 -12.296 1.00 26.08 ? 150 ARG A O   1 
ATOM   1214 C CB  . ARG A 1 153 ? -4.459  -11.909 -9.609  1.00 24.38 ? 150 ARG A CB  1 
ATOM   1215 C CG  . ARG A 1 153 ? -2.948  -11.847 -9.690  1.00 22.04 ? 150 ARG A CG  1 
ATOM   1216 C CD  . ARG A 1 153 ? -2.397  -10.972 -8.592  1.00 20.84 ? 150 ARG A CD  1 
ATOM   1217 N NE  . ARG A 1 153 ? -0.951  -11.072 -8.611  1.00 23.69 ? 150 ARG A NE  1 
ATOM   1218 C CZ  . ARG A 1 153 ? -0.148  -10.800 -7.585  1.00 20.59 ? 150 ARG A CZ  1 
ATOM   1219 N NH1 . ARG A 1 153 ? -0.641  -10.387 -6.410  1.00 18.02 ? 150 ARG A NH1 1 
ATOM   1220 N NH2 . ARG A 1 153 ? 1.143   -10.969 -7.750  1.00 16.72 ? 150 ARG A NH2 1 
ATOM   1221 N N   . PRO A 1 154 ? -4.600  -9.372  -12.081 1.00 26.05 ? 151 PRO A N   1 
ATOM   1222 C CA  . PRO A 1 154 ? -4.233  -9.261  -13.523 1.00 26.04 ? 151 PRO A CA  1 
ATOM   1223 C C   . PRO A 1 154 ? -3.411  -10.463 -13.979 1.00 26.41 ? 151 PRO A C   1 
ATOM   1224 O O   . PRO A 1 154 ? -2.359  -10.748 -13.351 1.00 27.33 ? 151 PRO A O   1 
ATOM   1225 C CB  . PRO A 1 154 ? -3.338  -8.010  -13.580 1.00 25.05 ? 151 PRO A CB  1 
ATOM   1226 C CG  . PRO A 1 154 ? -3.765  -7.184  -12.398 1.00 27.19 ? 151 PRO A CG  1 
ATOM   1227 C CD  . PRO A 1 154 ? -4.273  -8.148  -11.322 1.00 26.48 ? 151 PRO A CD  1 
HETATM 1228 O O   . HOH B 2 .   ? 4.941   -7.312  -4.825  1.00 22.78 ? 153 HOH A O   1 
HETATM 1229 O O   . HOH B 2 .   ? -8.598  -9.453  1.162   1.00 17.90 ? 154 HOH A O   1 
HETATM 1230 O O   . HOH B 2 .   ? 3.168   6.520   8.699   1.00 29.97 ? 155 HOH A O   1 
HETATM 1231 O O   . HOH B 2 .   ? -4.663  -21.423 -3.128  1.00 24.58 ? 156 HOH A O   1 
HETATM 1232 O O   . HOH B 2 .   ? -0.416  -19.566 0.848   1.00 38.48 ? 157 HOH A O   1 
HETATM 1233 O O   . HOH B 2 .   ? -10.097 -14.409 7.338   1.00 32.78 ? 158 HOH A O   1 
HETATM 1234 O O   . HOH B 2 .   ? 8.944   3.223   5.015   1.00 37.36 ? 159 HOH A O   1 
HETATM 1235 O O   . HOH B 2 .   ? 9.132   -7.677  -1.456  1.00 25.23 ? 160 HOH A O   1 
HETATM 1236 O O   . HOH B 2 .   ? 1.509   -21.950 5.367   1.00 37.05 ? 161 HOH A O   1 
HETATM 1237 O O   . HOH B 2 .   ? 7.407   8.689   -10.823 1.00 29.02 ? 162 HOH A O   1 
HETATM 1238 O O   . HOH B 2 .   ? -8.348  -3.738  -14.154 1.00 15.55 ? 163 HOH A O   1 
HETATM 1239 O O   . HOH B 2 .   ? -12.760 -4.953  -0.302  1.00 33.72 ? 164 HOH A O   1 
HETATM 1240 O O   . HOH B 2 .   ? -9.723  -5.066  -12.193 0.50 13.03 ? 165 HOH A O   1 
HETATM 1241 O O   . HOH B 2 .   ? 3.516   -8.787  -8.095  1.00 33.05 ? 166 HOH A O   1 
HETATM 1242 O O   . HOH B 2 .   ? 4.975   -13.794 5.647   1.00 23.68 ? 167 HOH A O   1 
HETATM 1243 O O   . HOH B 2 .   ? -6.530  -10.423 2.360   1.00 22.99 ? 168 HOH A O   1 
HETATM 1244 O O   . HOH B 2 .   ? -7.967  -13.695 -9.192  1.00 23.30 ? 169 HOH A O   1 
HETATM 1245 O O   . HOH B 2 .   ? 7.637   -7.418  -5.296  1.00 26.18 ? 170 HOH A O   1 
HETATM 1246 O O   . HOH B 2 .   ? -9.637  12.375  -15.472 1.00 42.46 ? 171 HOH A O   1 
HETATM 1247 O O   . HOH B 2 .   ? -5.574  8.447   0.770   1.00 32.83 ? 172 HOH A O   1 
HETATM 1248 O O   . HOH B 2 .   ? 2.078   -23.376 10.718  1.00 47.86 ? 173 HOH A O   1 
HETATM 1249 O O   . HOH B 2 .   ? -8.339  -3.530  5.288   1.00 25.76 ? 174 HOH A O   1 
HETATM 1250 O O   . HOH B 2 .   ? -6.865  0.711   13.395  1.00 31.85 ? 175 HOH A O   1 
HETATM 1251 O O   . HOH B 2 .   ? 0.539   1.269   -12.830 1.00 36.11 ? 176 HOH A O   1 
HETATM 1252 O O   . HOH B 2 .   ? 1.008   10.024  5.714   1.00 32.10 ? 177 HOH A O   1 
HETATM 1253 O O   . HOH B 2 .   ? 4.669   -0.554  9.753   1.00 20.81 ? 178 HOH A O   1 
HETATM 1254 O O   . HOH B 2 .   ? -14.002 -10.964 -9.474  1.00 21.87 ? 179 HOH A O   1 
HETATM 1255 O O   . HOH B 2 .   ? -15.295 -16.332 3.262   1.00 34.02 ? 180 HOH A O   1 
HETATM 1256 O O   . HOH B 2 .   ? 0.675   -12.301 -10.496 1.00 31.98 ? 181 HOH A O   1 
HETATM 1257 O O   . HOH B 2 .   ? 3.446   -2.921  -13.998 1.00 26.59 ? 182 HOH A O   1 
HETATM 1258 O O   . HOH B 2 .   ? -8.326  -20.545 3.135   1.00 38.94 ? 183 HOH A O   1 
HETATM 1259 O O   . HOH B 2 .   ? 4.417   -15.284 -5.204  1.00 24.84 ? 184 HOH A O   1 
# 
